data_1XV7
# 
_entry.id   1XV7 
# 
_audit_conform.dict_name       mmcif_pdbx.dic 
_audit_conform.dict_version    5.397 
_audit_conform.dict_location   http://mmcif.pdb.org/dictionaries/ascii/mmcif_pdbx.dic 
# 
loop_
_database_2.database_id 
_database_2.database_code 
_database_2.pdbx_database_accession 
_database_2.pdbx_DOI 
PDB   1XV7         pdb_00001xv7 10.2210/pdb1xv7/pdb 
RCSB  RCSB030801   ?            ?                   
WWPDB D_1000030801 ?            ?                   
# 
loop_
_pdbx_audit_revision_history.ordinal 
_pdbx_audit_revision_history.data_content_type 
_pdbx_audit_revision_history.major_revision 
_pdbx_audit_revision_history.minor_revision 
_pdbx_audit_revision_history.revision_date 
1 'Structure model' 1 0 2005-03-22 
2 'Structure model' 1 1 2008-04-30 
3 'Structure model' 1 2 2011-07-13 
4 'Structure model' 1 3 2020-06-24 
5 'Structure model' 1 4 2024-10-23 
# 
_pdbx_audit_revision_details.ordinal             1 
_pdbx_audit_revision_details.revision_ordinal    1 
_pdbx_audit_revision_details.data_content_type   'Structure model' 
_pdbx_audit_revision_details.provider            repository 
_pdbx_audit_revision_details.type                'Initial release' 
_pdbx_audit_revision_details.description         ? 
_pdbx_audit_revision_details.details             ? 
# 
loop_
_pdbx_audit_revision_group.ordinal 
_pdbx_audit_revision_group.revision_ordinal 
_pdbx_audit_revision_group.data_content_type 
_pdbx_audit_revision_group.group 
1 2 'Structure model' 'Version format compliance' 
2 3 'Structure model' 'Version format compliance' 
3 4 'Structure model' 'Database references'       
4 4 'Structure model' 'Derived calculations'      
5 4 'Structure model' 'Source and taxonomy'       
6 5 'Structure model' 'Data collection'           
7 5 'Structure model' 'Database references'       
8 5 'Structure model' 'Derived calculations'      
9 5 'Structure model' 'Structure summary'         
# 
loop_
_pdbx_audit_revision_category.ordinal 
_pdbx_audit_revision_category.revision_ordinal 
_pdbx_audit_revision_category.data_content_type 
_pdbx_audit_revision_category.category 
1  4 'Structure model' pdbx_entity_src_syn       
2  4 'Structure model' pdbx_struct_assembly      
3  4 'Structure model' pdbx_struct_assembly_prop 
4  4 'Structure model' pdbx_struct_oper_list     
5  4 'Structure model' struct_conn               
6  4 'Structure model' struct_ref                
7  4 'Structure model' struct_ref_seq            
8  5 'Structure model' chem_comp_atom            
9  5 'Structure model' chem_comp_bond            
10 5 'Structure model' database_2                
11 5 'Structure model' pdbx_entry_details        
12 5 'Structure model' pdbx_modification_feature 
13 5 'Structure model' struct_site               
# 
loop_
_pdbx_audit_revision_item.ordinal 
_pdbx_audit_revision_item.revision_ordinal 
_pdbx_audit_revision_item.data_content_type 
_pdbx_audit_revision_item.item 
1  4 'Structure model' '_pdbx_entity_src_syn.details'              
2  4 'Structure model' '_pdbx_entity_src_syn.ncbi_taxonomy_id'     
3  4 'Structure model' '_pdbx_entity_src_syn.organism_common_name' 
4  4 'Structure model' '_pdbx_entity_src_syn.organism_scientific'  
5  4 'Structure model' '_pdbx_entity_src_syn.pdbx_beg_seq_num'     
6  4 'Structure model' '_pdbx_entity_src_syn.pdbx_end_seq_num'     
7  4 'Structure model' '_struct_conn.pdbx_leaving_atom_flag'       
8  5 'Structure model' '_database_2.pdbx_DOI'                      
9  5 'Structure model' '_database_2.pdbx_database_accession'       
10 5 'Structure model' '_struct_site.pdbx_auth_asym_id'            
11 5 'Structure model' '_struct_site.pdbx_auth_comp_id'            
12 5 'Structure model' '_struct_site.pdbx_auth_seq_id'             
# 
_pdbx_database_status.status_code                     REL 
_pdbx_database_status.entry_id                        1XV7 
_pdbx_database_status.recvd_initial_deposition_date   2004-10-27 
_pdbx_database_status.deposit_site                    RCSB 
_pdbx_database_status.process_site                    PDBJ 
_pdbx_database_status.status_code_sf                  ? 
_pdbx_database_status.status_code_mr                  ? 
_pdbx_database_status.SG_entry                        ? 
_pdbx_database_status.pdb_format_compatible           Y 
_pdbx_database_status.status_code_cs                  ? 
_pdbx_database_status.status_code_nmr_data            ? 
_pdbx_database_status.methods_development_category    ? 
# 
_pdbx_database_related.db_name        PDB 
_pdbx_database_related.db_id          1XV4 
_pdbx_database_related.details        'peptide Lf11 in SDS micelles' 
_pdbx_database_related.content_type   unspecified 
# 
loop_
_audit_author.name 
_audit_author.pdbx_ordinal 
'Japelj, B.'     1 
'Pristovsek, P.' 2 
'Majerle, A.'    3 
'Jerala, R.'     4 
# 
_citation.id                        primary 
_citation.title                     
'Structural origin of endotoxin neutralization and antimicrobial activity of a lactoferrin-based peptide' 
_citation.journal_abbrev            J.Biol.Chem. 
_citation.journal_volume            280 
_citation.page_first                16955 
_citation.page_last                 16961 
_citation.year                      2005 
_citation.journal_id_ASTM           JBCHA3 
_citation.country                   US 
_citation.journal_id_ISSN           0021-9258 
_citation.journal_id_CSD            0071 
_citation.book_publisher            ? 
_citation.pdbx_database_id_PubMed   15687491 
_citation.pdbx_database_id_DOI      10.1074/jbc.M500266200 
# 
loop_
_citation_author.citation_id 
_citation_author.name 
_citation_author.ordinal 
_citation_author.identifier_ORCID 
primary 'Japelj, B.'     1 ? 
primary 'Pristovsek, P.' 2 ? 
primary 'Majerle, A.'    3 ? 
primary 'Jerala, R.'     4 ? 
# 
_entity.id                         1 
_entity.type                       polymer 
_entity.src_method                 syn 
_entity.pdbx_description           'lactoferrin-based synthetic peptide FQWQRNIRKVR' 
_entity.formula_weight             1532.817 
_entity.pdbx_number_of_molecules   1 
_entity.pdbx_ec                    ? 
_entity.pdbx_mutation              ? 
_entity.pdbx_fragment              ? 
_entity.details                    ? 
# 
_entity_poly.entity_id                      1 
_entity_poly.type                           'polypeptide(L)' 
_entity_poly.nstd_linkage                   no 
_entity_poly.nstd_monomer                   yes 
_entity_poly.pdbx_seq_one_letter_code       'FQWQRNIRKVR(NH2)' 
_entity_poly.pdbx_seq_one_letter_code_can   FQWQRNIRKVRX 
_entity_poly.pdbx_strand_id                 A 
_entity_poly.pdbx_target_identifier         ? 
# 
loop_
_entity_poly_seq.entity_id 
_entity_poly_seq.num 
_entity_poly_seq.mon_id 
_entity_poly_seq.hetero 
1 1  PHE n 
1 2  GLN n 
1 3  TRP n 
1 4  GLN n 
1 5  ARG n 
1 6  ASN n 
1 7  ILE n 
1 8  ARG n 
1 9  LYS n 
1 10 VAL n 
1 11 ARG n 
1 12 NH2 n 
# 
_pdbx_entity_src_syn.entity_id              1 
_pdbx_entity_src_syn.pdbx_src_id            1 
_pdbx_entity_src_syn.pdbx_alt_source_flag   sample 
_pdbx_entity_src_syn.pdbx_beg_seq_num       1 
_pdbx_entity_src_syn.pdbx_end_seq_num       12 
_pdbx_entity_src_syn.organism_scientific    'Homo sapiens' 
_pdbx_entity_src_syn.organism_common_name   human 
_pdbx_entity_src_syn.ncbi_taxonomy_id       9606 
_pdbx_entity_src_syn.details                ? 
# 
loop_
_chem_comp.id 
_chem_comp.type 
_chem_comp.mon_nstd_flag 
_chem_comp.name 
_chem_comp.pdbx_synonyms 
_chem_comp.formula 
_chem_comp.formula_weight 
ARG 'L-peptide linking' y ARGININE      ? 'C6 H15 N4 O2 1' 175.209 
ASN 'L-peptide linking' y ASPARAGINE    ? 'C4 H8 N2 O3'    132.118 
GLN 'L-peptide linking' y GLUTAMINE     ? 'C5 H10 N2 O3'   146.144 
ILE 'L-peptide linking' y ISOLEUCINE    ? 'C6 H13 N O2'    131.173 
LYS 'L-peptide linking' y LYSINE        ? 'C6 H15 N2 O2 1' 147.195 
NH2 non-polymer         . 'AMINO GROUP' ? 'H2 N'           16.023  
PHE 'L-peptide linking' y PHENYLALANINE ? 'C9 H11 N O2'    165.189 
TRP 'L-peptide linking' y TRYPTOPHAN    ? 'C11 H12 N2 O2'  204.225 
VAL 'L-peptide linking' y VALINE        ? 'C5 H11 N O2'    117.146 
# 
loop_
_pdbx_poly_seq_scheme.asym_id 
_pdbx_poly_seq_scheme.entity_id 
_pdbx_poly_seq_scheme.seq_id 
_pdbx_poly_seq_scheme.mon_id 
_pdbx_poly_seq_scheme.ndb_seq_num 
_pdbx_poly_seq_scheme.pdb_seq_num 
_pdbx_poly_seq_scheme.auth_seq_num 
_pdbx_poly_seq_scheme.pdb_mon_id 
_pdbx_poly_seq_scheme.auth_mon_id 
_pdbx_poly_seq_scheme.pdb_strand_id 
_pdbx_poly_seq_scheme.pdb_ins_code 
_pdbx_poly_seq_scheme.hetero 
A 1 1  PHE 1  1  1  PHE PHE A . n 
A 1 2  GLN 2  2  2  GLN GLN A . n 
A 1 3  TRP 3  3  3  TRP TRP A . n 
A 1 4  GLN 4  4  4  GLN GLN A . n 
A 1 5  ARG 5  5  5  ARG ARG A . n 
A 1 6  ASN 6  6  6  ASN ASN A . n 
A 1 7  ILE 7  7  7  ILE ILE A . n 
A 1 8  ARG 8  8  8  ARG ARG A . n 
A 1 9  LYS 9  9  9  LYS LYS A . n 
A 1 10 VAL 10 10 10 VAL VAL A . n 
A 1 11 ARG 11 11 11 ARG ARG A . n 
A 1 12 NH2 12 12 12 NH2 NH2 A . n 
# 
_exptl.entry_id          1XV7 
_exptl.method            'SOLUTION NMR' 
_exptl.crystals_number   ? 
# 
_exptl_crystal.id                    1 
_exptl_crystal.density_meas          ? 
_exptl_crystal.density_Matthews      ? 
_exptl_crystal.density_percent_sol   ? 
_exptl_crystal.description           ? 
# 
_diffrn.id                     1 
_diffrn.ambient_temp           ? 
_diffrn.ambient_temp_details   ? 
_diffrn.crystal_id             1 
# 
_diffrn_radiation.diffrn_id                        1 
_diffrn_radiation.wavelength_id                    1 
_diffrn_radiation.pdbx_monochromatic_or_laue_m_l   M 
_diffrn_radiation.monochromator                    ? 
_diffrn_radiation.pdbx_diffrn_protocol             'SINGLE WAVELENGTH' 
_diffrn_radiation.pdbx_scattering_type             ? 
# 
_diffrn_radiation_wavelength.id           1 
_diffrn_radiation_wavelength.wavelength   . 
_diffrn_radiation_wavelength.wt           1.0 
# 
_struct.entry_id                  1XV7 
_struct.title                     'Solution structure of antimicrobial and endotoxin-neutralizing peptide Lf11 in DPC micelles' 
_struct.pdbx_model_details        ? 
_struct.pdbx_CASP_flag            ? 
_struct.pdbx_model_type_details   ? 
# 
_struct_keywords.entry_id        1XV7 
_struct_keywords.pdbx_keywords   'METAL TRANSPORT' 
_struct_keywords.text            'loop, hydrophobic core, METAL TRANSPORT' 
# 
_struct_asym.id                            A 
_struct_asym.pdbx_blank_PDB_chainid_flag   N 
_struct_asym.pdbx_modified                 N 
_struct_asym.entity_id                     1 
_struct_asym.details                       ? 
# 
_struct_ref.id                         1 
_struct_ref.db_name                    PDB 
_struct_ref.db_code                    1XV7 
_struct_ref.pdbx_db_accession          1XV7 
_struct_ref.pdbx_db_isoform            ? 
_struct_ref.entity_id                  1 
_struct_ref.pdbx_seq_one_letter_code   ? 
_struct_ref.pdbx_align_begin           1 
# 
_struct_ref_seq.align_id                      1 
_struct_ref_seq.ref_id                        1 
_struct_ref_seq.pdbx_PDB_id_code              1XV7 
_struct_ref_seq.pdbx_strand_id                A 
_struct_ref_seq.seq_align_beg                 1 
_struct_ref_seq.pdbx_seq_align_beg_ins_code   ? 
_struct_ref_seq.seq_align_end                 12 
_struct_ref_seq.pdbx_seq_align_end_ins_code   ? 
_struct_ref_seq.pdbx_db_accession             1XV7 
_struct_ref_seq.db_align_beg                  1 
_struct_ref_seq.pdbx_db_align_beg_ins_code    ? 
_struct_ref_seq.db_align_end                  12 
_struct_ref_seq.pdbx_db_align_end_ins_code    ? 
_struct_ref_seq.pdbx_auth_seq_align_beg       1 
_struct_ref_seq.pdbx_auth_seq_align_end       12 
# 
_pdbx_struct_assembly.id                   1 
_pdbx_struct_assembly.details              author_defined_assembly 
_pdbx_struct_assembly.method_details       ? 
_pdbx_struct_assembly.oligomeric_details   monomeric 
_pdbx_struct_assembly.oligomeric_count     1 
# 
loop_
_pdbx_struct_assembly_prop.biol_id 
_pdbx_struct_assembly_prop.type 
_pdbx_struct_assembly_prop.value 
_pdbx_struct_assembly_prop.details 
1 'ABSA (A^2)' 100  ? 
1 MORE         0    ? 
1 'SSA (A^2)'  1940 ? 
# 
_pdbx_struct_assembly_gen.assembly_id       1 
_pdbx_struct_assembly_gen.oper_expression   1 
_pdbx_struct_assembly_gen.asym_id_list      A 
# 
_pdbx_struct_oper_list.id                   1 
_pdbx_struct_oper_list.type                 'identity operation' 
_pdbx_struct_oper_list.name                 1_555 
_pdbx_struct_oper_list.symmetry_operation   ? 
_pdbx_struct_oper_list.matrix[1][1]         1.0000000000 
_pdbx_struct_oper_list.matrix[1][2]         0.0000000000 
_pdbx_struct_oper_list.matrix[1][3]         0.0000000000 
_pdbx_struct_oper_list.vector[1]            0.0000000000 
_pdbx_struct_oper_list.matrix[2][1]         0.0000000000 
_pdbx_struct_oper_list.matrix[2][2]         1.0000000000 
_pdbx_struct_oper_list.matrix[2][3]         0.0000000000 
_pdbx_struct_oper_list.vector[2]            0.0000000000 
_pdbx_struct_oper_list.matrix[3][1]         0.0000000000 
_pdbx_struct_oper_list.matrix[3][2]         0.0000000000 
_pdbx_struct_oper_list.matrix[3][3]         1.0000000000 
_pdbx_struct_oper_list.vector[3]            0.0000000000 
# 
_struct_conn.id                            covale1 
_struct_conn.conn_type_id                  covale 
_struct_conn.pdbx_leaving_atom_flag        both 
_struct_conn.pdbx_PDB_id                   ? 
_struct_conn.ptnr1_label_asym_id           A 
_struct_conn.ptnr1_label_comp_id           ARG 
_struct_conn.ptnr1_label_seq_id            11 
_struct_conn.ptnr1_label_atom_id           C 
_struct_conn.pdbx_ptnr1_label_alt_id       ? 
_struct_conn.pdbx_ptnr1_PDB_ins_code       ? 
_struct_conn.pdbx_ptnr1_standard_comp_id   ? 
_struct_conn.ptnr1_symmetry                1_555 
_struct_conn.ptnr2_label_asym_id           A 
_struct_conn.ptnr2_label_comp_id           NH2 
_struct_conn.ptnr2_label_seq_id            12 
_struct_conn.ptnr2_label_atom_id           N 
_struct_conn.pdbx_ptnr2_label_alt_id       ? 
_struct_conn.pdbx_ptnr2_PDB_ins_code       ? 
_struct_conn.ptnr1_auth_asym_id            A 
_struct_conn.ptnr1_auth_comp_id            ARG 
_struct_conn.ptnr1_auth_seq_id             11 
_struct_conn.ptnr2_auth_asym_id            A 
_struct_conn.ptnr2_auth_comp_id            NH2 
_struct_conn.ptnr2_auth_seq_id             12 
_struct_conn.ptnr2_symmetry                1_555 
_struct_conn.pdbx_ptnr3_label_atom_id      ? 
_struct_conn.pdbx_ptnr3_label_seq_id       ? 
_struct_conn.pdbx_ptnr3_label_comp_id      ? 
_struct_conn.pdbx_ptnr3_label_asym_id      ? 
_struct_conn.pdbx_ptnr3_label_alt_id       ? 
_struct_conn.pdbx_ptnr3_PDB_ins_code       ? 
_struct_conn.details                       ? 
_struct_conn.pdbx_dist_value               1.326 
_struct_conn.pdbx_value_order              ? 
_struct_conn.pdbx_role                     ? 
# 
_struct_conn_type.id          covale 
_struct_conn_type.criteria    ? 
_struct_conn_type.reference   ? 
# 
_pdbx_modification_feature.ordinal                            1 
_pdbx_modification_feature.label_comp_id                      NH2 
_pdbx_modification_feature.label_asym_id                      A 
_pdbx_modification_feature.label_seq_id                       12 
_pdbx_modification_feature.label_alt_id                       ? 
_pdbx_modification_feature.modified_residue_label_comp_id     ARG 
_pdbx_modification_feature.modified_residue_label_asym_id     A 
_pdbx_modification_feature.modified_residue_label_seq_id      11 
_pdbx_modification_feature.modified_residue_label_alt_id      ? 
_pdbx_modification_feature.auth_comp_id                       NH2 
_pdbx_modification_feature.auth_asym_id                       A 
_pdbx_modification_feature.auth_seq_id                        12 
_pdbx_modification_feature.PDB_ins_code                       ? 
_pdbx_modification_feature.symmetry                           1_555 
_pdbx_modification_feature.modified_residue_auth_comp_id      ARG 
_pdbx_modification_feature.modified_residue_auth_asym_id      A 
_pdbx_modification_feature.modified_residue_auth_seq_id       11 
_pdbx_modification_feature.modified_residue_PDB_ins_code      ? 
_pdbx_modification_feature.modified_residue_symmetry          1_555 
_pdbx_modification_feature.comp_id_linking_atom               . 
_pdbx_modification_feature.modified_residue_id_linking_atom   . 
_pdbx_modification_feature.modified_residue_id                ARG 
_pdbx_modification_feature.ref_pcm_id                         8 
_pdbx_modification_feature.ref_comp_id                        NH2 
_pdbx_modification_feature.type                               None 
_pdbx_modification_feature.category                           'Terminal amidation' 
# 
_struct_site.id                   AC1 
_struct_site.pdbx_evidence_code   Software 
_struct_site.pdbx_auth_asym_id    A 
_struct_site.pdbx_auth_comp_id    NH2 
_struct_site.pdbx_auth_seq_id     12 
_struct_site.pdbx_auth_ins_code   ? 
_struct_site.pdbx_num_residues    1 
_struct_site.details              'BINDING SITE FOR RESIDUE NH2 A 12' 
# 
_struct_site_gen.id                   1 
_struct_site_gen.site_id              AC1 
_struct_site_gen.pdbx_num_res         1 
_struct_site_gen.label_comp_id        ARG 
_struct_site_gen.label_asym_id        A 
_struct_site_gen.label_seq_id         11 
_struct_site_gen.pdbx_auth_ins_code   ? 
_struct_site_gen.auth_comp_id         ARG 
_struct_site_gen.auth_asym_id         A 
_struct_site_gen.auth_seq_id          11 
_struct_site_gen.label_atom_id        . 
_struct_site_gen.label_alt_id         ? 
_struct_site_gen.symmetry             1_555 
_struct_site_gen.details              ? 
# 
_pdbx_entry_details.entry_id                   1XV7 
_pdbx_entry_details.compound_details           ? 
_pdbx_entry_details.source_details             ? 
_pdbx_entry_details.nonpolymer_details         ? 
_pdbx_entry_details.sequence_details           ? 
_pdbx_entry_details.has_ligand_of_interest     ? 
_pdbx_entry_details.has_protein_modification   Y 
# 
loop_
_pdbx_validate_rmsd_angle.id 
_pdbx_validate_rmsd_angle.PDB_model_num 
_pdbx_validate_rmsd_angle.auth_atom_id_1 
_pdbx_validate_rmsd_angle.auth_asym_id_1 
_pdbx_validate_rmsd_angle.auth_comp_id_1 
_pdbx_validate_rmsd_angle.auth_seq_id_1 
_pdbx_validate_rmsd_angle.PDB_ins_code_1 
_pdbx_validate_rmsd_angle.label_alt_id_1 
_pdbx_validate_rmsd_angle.auth_atom_id_2 
_pdbx_validate_rmsd_angle.auth_asym_id_2 
_pdbx_validate_rmsd_angle.auth_comp_id_2 
_pdbx_validate_rmsd_angle.auth_seq_id_2 
_pdbx_validate_rmsd_angle.PDB_ins_code_2 
_pdbx_validate_rmsd_angle.label_alt_id_2 
_pdbx_validate_rmsd_angle.auth_atom_id_3 
_pdbx_validate_rmsd_angle.auth_asym_id_3 
_pdbx_validate_rmsd_angle.auth_comp_id_3 
_pdbx_validate_rmsd_angle.auth_seq_id_3 
_pdbx_validate_rmsd_angle.PDB_ins_code_3 
_pdbx_validate_rmsd_angle.label_alt_id_3 
_pdbx_validate_rmsd_angle.angle_value 
_pdbx_validate_rmsd_angle.angle_target_value 
_pdbx_validate_rmsd_angle.angle_deviation 
_pdbx_validate_rmsd_angle.angle_standard_deviation 
_pdbx_validate_rmsd_angle.linker_flag 
1  1 NE A ARG 5  ? ? CZ A ARG 5  ? ? NH1 A ARG 5  ? ? 123.78 120.30 3.48 0.50 N 
2  1 NE A ARG 8  ? ? CZ A ARG 8  ? ? NH1 A ARG 8  ? ? 123.80 120.30 3.50 0.50 N 
3  1 NE A ARG 11 ? ? CZ A ARG 11 ? ? NH1 A ARG 11 ? ? 124.46 120.30 4.16 0.50 N 
4  2 NE A ARG 5  ? ? CZ A ARG 5  ? ? NH1 A ARG 5  ? ? 123.71 120.30 3.41 0.50 N 
5  2 NE A ARG 8  ? ? CZ A ARG 8  ? ? NH1 A ARG 8  ? ? 123.81 120.30 3.51 0.50 N 
6  2 NE A ARG 11 ? ? CZ A ARG 11 ? ? NH1 A ARG 11 ? ? 124.42 120.30 4.12 0.50 N 
7  3 NE A ARG 5  ? ? CZ A ARG 5  ? ? NH1 A ARG 5  ? ? 123.78 120.30 3.48 0.50 N 
8  3 NE A ARG 8  ? ? CZ A ARG 8  ? ? NH1 A ARG 8  ? ? 123.72 120.30 3.42 0.50 N 
9  3 NE A ARG 11 ? ? CZ A ARG 11 ? ? NH1 A ARG 11 ? ? 124.33 120.30 4.03 0.50 N 
10 4 NE A ARG 5  ? ? CZ A ARG 5  ? ? NH1 A ARG 5  ? ? 123.51 120.30 3.21 0.50 N 
11 4 NE A ARG 8  ? ? CZ A ARG 8  ? ? NH1 A ARG 8  ? ? 123.56 120.30 3.26 0.50 N 
12 4 NE A ARG 11 ? ? CZ A ARG 11 ? ? NH1 A ARG 11 ? ? 124.40 120.30 4.10 0.50 N 
13 5 NE A ARG 5  ? ? CZ A ARG 5  ? ? NH1 A ARG 5  ? ? 123.52 120.30 3.22 0.50 N 
14 5 NE A ARG 8  ? ? CZ A ARG 8  ? ? NH1 A ARG 8  ? ? 123.74 120.30 3.44 0.50 N 
15 5 NE A ARG 11 ? ? CZ A ARG 11 ? ? NH1 A ARG 11 ? ? 124.24 120.30 3.94 0.50 N 
16 6 NE A ARG 5  ? ? CZ A ARG 5  ? ? NH1 A ARG 5  ? ? 123.65 120.30 3.35 0.50 N 
17 6 NE A ARG 8  ? ? CZ A ARG 8  ? ? NH1 A ARG 8  ? ? 123.56 120.30 3.26 0.50 N 
18 6 NE A ARG 11 ? ? CZ A ARG 11 ? ? NH1 A ARG 11 ? ? 124.26 120.30 3.96 0.50 N 
19 7 NE A ARG 5  ? ? CZ A ARG 5  ? ? NH1 A ARG 5  ? ? 123.49 120.30 3.19 0.50 N 
20 7 NE A ARG 8  ? ? CZ A ARG 8  ? ? NH1 A ARG 8  ? ? 123.71 120.30 3.41 0.50 N 
21 7 NE A ARG 11 ? ? CZ A ARG 11 ? ? NH1 A ARG 11 ? ? 124.31 120.30 4.01 0.50 N 
# 
loop_
_pdbx_validate_torsion.id 
_pdbx_validate_torsion.PDB_model_num 
_pdbx_validate_torsion.auth_comp_id 
_pdbx_validate_torsion.auth_asym_id 
_pdbx_validate_torsion.auth_seq_id 
_pdbx_validate_torsion.PDB_ins_code 
_pdbx_validate_torsion.label_alt_id 
_pdbx_validate_torsion.phi 
_pdbx_validate_torsion.psi 
1  1 ASN A 6  ? ? 60.74   93.69   
2  1 VAL A 10 ? ? -166.14 -57.25  
3  2 GLN A 2  ? ? -85.47  44.21   
4  2 GLN A 4  ? ? -159.82 -60.95  
5  2 ARG A 5  ? ? 54.77   17.70   
6  2 ILE A 7  ? ? -82.88  -87.94  
7  2 ARG A 8  ? ? -167.81 68.45   
8  3 GLN A 2  ? ? 60.07   70.09   
9  3 ARG A 5  ? ? 71.70   94.24   
10 3 ASN A 6  ? ? 67.96   77.26   
11 3 ARG A 8  ? ? -98.44  58.74   
12 3 VAL A 10 ? ? 74.67   99.97   
13 4 TRP A 3  ? ? 69.48   -161.25 
14 4 ASN A 6  ? ? -103.31 44.62   
15 4 ARG A 8  ? ? -153.42 60.50   
16 5 ILE A 7  ? ? -63.61  -75.99  
17 6 GLN A 4  ? ? -119.33 -74.21  
18 6 ASN A 6  ? ? -162.19 75.20   
19 6 VAL A 10 ? ? -156.74 -60.47  
20 7 GLN A 2  ? ? -103.30 78.16   
21 7 ILE A 7  ? ? -131.85 -70.58  
# 
_pdbx_nmr_ensemble.entry_id                                      1XV7 
_pdbx_nmr_ensemble.conformers_calculated_total_number            20 
_pdbx_nmr_ensemble.conformers_submitted_total_number             7 
_pdbx_nmr_ensemble.conformer_selection_criteria                  'target function' 
_pdbx_nmr_ensemble.average_constraints_per_residue               ? 
_pdbx_nmr_ensemble.average_constraint_violations_per_residue     ? 
_pdbx_nmr_ensemble.maximum_distance_constraint_violation         ? 
_pdbx_nmr_ensemble.average_distance_constraint_violation         ? 
_pdbx_nmr_ensemble.maximum_upper_distance_constraint_violation   ? 
_pdbx_nmr_ensemble.maximum_lower_distance_constraint_violation   ? 
_pdbx_nmr_ensemble.distance_constraint_violation_method          ? 
_pdbx_nmr_ensemble.maximum_torsion_angle_constraint_violation    ? 
_pdbx_nmr_ensemble.average_torsion_angle_constraint_violation    ? 
_pdbx_nmr_ensemble.torsion_angle_constraint_violation_method     ? 
# 
_pdbx_nmr_representative.entry_id             1XV7 
_pdbx_nmr_representative.conformer_id         7 
_pdbx_nmr_representative.selection_criteria   'closest to the average' 
# 
_pdbx_nmr_sample_details.solution_id      1 
_pdbx_nmr_sample_details.contents         
;2mM Lf11; 240mM DPC-d38, 
20mM sodium phosphate buffer (pH 5.5), 92% H20, 8% D20
;
_pdbx_nmr_sample_details.solvent_system   '92% H20, 8% D20' 
# 
_pdbx_nmr_exptl_sample_conditions.conditions_id       1 
_pdbx_nmr_exptl_sample_conditions.temperature         303 
_pdbx_nmr_exptl_sample_conditions.pressure            ambient 
_pdbx_nmr_exptl_sample_conditions.pH                  5.5 
_pdbx_nmr_exptl_sample_conditions.ionic_strength      ? 
_pdbx_nmr_exptl_sample_conditions.pressure_units      ? 
_pdbx_nmr_exptl_sample_conditions.temperature_units   K 
# 
_pdbx_nmr_exptl.experiment_id   1 
_pdbx_nmr_exptl.solution_id     1 
_pdbx_nmr_exptl.conditions_id   1 
_pdbx_nmr_exptl.type            '2D NOESY' 
# 
_pdbx_nmr_refine.entry_id           1XV7 
_pdbx_nmr_refine.method             'simulated annealing' 
_pdbx_nmr_refine.details            ? 
_pdbx_nmr_refine.software_ordinal   1 
# 
loop_
_pdbx_nmr_software.name 
_pdbx_nmr_software.version 
_pdbx_nmr_software.classification 
_pdbx_nmr_software.authors 
_pdbx_nmr_software.ordinal 
DYANA 1.5 'structure solution' 'Guntert,P., Braun,W., Wuthrich,K.' 1 
DYANA 1.5 refinement           'Guntert,P., Braun,W., Wuthrich,K.' 2 
# 
loop_
_chem_comp_atom.comp_id 
_chem_comp_atom.atom_id 
_chem_comp_atom.type_symbol 
_chem_comp_atom.pdbx_aromatic_flag 
_chem_comp_atom.pdbx_stereo_config 
_chem_comp_atom.pdbx_ordinal 
ARG N    N N N 1   
ARG CA   C N S 2   
ARG C    C N N 3   
ARG O    O N N 4   
ARG CB   C N N 5   
ARG CG   C N N 6   
ARG CD   C N N 7   
ARG NE   N N N 8   
ARG CZ   C N N 9   
ARG NH1  N N N 10  
ARG NH2  N N N 11  
ARG OXT  O N N 12  
ARG H    H N N 13  
ARG H2   H N N 14  
ARG HA   H N N 15  
ARG HB2  H N N 16  
ARG HB3  H N N 17  
ARG HG2  H N N 18  
ARG HG3  H N N 19  
ARG HD2  H N N 20  
ARG HD3  H N N 21  
ARG HE   H N N 22  
ARG HH11 H N N 23  
ARG HH12 H N N 24  
ARG HH21 H N N 25  
ARG HH22 H N N 26  
ARG HXT  H N N 27  
ASN N    N N N 28  
ASN CA   C N S 29  
ASN C    C N N 30  
ASN O    O N N 31  
ASN CB   C N N 32  
ASN CG   C N N 33  
ASN OD1  O N N 34  
ASN ND2  N N N 35  
ASN OXT  O N N 36  
ASN H    H N N 37  
ASN H2   H N N 38  
ASN HA   H N N 39  
ASN HB2  H N N 40  
ASN HB3  H N N 41  
ASN HD21 H N N 42  
ASN HD22 H N N 43  
ASN HXT  H N N 44  
GLN N    N N N 45  
GLN CA   C N S 46  
GLN C    C N N 47  
GLN O    O N N 48  
GLN CB   C N N 49  
GLN CG   C N N 50  
GLN CD   C N N 51  
GLN OE1  O N N 52  
GLN NE2  N N N 53  
GLN OXT  O N N 54  
GLN H    H N N 55  
GLN H2   H N N 56  
GLN HA   H N N 57  
GLN HB2  H N N 58  
GLN HB3  H N N 59  
GLN HG2  H N N 60  
GLN HG3  H N N 61  
GLN HE21 H N N 62  
GLN HE22 H N N 63  
GLN HXT  H N N 64  
ILE N    N N N 65  
ILE CA   C N S 66  
ILE C    C N N 67  
ILE O    O N N 68  
ILE CB   C N S 69  
ILE CG1  C N N 70  
ILE CG2  C N N 71  
ILE CD1  C N N 72  
ILE OXT  O N N 73  
ILE H    H N N 74  
ILE H2   H N N 75  
ILE HA   H N N 76  
ILE HB   H N N 77  
ILE HG12 H N N 78  
ILE HG13 H N N 79  
ILE HG21 H N N 80  
ILE HG22 H N N 81  
ILE HG23 H N N 82  
ILE HD11 H N N 83  
ILE HD12 H N N 84  
ILE HD13 H N N 85  
ILE HXT  H N N 86  
LYS N    N N N 87  
LYS CA   C N S 88  
LYS C    C N N 89  
LYS O    O N N 90  
LYS CB   C N N 91  
LYS CG   C N N 92  
LYS CD   C N N 93  
LYS CE   C N N 94  
LYS NZ   N N N 95  
LYS OXT  O N N 96  
LYS H    H N N 97  
LYS H2   H N N 98  
LYS HA   H N N 99  
LYS HB2  H N N 100 
LYS HB3  H N N 101 
LYS HG2  H N N 102 
LYS HG3  H N N 103 
LYS HD2  H N N 104 
LYS HD3  H N N 105 
LYS HE2  H N N 106 
LYS HE3  H N N 107 
LYS HZ1  H N N 108 
LYS HZ2  H N N 109 
LYS HZ3  H N N 110 
LYS HXT  H N N 111 
NH2 N    N N N 112 
NH2 HN1  H N N 113 
NH2 HN2  H N N 114 
PHE N    N N N 115 
PHE CA   C N S 116 
PHE C    C N N 117 
PHE O    O N N 118 
PHE CB   C N N 119 
PHE CG   C Y N 120 
PHE CD1  C Y N 121 
PHE CD2  C Y N 122 
PHE CE1  C Y N 123 
PHE CE2  C Y N 124 
PHE CZ   C Y N 125 
PHE OXT  O N N 126 
PHE H    H N N 127 
PHE H2   H N N 128 
PHE HA   H N N 129 
PHE HB2  H N N 130 
PHE HB3  H N N 131 
PHE HD1  H N N 132 
PHE HD2  H N N 133 
PHE HE1  H N N 134 
PHE HE2  H N N 135 
PHE HZ   H N N 136 
PHE HXT  H N N 137 
TRP N    N N N 138 
TRP CA   C N S 139 
TRP C    C N N 140 
TRP O    O N N 141 
TRP CB   C N N 142 
TRP CG   C Y N 143 
TRP CD1  C Y N 144 
TRP CD2  C Y N 145 
TRP NE1  N Y N 146 
TRP CE2  C Y N 147 
TRP CE3  C Y N 148 
TRP CZ2  C Y N 149 
TRP CZ3  C Y N 150 
TRP CH2  C Y N 151 
TRP OXT  O N N 152 
TRP H    H N N 153 
TRP H2   H N N 154 
TRP HA   H N N 155 
TRP HB2  H N N 156 
TRP HB3  H N N 157 
TRP HD1  H N N 158 
TRP HE1  H N N 159 
TRP HE3  H N N 160 
TRP HZ2  H N N 161 
TRP HZ3  H N N 162 
TRP HH2  H N N 163 
TRP HXT  H N N 164 
VAL N    N N N 165 
VAL CA   C N S 166 
VAL C    C N N 167 
VAL O    O N N 168 
VAL CB   C N N 169 
VAL CG1  C N N 170 
VAL CG2  C N N 171 
VAL OXT  O N N 172 
VAL H    H N N 173 
VAL H2   H N N 174 
VAL HA   H N N 175 
VAL HB   H N N 176 
VAL HG11 H N N 177 
VAL HG12 H N N 178 
VAL HG13 H N N 179 
VAL HG21 H N N 180 
VAL HG22 H N N 181 
VAL HG23 H N N 182 
VAL HXT  H N N 183 
# 
loop_
_chem_comp_bond.comp_id 
_chem_comp_bond.atom_id_1 
_chem_comp_bond.atom_id_2 
_chem_comp_bond.value_order 
_chem_comp_bond.pdbx_aromatic_flag 
_chem_comp_bond.pdbx_stereo_config 
_chem_comp_bond.pdbx_ordinal 
ARG N   CA   sing N N 1   
ARG N   H    sing N N 2   
ARG N   H2   sing N N 3   
ARG CA  C    sing N N 4   
ARG CA  CB   sing N N 5   
ARG CA  HA   sing N N 6   
ARG C   O    doub N N 7   
ARG C   OXT  sing N N 8   
ARG CB  CG   sing N N 9   
ARG CB  HB2  sing N N 10  
ARG CB  HB3  sing N N 11  
ARG CG  CD   sing N N 12  
ARG CG  HG2  sing N N 13  
ARG CG  HG3  sing N N 14  
ARG CD  NE   sing N N 15  
ARG CD  HD2  sing N N 16  
ARG CD  HD3  sing N N 17  
ARG NE  CZ   sing N N 18  
ARG NE  HE   sing N N 19  
ARG CZ  NH1  sing N N 20  
ARG CZ  NH2  doub N N 21  
ARG NH1 HH11 sing N N 22  
ARG NH1 HH12 sing N N 23  
ARG NH2 HH21 sing N N 24  
ARG NH2 HH22 sing N N 25  
ARG OXT HXT  sing N N 26  
ASN N   CA   sing N N 27  
ASN N   H    sing N N 28  
ASN N   H2   sing N N 29  
ASN CA  C    sing N N 30  
ASN CA  CB   sing N N 31  
ASN CA  HA   sing N N 32  
ASN C   O    doub N N 33  
ASN C   OXT  sing N N 34  
ASN CB  CG   sing N N 35  
ASN CB  HB2  sing N N 36  
ASN CB  HB3  sing N N 37  
ASN CG  OD1  doub N N 38  
ASN CG  ND2  sing N N 39  
ASN ND2 HD21 sing N N 40  
ASN ND2 HD22 sing N N 41  
ASN OXT HXT  sing N N 42  
GLN N   CA   sing N N 43  
GLN N   H    sing N N 44  
GLN N   H2   sing N N 45  
GLN CA  C    sing N N 46  
GLN CA  CB   sing N N 47  
GLN CA  HA   sing N N 48  
GLN C   O    doub N N 49  
GLN C   OXT  sing N N 50  
GLN CB  CG   sing N N 51  
GLN CB  HB2  sing N N 52  
GLN CB  HB3  sing N N 53  
GLN CG  CD   sing N N 54  
GLN CG  HG2  sing N N 55  
GLN CG  HG3  sing N N 56  
GLN CD  OE1  doub N N 57  
GLN CD  NE2  sing N N 58  
GLN NE2 HE21 sing N N 59  
GLN NE2 HE22 sing N N 60  
GLN OXT HXT  sing N N 61  
ILE N   CA   sing N N 62  
ILE N   H    sing N N 63  
ILE N   H2   sing N N 64  
ILE CA  C    sing N N 65  
ILE CA  CB   sing N N 66  
ILE CA  HA   sing N N 67  
ILE C   O    doub N N 68  
ILE C   OXT  sing N N 69  
ILE CB  CG1  sing N N 70  
ILE CB  CG2  sing N N 71  
ILE CB  HB   sing N N 72  
ILE CG1 CD1  sing N N 73  
ILE CG1 HG12 sing N N 74  
ILE CG1 HG13 sing N N 75  
ILE CG2 HG21 sing N N 76  
ILE CG2 HG22 sing N N 77  
ILE CG2 HG23 sing N N 78  
ILE CD1 HD11 sing N N 79  
ILE CD1 HD12 sing N N 80  
ILE CD1 HD13 sing N N 81  
ILE OXT HXT  sing N N 82  
LYS N   CA   sing N N 83  
LYS N   H    sing N N 84  
LYS N   H2   sing N N 85  
LYS CA  C    sing N N 86  
LYS CA  CB   sing N N 87  
LYS CA  HA   sing N N 88  
LYS C   O    doub N N 89  
LYS C   OXT  sing N N 90  
LYS CB  CG   sing N N 91  
LYS CB  HB2  sing N N 92  
LYS CB  HB3  sing N N 93  
LYS CG  CD   sing N N 94  
LYS CG  HG2  sing N N 95  
LYS CG  HG3  sing N N 96  
LYS CD  CE   sing N N 97  
LYS CD  HD2  sing N N 98  
LYS CD  HD3  sing N N 99  
LYS CE  NZ   sing N N 100 
LYS CE  HE2  sing N N 101 
LYS CE  HE3  sing N N 102 
LYS NZ  HZ1  sing N N 103 
LYS NZ  HZ2  sing N N 104 
LYS NZ  HZ3  sing N N 105 
LYS OXT HXT  sing N N 106 
NH2 N   HN1  sing N N 107 
NH2 N   HN2  sing N N 108 
PHE N   CA   sing N N 109 
PHE N   H    sing N N 110 
PHE N   H2   sing N N 111 
PHE CA  C    sing N N 112 
PHE CA  CB   sing N N 113 
PHE CA  HA   sing N N 114 
PHE C   O    doub N N 115 
PHE C   OXT  sing N N 116 
PHE CB  CG   sing N N 117 
PHE CB  HB2  sing N N 118 
PHE CB  HB3  sing N N 119 
PHE CG  CD1  doub Y N 120 
PHE CG  CD2  sing Y N 121 
PHE CD1 CE1  sing Y N 122 
PHE CD1 HD1  sing N N 123 
PHE CD2 CE2  doub Y N 124 
PHE CD2 HD2  sing N N 125 
PHE CE1 CZ   doub Y N 126 
PHE CE1 HE1  sing N N 127 
PHE CE2 CZ   sing Y N 128 
PHE CE2 HE2  sing N N 129 
PHE CZ  HZ   sing N N 130 
PHE OXT HXT  sing N N 131 
TRP N   CA   sing N N 132 
TRP N   H    sing N N 133 
TRP N   H2   sing N N 134 
TRP CA  C    sing N N 135 
TRP CA  CB   sing N N 136 
TRP CA  HA   sing N N 137 
TRP C   O    doub N N 138 
TRP C   OXT  sing N N 139 
TRP CB  CG   sing N N 140 
TRP CB  HB2  sing N N 141 
TRP CB  HB3  sing N N 142 
TRP CG  CD1  doub Y N 143 
TRP CG  CD2  sing Y N 144 
TRP CD1 NE1  sing Y N 145 
TRP CD1 HD1  sing N N 146 
TRP CD2 CE2  doub Y N 147 
TRP CD2 CE3  sing Y N 148 
TRP NE1 CE2  sing Y N 149 
TRP NE1 HE1  sing N N 150 
TRP CE2 CZ2  sing Y N 151 
TRP CE3 CZ3  doub Y N 152 
TRP CE3 HE3  sing N N 153 
TRP CZ2 CH2  doub Y N 154 
TRP CZ2 HZ2  sing N N 155 
TRP CZ3 CH2  sing Y N 156 
TRP CZ3 HZ3  sing N N 157 
TRP CH2 HH2  sing N N 158 
TRP OXT HXT  sing N N 159 
VAL N   CA   sing N N 160 
VAL N   H    sing N N 161 
VAL N   H2   sing N N 162 
VAL CA  C    sing N N 163 
VAL CA  CB   sing N N 164 
VAL CA  HA   sing N N 165 
VAL C   O    doub N N 166 
VAL C   OXT  sing N N 167 
VAL CB  CG1  sing N N 168 
VAL CB  CG2  sing N N 169 
VAL CB  HB   sing N N 170 
VAL CG1 HG11 sing N N 171 
VAL CG1 HG12 sing N N 172 
VAL CG1 HG13 sing N N 173 
VAL CG2 HG21 sing N N 174 
VAL CG2 HG22 sing N N 175 
VAL CG2 HG23 sing N N 176 
VAL OXT HXT  sing N N 177 
# 
_pdbx_nmr_spectrometer.spectrometer_id   1 
_pdbx_nmr_spectrometer.type              ? 
_pdbx_nmr_spectrometer.manufacturer      Varian 
_pdbx_nmr_spectrometer.model             INOVA 
_pdbx_nmr_spectrometer.field_strength    600 
# 
_atom_sites.entry_id                    1XV7 
_atom_sites.fract_transf_matrix[1][1]   1.000000 
_atom_sites.fract_transf_matrix[1][2]   0.000000 
_atom_sites.fract_transf_matrix[1][3]   0.000000 
_atom_sites.fract_transf_matrix[2][1]   0.000000 
_atom_sites.fract_transf_matrix[2][2]   1.000000 
_atom_sites.fract_transf_matrix[2][3]   0.000000 
_atom_sites.fract_transf_matrix[3][1]   0.000000 
_atom_sites.fract_transf_matrix[3][2]   0.000000 
_atom_sites.fract_transf_matrix[3][3]   1.000000 
_atom_sites.fract_transf_vector[1]      0.00000 
_atom_sites.fract_transf_vector[2]      0.00000 
_atom_sites.fract_transf_vector[3]      0.00000 
# 
loop_
_atom_type.symbol 
C 
H 
N 
O 
# 
loop_
_atom_site.group_PDB 
_atom_site.id 
_atom_site.type_symbol 
_atom_site.label_atom_id 
_atom_site.label_alt_id 
_atom_site.label_comp_id 
_atom_site.label_asym_id 
_atom_site.label_entity_id 
_atom_site.label_seq_id 
_atom_site.pdbx_PDB_ins_code 
_atom_site.Cartn_x 
_atom_site.Cartn_y 
_atom_site.Cartn_z 
_atom_site.occupancy 
_atom_site.B_iso_or_equiv 
_atom_site.pdbx_formal_charge 
_atom_site.auth_seq_id 
_atom_site.auth_comp_id 
_atom_site.auth_asym_id 
_atom_site.auth_atom_id 
_atom_site.pdbx_PDB_model_num 
ATOM   1    N N    . PHE A 1 1  ? -5.067  -9.218  2.860  1.00 0.00 ? 1  PHE A N    1 
ATOM   2    C CA   . PHE A 1 1  ? -4.536  -7.939  2.328  1.00 0.00 ? 1  PHE A CA   1 
ATOM   3    C C    . PHE A 1 1  ? -2.998  -8.029  2.082  1.00 0.00 ? 1  PHE A C    1 
ATOM   4    O O    . PHE A 1 1  ? -2.201  -7.984  3.027  1.00 0.00 ? 1  PHE A O    1 
ATOM   5    C CB   . PHE A 1 1  ? -5.006  -6.736  3.203  1.00 0.00 ? 1  PHE A CB   1 
ATOM   6    C CG   . PHE A 1 1  ? -4.496  -6.616  4.659  1.00 0.00 ? 1  PHE A CG   1 
ATOM   7    C CD1  . PHE A 1 1  ? -5.180  -7.241  5.706  1.00 0.00 ? 1  PHE A CD1  1 
ATOM   8    C CD2  . PHE A 1 1  ? -3.350  -5.865  4.948  1.00 0.00 ? 1  PHE A CD2  1 
ATOM   9    C CE1  . PHE A 1 1  ? -4.721  -7.126  7.018  1.00 0.00 ? 1  PHE A CE1  1 
ATOM   10   C CE2  . PHE A 1 1  ? -2.893  -5.746  6.256  1.00 0.00 ? 1  PHE A CE2  1 
ATOM   11   C CZ   . PHE A 1 1  ? -3.577  -6.376  7.290  1.00 0.00 ? 1  PHE A CZ   1 
ATOM   12   H H1   . PHE A 1 1  ? -4.646  -9.412  3.777  1.00 0.00 ? 1  PHE A H1   1 
ATOM   13   H H2   . PHE A 1 1  ? -6.075  -9.142  3.034  1.00 0.00 ? 1  PHE A H2   1 
ATOM   14   H HA   . PHE A 1 1  ? -5.024  -7.793  1.345  1.00 0.00 ? 1  PHE A HA   1 
ATOM   15   H HB2  . PHE A 1 1  ? -4.753  -5.804  2.663  1.00 0.00 ? 1  PHE A HB2  1 
ATOM   16   H HB3  . PHE A 1 1  ? -6.113  -6.720  3.214  1.00 0.00 ? 1  PHE A HB3  1 
ATOM   17   H HD1  . PHE A 1 1  ? -6.066  -7.827  5.506  1.00 0.00 ? 1  PHE A HD1  1 
ATOM   18   H HD2  . PHE A 1 1  ? -2.790  -5.400  4.157  1.00 0.00 ? 1  PHE A HD2  1 
ATOM   19   H HE1  . PHE A 1 1  ? -5.247  -7.617  7.822  1.00 0.00 ? 1  PHE A HE1  1 
ATOM   20   H HE2  . PHE A 1 1  ? -2.001  -5.170  6.465  1.00 0.00 ? 1  PHE A HE2  1 
ATOM   21   H HZ   . PHE A 1 1  ? -3.219  -6.288  8.306  1.00 0.00 ? 1  PHE A HZ   1 
ATOM   22   N N    . GLN A 1 2  ? -2.551  -8.135  0.813  1.00 0.00 ? 2  GLN A N    1 
ATOM   23   C CA   . GLN A 1 2  ? -1.095  -8.202  0.490  1.00 0.00 ? 2  GLN A CA   1 
ATOM   24   C C    . GLN A 1 2  ? -0.498  -6.768  0.288  1.00 0.00 ? 2  GLN A C    1 
ATOM   25   O O    . GLN A 1 2  ? -0.376  -6.264  -0.833 1.00 0.00 ? 2  GLN A O    1 
ATOM   26   C CB   . GLN A 1 2  ? -0.856  -9.183  -0.699 1.00 0.00 ? 2  GLN A CB   1 
ATOM   27   C CG   . GLN A 1 2  ? 0.433   -10.032 -0.535 1.00 0.00 ? 2  GLN A CG   1 
ATOM   28   C CD   . GLN A 1 2  ? 0.842   -10.890 -1.741 1.00 0.00 ? 2  GLN A CD   1 
ATOM   29   O OE1  . GLN A 1 2  ? 0.410   -10.720 -2.876 1.00 0.00 ? 2  GLN A OE1  1 
ATOM   30   N NE2  . GLN A 1 2  ? 1.729   -11.835 -1.534 1.00 0.00 ? 2  GLN A NE2  1 
ATOM   31   H H    . GLN A 1 2  ? -3.277  -8.227  0.094  1.00 0.00 ? 2  GLN A H    1 
ATOM   32   H HA   . GLN A 1 2  ? -0.568  -8.649  1.360  1.00 0.00 ? 2  GLN A HA   1 
ATOM   33   H HB2  . GLN A 1 2  ? -1.705  -9.885  -0.822 1.00 0.00 ? 2  GLN A HB2  1 
ATOM   34   H HB3  . GLN A 1 2  ? -0.827  -8.626  -1.656 1.00 0.00 ? 2  GLN A HB3  1 
ATOM   35   H HG2  . GLN A 1 2  ? 1.287   -9.374  -0.287 1.00 0.00 ? 2  GLN A HG2  1 
ATOM   36   H HG3  . GLN A 1 2  ? 0.299   -10.693 0.344  1.00 0.00 ? 2  GLN A HG3  1 
ATOM   37   H HE21 . GLN A 1 2  ? 2.061   -11.965 -0.575 1.00 0.00 ? 2  GLN A HE21 1 
ATOM   38   H HE22 . GLN A 1 2  ? 1.976   -12.364 -2.373 1.00 0.00 ? 2  GLN A HE22 1 
ATOM   39   N N    . TRP A 1 3  ? -0.142  -6.101  1.401  1.00 0.00 ? 3  TRP A N    1 
ATOM   40   C CA   . TRP A 1 3  ? 0.369   -4.703  1.379  1.00 0.00 ? 3  TRP A CA   1 
ATOM   41   C C    . TRP A 1 3  ? 1.902   -4.634  1.090  1.00 0.00 ? 3  TRP A C    1 
ATOM   42   O O    . TRP A 1 3  ? 2.724   -5.184  1.832  1.00 0.00 ? 3  TRP A O    1 
ATOM   43   C CB   . TRP A 1 3  ? -0.003  -3.999  2.717  1.00 0.00 ? 3  TRP A CB   1 
ATOM   44   C CG   . TRP A 1 3  ? -1.336  -3.225  2.743  1.00 0.00 ? 3  TRP A CG   1 
ATOM   45   C CD1  . TRP A 1 3  ? -2.578  -3.612  2.185  1.00 0.00 ? 3  TRP A CD1  1 
ATOM   46   C CD2  . TRP A 1 3  ? -1.577  -2.002  3.346  1.00 0.00 ? 3  TRP A CD2  1 
ATOM   47   N NE1  . TRP A 1 3  ? -3.589  -2.664  2.442  1.00 0.00 ? 3  TRP A NE1  1 
ATOM   48   C CE2  . TRP A 1 3  ? -2.944  -1.675  3.164  1.00 0.00 ? 3  TRP A CE2  1 
ATOM   49   C CE3  . TRP A 1 3  ? -0.717  -1.117  4.045  1.00 0.00 ? 3  TRP A CE3  1 
ATOM   50   C CZ2  . TRP A 1 3  ? -3.459  -0.464  3.684  1.00 0.00 ? 3  TRP A CZ2  1 
ATOM   51   C CZ3  . TRP A 1 3  ? -1.246  0.070   4.553  1.00 0.00 ? 3  TRP A CZ3  1 
ATOM   52   C CH2  . TRP A 1 3  ? -2.598  0.392   4.376  1.00 0.00 ? 3  TRP A CH2  1 
ATOM   53   H H    . TRP A 1 3  ? -0.409  -6.577  2.272  1.00 0.00 ? 3  TRP A H    1 
ATOM   54   H HA   . TRP A 1 3  ? -0.152  -4.156  0.568  1.00 0.00 ? 3  TRP A HA   1 
ATOM   55   H HB2  . TRP A 1 3  ? 0.020   -4.710  3.566  1.00 0.00 ? 3  TRP A HB2  1 
ATOM   56   H HB3  . TRP A 1 3  ? 0.796   -3.280  2.975  1.00 0.00 ? 3  TRP A HB3  1 
ATOM   57   H HD1  . TRP A 1 3  ? -2.735  -4.531  1.637  1.00 0.00 ? 3  TRP A HD1  1 
ATOM   58   H HE1  . TRP A 1 3  ? -4.576  -2.689  2.162  1.00 0.00 ? 3  TRP A HE1  1 
ATOM   59   H HE3  . TRP A 1 3  ? 0.324   -1.362  4.175  1.00 0.00 ? 3  TRP A HE3  1 
ATOM   60   H HZ2  . TRP A 1 3  ? -4.501  -0.209  3.553  1.00 0.00 ? 3  TRP A HZ2  1 
ATOM   61   H HZ3  . TRP A 1 3  ? -0.604  0.747   5.100  1.00 0.00 ? 3  TRP A HZ3  1 
ATOM   62   H HH2  . TRP A 1 3  ? -2.982  1.313   4.789  1.00 0.00 ? 3  TRP A HH2  1 
ATOM   63   N N    . GLN A 1 4  ? 2.287   -3.896  0.033  1.00 0.00 ? 4  GLN A N    1 
ATOM   64   C CA   . GLN A 1 4  ? 3.712   -3.748  -0.381 1.00 0.00 ? 4  GLN A CA   1 
ATOM   65   C C    . GLN A 1 4  ? 4.484   -2.658  0.442  1.00 0.00 ? 4  GLN A C    1 
ATOM   66   O O    . GLN A 1 4  ? 4.815   -1.579  -0.056 1.00 0.00 ? 4  GLN A O    1 
ATOM   67   C CB   . GLN A 1 4  ? 3.744   -3.558  -1.937 1.00 0.00 ? 4  GLN A CB   1 
ATOM   68   C CG   . GLN A 1 4  ? 4.365   -4.739  -2.729 1.00 0.00 ? 4  GLN A CG   1 
ATOM   69   C CD   . GLN A 1 4  ? 5.896   -4.844  -2.646 1.00 0.00 ? 4  GLN A CD   1 
ATOM   70   O OE1  . GLN A 1 4  ? 6.483   -5.120  -1.600 1.00 0.00 ? 4  GLN A OE1  1 
ATOM   71   N NE2  . GLN A 1 4  ? 6.587   -4.649  -3.747 1.00 0.00 ? 4  GLN A NE2  1 
ATOM   72   H H    . GLN A 1 4  ? 1.518   -3.534  -0.541 1.00 0.00 ? 4  GLN A H    1 
ATOM   73   H HA   . GLN A 1 4  ? 4.236   -4.702  -0.166 1.00 0.00 ? 4  GLN A HA   1 
ATOM   74   H HB2  . GLN A 1 4  ? 2.729   -3.380  -2.346 1.00 0.00 ? 4  GLN A HB2  1 
ATOM   75   H HB3  . GLN A 1 4  ? 4.273   -2.626  -2.216 1.00 0.00 ? 4  GLN A HB3  1 
ATOM   76   H HG2  . GLN A 1 4  ? 3.934   -5.696  -2.382 1.00 0.00 ? 4  GLN A HG2  1 
ATOM   77   H HG3  . GLN A 1 4  ? 4.038   -4.664  -3.785 1.00 0.00 ? 4  GLN A HG3  1 
ATOM   78   H HE21 . GLN A 1 4  ? 6.052   -4.457  -4.599 1.00 0.00 ? 4  GLN A HE21 1 
ATOM   79   H HE22 . GLN A 1 4  ? 7.602   -4.699  -3.641 1.00 0.00 ? 4  GLN A HE22 1 
ATOM   80   N N    . ARG A 1 5  ? 4.785   -2.974  1.721  1.00 0.00 ? 5  ARG A N    1 
ATOM   81   C CA   . ARG A 1 5  ? 5.563   -2.096  2.655  1.00 0.00 ? 5  ARG A CA   1 
ATOM   82   C C    . ARG A 1 5  ? 4.934   -0.679  2.911  1.00 0.00 ? 5  ARG A C    1 
ATOM   83   O O    . ARG A 1 5  ? 5.576   0.347   2.672  1.00 0.00 ? 5  ARG A O    1 
ATOM   84   C CB   . ARG A 1 5  ? 7.084   -2.050  2.281  1.00 0.00 ? 5  ARG A CB   1 
ATOM   85   C CG   . ARG A 1 5  ? 7.933   -3.322  2.531  1.00 0.00 ? 5  ARG A CG   1 
ATOM   86   C CD   . ARG A 1 5  ? 7.769   -4.421  1.465  1.00 0.00 ? 5  ARG A CD   1 
ATOM   87   N NE   . ARG A 1 5  ? 8.610   -5.593  1.824  1.00 0.00 ? 5  ARG A NE   1 
ATOM   88   C CZ   . ARG A 1 5  ? 8.520   -6.799  1.264  1.00 0.00 ? 5  ARG A CZ   1 
ATOM   89   N NH1  . ARG A 1 5  ? 7.751   -7.070  0.235  1.00 0.00 ? 5  ARG A NH1  1 
ATOM   90   N NH2  . ARG A 1 5  ? 9.240   -7.762  1.766  1.00 0.00 ? 5  ARG A NH2  1 
ATOM   91   H H    . ARG A 1 5  ? 4.332   -3.848  2.024  1.00 0.00 ? 5  ARG A H    1 
ATOM   92   H HA   . ARG A 1 5  ? 5.520   -2.586  3.647  1.00 0.00 ? 5  ARG A HA   1 
ATOM   93   H HB2  . ARG A 1 5  ? 7.202   -1.699  1.237  1.00 0.00 ? 5  ARG A HB2  1 
ATOM   94   H HB3  . ARG A 1 5  ? 7.554   -1.244  2.877  1.00 0.00 ? 5  ARG A HB3  1 
ATOM   95   H HG2  . ARG A 1 5  ? 9.000   -3.019  2.566  1.00 0.00 ? 5  ARG A HG2  1 
ATOM   96   H HG3  . ARG A 1 5  ? 7.715   -3.718  3.542  1.00 0.00 ? 5  ARG A HG3  1 
ATOM   97   H HD2  . ARG A 1 5  ? 6.706   -4.722  1.395  1.00 0.00 ? 5  ARG A HD2  1 
ATOM   98   H HD3  . ARG A 1 5  ? 8.044   -4.028  0.464  1.00 0.00 ? 5  ARG A HD3  1 
ATOM   99   H HE   . ARG A 1 5  ? 9.271   -5.538  2.605  1.00 0.00 ? 5  ARG A HE   1 
ATOM   100  H HH11 . ARG A 1 5  ? 7.262   -6.260  -0.173 1.00 0.00 ? 5  ARG A HH11 1 
ATOM   101  H HH12 . ARG A 1 5  ? 7.745   -8.024  -0.126 1.00 0.00 ? 5  ARG A HH12 1 
ATOM   102  H HH21 . ARG A 1 5  ? 9.833   -7.527  2.564  1.00 0.00 ? 5  ARG A HH21 1 
ATOM   103  H HH22 . ARG A 1 5  ? 9.158   -8.681  1.330  1.00 0.00 ? 5  ARG A HH22 1 
ATOM   104  N N    . ASN A 1 6  ? 3.677   -0.628  3.409  1.00 0.00 ? 6  ASN A N    1 
ATOM   105  C CA   . ASN A 1 6  ? 2.860   0.624   3.488  1.00 0.00 ? 6  ASN A CA   1 
ATOM   106  C C    . ASN A 1 6  ? 2.597   1.264   2.084  1.00 0.00 ? 6  ASN A C    1 
ATOM   107  O O    . ASN A 1 6  ? 3.409   2.057   1.601  1.00 0.00 ? 6  ASN A O    1 
ATOM   108  C CB   . ASN A 1 6  ? 3.399   1.642   4.536  1.00 0.00 ? 6  ASN A CB   1 
ATOM   109  C CG   . ASN A 1 6  ? 3.127   1.296   6.002  1.00 0.00 ? 6  ASN A CG   1 
ATOM   110  O OD1  . ASN A 1 6  ? 2.169   1.764   6.604  1.00 0.00 ? 6  ASN A OD1  1 
ATOM   111  N ND2  . ASN A 1 6  ? 3.944   0.479   6.620  1.00 0.00 ? 6  ASN A ND2  1 
ATOM   112  H H    . ASN A 1 6  ? 3.263   -1.551  3.559  1.00 0.00 ? 6  ASN A H    1 
ATOM   113  H HA   . ASN A 1 6  ? 1.867   0.320   3.870  1.00 0.00 ? 6  ASN A HA   1 
ATOM   114  H HB2  . ASN A 1 6  ? 4.477   1.831   4.379  1.00 0.00 ? 6  ASN A HB2  1 
ATOM   115  H HB3  . ASN A 1 6  ? 2.926   2.624   4.360  1.00 0.00 ? 6  ASN A HB3  1 
ATOM   116  H HD21 . ASN A 1 6  ? 4.679   0.051   6.051  1.00 0.00 ? 6  ASN A HD21 1 
ATOM   117  H HD22 . ASN A 1 6  ? 3.688   0.282   7.591  1.00 0.00 ? 6  ASN A HD22 1 
ATOM   118  N N    . ILE A 1 7  ? 1.456   0.939   1.440  1.00 0.00 ? 7  ILE A N    1 
ATOM   119  C CA   . ILE A 1 7  ? 1.134   1.416   0.052  1.00 0.00 ? 7  ILE A CA   1 
ATOM   120  C C    . ILE A 1 7  ? 1.109   2.984   -0.061 1.00 0.00 ? 7  ILE A C    1 
ATOM   121  O O    . ILE A 1 7  ? 1.901   3.545   -0.819 1.00 0.00 ? 7  ILE A O    1 
ATOM   122  C CB   . ILE A 1 7  ? -0.164  0.703   -0.493 1.00 0.00 ? 7  ILE A CB   1 
ATOM   123  C CG1  . ILE A 1 7  ? -0.048  -0.851  -0.589 1.00 0.00 ? 7  ILE A CG1  1 
ATOM   124  C CG2  . ILE A 1 7  ? -0.620  1.235   -1.883 1.00 0.00 ? 7  ILE A CG2  1 
ATOM   125  C CD1  . ILE A 1 7  ? -1.407  -1.572  -0.544 1.00 0.00 ? 7  ILE A CD1  1 
ATOM   126  H H    . ILE A 1 7  ? 0.891   0.219   1.902  1.00 0.00 ? 7  ILE A H    1 
ATOM   127  H HA   . ILE A 1 7  ? 1.966   1.090   -0.606 1.00 0.00 ? 7  ILE A HA   1 
ATOM   128  H HB   . ILE A 1 7  ? -0.977  0.936   0.224  1.00 0.00 ? 7  ILE A HB   1 
ATOM   129  H HG12 . ILE A 1 7  ? 0.508   -1.144  -1.502 1.00 0.00 ? 7  ILE A HG12 1 
ATOM   130  H HG13 . ILE A 1 7  ? 0.560   -1.252  0.243  1.00 0.00 ? 7  ILE A HG13 1 
ATOM   131  H HG21 . ILE A 1 7  ? -1.538  0.740   -2.249 1.00 0.00 ? 7  ILE A HG21 1 
ATOM   132  H HG22 . ILE A 1 7  ? -0.853  2.314   -1.865 1.00 0.00 ? 7  ILE A HG22 1 
ATOM   133  H HG23 . ILE A 1 7  ? 0.156   1.089   -2.658 1.00 0.00 ? 7  ILE A HG23 1 
ATOM   134  H HD11 . ILE A 1 7  ? -1.944  -1.351  0.396  1.00 0.00 ? 7  ILE A HD11 1 
ATOM   135  H HD12 . ILE A 1 7  ? -2.073  -1.277  -1.372 1.00 0.00 ? 7  ILE A HD12 1 
ATOM   136  H HD13 . ILE A 1 7  ? -1.296  -2.668  -0.604 1.00 0.00 ? 7  ILE A HD13 1 
ATOM   137  N N    . ARG A 1 8  ? 0.205   3.670   0.675  1.00 0.00 ? 8  ARG A N    1 
ATOM   138  C CA   . ARG A 1 8  ? 0.123   5.167   0.729  1.00 0.00 ? 8  ARG A CA   1 
ATOM   139  C C    . ARG A 1 8  ? 0.163   5.962   -0.637 1.00 0.00 ? 8  ARG A C    1 
ATOM   140  O O    . ARG A 1 8  ? 0.782   7.023   -0.754 1.00 0.00 ? 8  ARG A O    1 
ATOM   141  C CB   . ARG A 1 8  ? 1.096   5.645   1.854  1.00 0.00 ? 8  ARG A CB   1 
ATOM   142  C CG   . ARG A 1 8  ? 0.871   7.097   2.340  1.00 0.00 ? 8  ARG A CG   1 
ATOM   143  C CD   . ARG A 1 8  ? 1.699   7.478   3.579  1.00 0.00 ? 8  ARG A CD   1 
ATOM   144  N NE   . ARG A 1 8  ? 1.468   8.926   3.847  1.00 0.00 ? 8  ARG A NE   1 
ATOM   145  C CZ   . ARG A 1 8  ? 1.636   9.544   5.014  1.00 0.00 ? 8  ARG A CZ   1 
ATOM   146  N NH1  . ARG A 1 8  ? 2.064   8.948   6.099  1.00 0.00 ? 8  ARG A NH1  1 
ATOM   147  N NH2  . ARG A 1 8  ? 1.356   10.814  5.079  1.00 0.00 ? 8  ARG A NH2  1 
ATOM   148  H H    . ARG A 1 8  ? -0.293  3.070   1.339  1.00 0.00 ? 8  ARG A H    1 
ATOM   149  H HA   . ARG A 1 8  ? -0.893  5.378   1.114  1.00 0.00 ? 8  ARG A HA   1 
ATOM   150  H HB2  . ARG A 1 8  ? 1.008   4.970   2.730  1.00 0.00 ? 8  ARG A HB2  1 
ATOM   151  H HB3  . ARG A 1 8  ? 2.141   5.517   1.506  1.00 0.00 ? 8  ARG A HB3  1 
ATOM   152  H HG2  . ARG A 1 8  ? 1.108   7.790   1.510  1.00 0.00 ? 8  ARG A HG2  1 
ATOM   153  H HG3  . ARG A 1 8  ? -0.206  7.251   2.556  1.00 0.00 ? 8  ARG A HG3  1 
ATOM   154  H HD2  . ARG A 1 8  ? 1.400   6.834   4.431  1.00 0.00 ? 8  ARG A HD2  1 
ATOM   155  H HD3  . ARG A 1 8  ? 2.778   7.286   3.398  1.00 0.00 ? 8  ARG A HD3  1 
ATOM   156  H HE   . ARG A 1 8  ? 1.151   9.540   3.092  1.00 0.00 ? 8  ARG A HE   1 
ATOM   157  H HH11 . ARG A 1 8  ? 2.286   7.958   5.976  1.00 0.00 ? 8  ARG A HH11 1 
ATOM   158  H HH12 . ARG A 1 8  ? 2.161   9.500   6.953  1.00 0.00 ? 8  ARG A HH12 1 
ATOM   159  H HH21 . ARG A 1 8  ? 1.028   11.259  4.219  1.00 0.00 ? 8  ARG A HH21 1 
ATOM   160  H HH22 . ARG A 1 8  ? 1.486   11.276  5.981  1.00 0.00 ? 8  ARG A HH22 1 
ATOM   161  N N    . LYS A 1 9  ? -0.551  5.460   -1.659 1.00 0.00 ? 9  LYS A N    1 
ATOM   162  C CA   . LYS A 1 9  ? -0.676  6.114   -3.003 1.00 0.00 ? 9  LYS A CA   1 
ATOM   163  C C    . LYS A 1 9  ? -2.155  6.048   -3.540 1.00 0.00 ? 9  LYS A C    1 
ATOM   164  O O    . LYS A 1 9  ? -2.416  5.738   -4.705 1.00 0.00 ? 9  LYS A O    1 
ATOM   165  C CB   . LYS A 1 9  ? 0.390   5.492   -3.961 1.00 0.00 ? 9  LYS A CB   1 
ATOM   166  C CG   . LYS A 1 9  ? 1.797   6.130   -3.847 1.00 0.00 ? 9  LYS A CG   1 
ATOM   167  C CD   . LYS A 1 9  ? 2.872   5.509   -4.762 1.00 0.00 ? 9  LYS A CD   1 
ATOM   168  C CE   . LYS A 1 9  ? 2.798   5.971   -6.228 1.00 0.00 ? 9  LYS A CE   1 
ATOM   169  N NZ   . LYS A 1 9  ? 3.931   5.405   -6.989 1.00 0.00 ? 9  LYS A NZ   1 
ATOM   170  H H    . LYS A 1 9  ? -0.997  4.564   -1.446 1.00 0.00 ? 9  LYS A H    1 
ATOM   171  H HA   . LYS A 1 9  ? -0.468  7.200   -2.923 1.00 0.00 ? 9  LYS A HA   1 
ATOM   172  H HB2  . LYS A 1 9  ? 0.461   4.397   -3.803 1.00 0.00 ? 9  LYS A HB2  1 
ATOM   173  H HB3  . LYS A 1 9  ? 0.060   5.594   -5.013 1.00 0.00 ? 9  LYS A HB3  1 
ATOM   174  H HG2  . LYS A 1 9  ? 1.736   7.221   -4.030 1.00 0.00 ? 9  LYS A HG2  1 
ATOM   175  H HG3  . LYS A 1 9  ? 2.146   6.039   -2.801 1.00 0.00 ? 9  LYS A HG3  1 
ATOM   176  H HD2  . LYS A 1 9  ? 3.865   5.783   -4.355 1.00 0.00 ? 9  LYS A HD2  1 
ATOM   177  H HD3  . LYS A 1 9  ? 2.832   4.404   -4.694 1.00 0.00 ? 9  LYS A HD3  1 
ATOM   178  H HE2  . LYS A 1 9  ? 1.839   5.669   -6.691 1.00 0.00 ? 9  LYS A HE2  1 
ATOM   179  H HE3  . LYS A 1 9  ? 2.834   7.077   -6.285 1.00 0.00 ? 9  LYS A HE3  1 
ATOM   180  H HZ1  . LYS A 1 9  ? 3.891   4.379   -7.001 1.00 0.00 ? 9  LYS A HZ1  1 
ATOM   181  H HZ2  . LYS A 1 9  ? 3.911   5.699   -7.973 1.00 0.00 ? 9  LYS A HZ2  1 
ATOM   182  N N    . VAL A 1 10 ? -3.125  6.366   -2.663 1.00 0.00 ? 10 VAL A N    1 
ATOM   183  C CA   . VAL A 1 10 ? -4.596  6.238   -2.923 1.00 0.00 ? 10 VAL A CA   1 
ATOM   184  C C    . VAL A 1 10 ? -5.411  7.020   -1.831 1.00 0.00 ? 10 VAL A C    1 
ATOM   185  O O    . VAL A 1 10 ? -6.197  7.908   -2.168 1.00 0.00 ? 10 VAL A O    1 
ATOM   186  C CB   . VAL A 1 10 ? -5.055  4.751   -3.172 1.00 0.00 ? 10 VAL A CB   1 
ATOM   187  C CG1  . VAL A 1 10 ? -4.865  3.763   -1.995 1.00 0.00 ? 10 VAL A CG1  1 
ATOM   188  C CG2  . VAL A 1 10 ? -6.506  4.648   -3.685 1.00 0.00 ? 10 VAL A CG2  1 
ATOM   189  H H    . VAL A 1 10 ? -2.741  6.521   -1.726 1.00 0.00 ? 10 VAL A H    1 
ATOM   190  H HA   . VAL A 1 10 ? -4.793  6.784   -3.867 1.00 0.00 ? 10 VAL A HA   1 
ATOM   191  H HB   . VAL A 1 10 ? -4.421  4.366   -3.994 1.00 0.00 ? 10 VAL A HB   1 
ATOM   192  H HG11 . VAL A 1 10 ? -3.829  3.778   -1.610 1.00 0.00 ? 10 VAL A HG11 1 
ATOM   193  H HG12 . VAL A 1 10 ? -5.540  3.979   -1.147 1.00 0.00 ? 10 VAL A HG12 1 
ATOM   194  H HG13 . VAL A 1 10 ? -5.067  2.721   -2.306 1.00 0.00 ? 10 VAL A HG13 1 
ATOM   195  H HG21 . VAL A 1 10 ? -7.244  4.964   -2.924 1.00 0.00 ? 10 VAL A HG21 1 
ATOM   196  H HG22 . VAL A 1 10 ? -6.670  5.281   -4.578 1.00 0.00 ? 10 VAL A HG22 1 
ATOM   197  H HG23 . VAL A 1 10 ? -6.766  3.614   -3.982 1.00 0.00 ? 10 VAL A HG23 1 
ATOM   198  N N    . ARG A 1 11 ? -5.224  6.693   -0.535 1.00 0.00 ? 11 ARG A N    1 
ATOM   199  C CA   . ARG A 1 11 ? -5.853  7.404   0.605  1.00 0.00 ? 11 ARG A CA   1 
ATOM   200  C C    . ARG A 1 11 ? -4.742  7.727   1.646  1.00 0.00 ? 11 ARG A C    1 
ATOM   201  O O    . ARG A 1 11 ? -4.146  6.845   2.266  1.00 0.00 ? 11 ARG A O    1 
ATOM   202  C CB   . ARG A 1 11 ? -6.978  6.513   1.212  1.00 0.00 ? 11 ARG A CB   1 
ATOM   203  C CG   . ARG A 1 11 ? -8.393  6.711   0.593  1.00 0.00 ? 11 ARG A CG   1 
ATOM   204  C CD   . ARG A 1 11 ? -9.469  7.167   1.602  1.00 0.00 ? 11 ARG A CD   1 
ATOM   205  N NE   . ARG A 1 11 ? -9.818  6.073   2.551  1.00 0.00 ? 11 ARG A NE   1 
ATOM   206  C CZ   . ARG A 1 11 ? -10.381 6.237   3.754  1.00 0.00 ? 11 ARG A CZ   1 
ATOM   207  N NH1  . ARG A 1 11 ? -10.757 7.397   4.249  1.00 0.00 ? 11 ARG A NH1  1 
ATOM   208  N NH2  . ARG A 1 11 ? -10.581 5.187   4.508  1.00 0.00 ? 11 ARG A NH2  1 
ATOM   209  H H    . ARG A 1 11 ? -4.575  5.914   -0.398 1.00 0.00 ? 11 ARG A H    1 
ATOM   210  H HA   . ARG A 1 11 ? -6.303  8.364   0.272  1.00 0.00 ? 11 ARG A HA   1 
ATOM   211  H HB2  . ARG A 1 11 ? -6.695  5.444   1.155  1.00 0.00 ? 11 ARG A HB2  1 
ATOM   212  H HB3  . ARG A 1 11 ? -7.028  6.696   2.304  1.00 0.00 ? 11 ARG A HB3  1 
ATOM   213  H HG2  . ARG A 1 11 ? -8.349  7.463   -0.221 1.00 0.00 ? 11 ARG A HG2  1 
ATOM   214  H HG3  . ARG A 1 11 ? -8.708  5.792   0.061  1.00 0.00 ? 11 ARG A HG3  1 
ATOM   215  H HD2  . ARG A 1 11 ? -9.106  8.072   2.132  1.00 0.00 ? 11 ARG A HD2  1 
ATOM   216  H HD3  . ARG A 1 11 ? -10.379 7.488   1.056  1.00 0.00 ? 11 ARG A HD3  1 
ATOM   217  H HE   . ARG A 1 11 ? -9.590  5.097   2.360  1.00 0.00 ? 11 ARG A HE   1 
ATOM   218  H HH11 . ARG A 1 11 ? -10.611 8.224   3.661  1.00 0.00 ? 11 ARG A HH11 1 
ATOM   219  H HH12 . ARG A 1 11 ? -11.175 7.385   5.183  1.00 0.00 ? 11 ARG A HH12 1 
ATOM   220  H HH21 . ARG A 1 11 ? -10.314 4.252   4.185  1.00 0.00 ? 11 ARG A HH21 1 
ATOM   221  H HH22 . ARG A 1 11 ? -11.015 5.387   5.414  1.00 0.00 ? 11 ARG A HH22 1 
HETATM 222  N N    . NH2 A 1 12 ? -4.438  8.995   1.889  1.00 0.00 ? 12 NH2 A N    1 
HETATM 223  H HN1  . NH2 A 1 12 ? -4.916  9.712   1.331  1.00 0.00 ? 12 NH2 A HN1  1 
HETATM 224  H HN2  . NH2 A 1 12 ? -3.722  9.150   2.606  1.00 0.00 ? 12 NH2 A HN2  1 
ATOM   225  N N    . PHE A 1 1  ? -4.493  -8.094  -2.865 1.00 0.00 ? 1  PHE A N    2 
ATOM   226  C CA   . PHE A 1 1  ? -3.045  -8.404  -2.782 1.00 0.00 ? 1  PHE A CA   2 
ATOM   227  C C    . PHE A 1 1  ? -2.531  -8.550  -1.313 1.00 0.00 ? 1  PHE A C    2 
ATOM   228  O O    . PHE A 1 1  ? -2.853  -7.747  -0.432 1.00 0.00 ? 1  PHE A O    2 
ATOM   229  C CB   . PHE A 1 1  ? -2.198  -7.435  -3.667 1.00 0.00 ? 1  PHE A CB   2 
ATOM   230  C CG   . PHE A 1 1  ? -2.392  -5.896  -3.598 1.00 0.00 ? 1  PHE A CG   2 
ATOM   231  C CD1  . PHE A 1 1  ? -2.255  -5.189  -2.397 1.00 0.00 ? 1  PHE A CD1  2 
ATOM   232  C CD2  . PHE A 1 1  ? -2.645  -5.184  -4.776 1.00 0.00 ? 1  PHE A CD2  2 
ATOM   233  C CE1  . PHE A 1 1  ? -2.375  -3.801  -2.375 1.00 0.00 ? 1  PHE A CE1  2 
ATOM   234  C CE2  . PHE A 1 1  ? -2.765  -3.795  -4.754 1.00 0.00 ? 1  PHE A CE2  2 
ATOM   235  C CZ   . PHE A 1 1  ? -2.630  -3.106  -3.551 1.00 0.00 ? 1  PHE A CZ   2 
ATOM   236  H H1   . PHE A 1 1  ? -4.680  -7.198  -2.398 1.00 0.00 ? 1  PHE A H1   2 
ATOM   237  H H2   . PHE A 1 1  ? -4.770  -7.949  -3.842 1.00 0.00 ? 1  PHE A H2   2 
ATOM   238  H HA   . PHE A 1 1  ? -2.940  -9.403  -3.250 1.00 0.00 ? 1  PHE A HA   2 
ATOM   239  H HB2  . PHE A 1 1  ? -1.126  -7.645  -3.497 1.00 0.00 ? 1  PHE A HB2  2 
ATOM   240  H HB3  . PHE A 1 1  ? -2.344  -7.765  -4.714 1.00 0.00 ? 1  PHE A HB3  2 
ATOM   241  H HD1  . PHE A 1 1  ? -2.038  -5.701  -1.477 1.00 0.00 ? 1  PHE A HD1  2 
ATOM   242  H HD2  . PHE A 1 1  ? -2.742  -5.700  -5.721 1.00 0.00 ? 1  PHE A HD2  2 
ATOM   243  H HE1  . PHE A 1 1  ? -2.262  -3.267  -1.440 1.00 0.00 ? 1  PHE A HE1  2 
ATOM   244  H HE2  . PHE A 1 1  ? -2.960  -3.254  -5.668 1.00 0.00 ? 1  PHE A HE2  2 
ATOM   245  H HZ   . PHE A 1 1  ? -2.722  -2.030  -3.533 1.00 0.00 ? 1  PHE A HZ   2 
ATOM   246  N N    . GLN A 1 2  ? -1.664  -9.552  -1.053 1.00 0.00 ? 2  GLN A N    2 
ATOM   247  C CA   . GLN A 1 2  ? -1.012  -9.738  0.285  1.00 0.00 ? 2  GLN A CA   2 
ATOM   248  C C    . GLN A 1 2  ? 0.305   -8.909  0.525  1.00 0.00 ? 2  GLN A C    2 
ATOM   249  O O    . GLN A 1 2  ? 1.284   -9.401  1.090  1.00 0.00 ? 2  GLN A O    2 
ATOM   250  C CB   . GLN A 1 2  ? -0.902  -11.271 0.548  1.00 0.00 ? 2  GLN A CB   2 
ATOM   251  C CG   . GLN A 1 2  ? 0.107   -12.103 -0.301 1.00 0.00 ? 2  GLN A CG   2 
ATOM   252  C CD   . GLN A 1 2  ? 1.422   -12.481 0.403  1.00 0.00 ? 2  GLN A CD   2 
ATOM   253  O OE1  . GLN A 1 2  ? 1.447   -12.975 1.525  1.00 0.00 ? 2  GLN A OE1  2 
ATOM   254  N NE2  . GLN A 1 2  ? 2.555   -12.314 -0.236 1.00 0.00 ? 2  GLN A NE2  2 
ATOM   255  H H    . GLN A 1 2  ? -1.489  -10.193 -1.832 1.00 0.00 ? 2  GLN A H    2 
ATOM   256  H HA   . GLN A 1 2  ? -1.707  -9.371  1.068  1.00 0.00 ? 2  GLN A HA   2 
ATOM   257  H HB2  . GLN A 1 2  ? -0.695  -11.425 1.626  1.00 0.00 ? 2  GLN A HB2  2 
ATOM   258  H HB3  . GLN A 1 2  ? -1.908  -11.717 0.428  1.00 0.00 ? 2  GLN A HB3  2 
ATOM   259  H HG2  . GLN A 1 2  ? -0.370  -13.059 -0.583 1.00 0.00 ? 2  GLN A HG2  2 
ATOM   260  H HG3  . GLN A 1 2  ? 0.305   -11.600 -1.266 1.00 0.00 ? 2  GLN A HG3  2 
ATOM   261  H HE21 . GLN A 1 2  ? 2.517   -11.875 -1.159 1.00 0.00 ? 2  GLN A HE21 2 
ATOM   262  H HE22 . GLN A 1 2  ? 3.377   -12.585 0.310  1.00 0.00 ? 2  GLN A HE22 2 
ATOM   263  N N    . TRP A 1 3  ? 0.309   -7.619  0.143  1.00 0.00 ? 3  TRP A N    2 
ATOM   264  C CA   . TRP A 1 3  ? 1.430   -6.676  0.409  1.00 0.00 ? 3  TRP A CA   2 
ATOM   265  C C    . TRP A 1 3  ? 0.887   -5.217  0.538  1.00 0.00 ? 3  TRP A C    2 
ATOM   266  O O    . TRP A 1 3  ? -0.129  -4.857  -0.066 1.00 0.00 ? 3  TRP A O    2 
ATOM   267  C CB   . TRP A 1 3  ? 2.583   -6.851  -0.638 1.00 0.00 ? 3  TRP A CB   2 
ATOM   268  C CG   . TRP A 1 3  ? 2.572   -6.021  -1.943 1.00 0.00 ? 3  TRP A CG   2 
ATOM   269  C CD1  . TRP A 1 3  ? 1.456   -5.737  -2.762 1.00 0.00 ? 3  TRP A CD1  2 
ATOM   270  C CD2  . TRP A 1 3  ? 3.628   -5.332  -2.520 1.00 0.00 ? 3  TRP A CD2  2 
ATOM   271  N NE1  . TRP A 1 3  ? 1.781   -4.871  -3.823 1.00 0.00 ? 3  TRP A NE1  2 
ATOM   272  C CE2  . TRP A 1 3  ? 3.135   -4.637  -3.655 1.00 0.00 ? 3  TRP A CE2  2 
ATOM   273  C CE3  . TRP A 1 3  ? 4.997   -5.226  -2.156 1.00 0.00 ? 3  TRP A CE3  2 
ATOM   274  C CZ2  . TRP A 1 3  ? 4.003   -3.835  -4.430 1.00 0.00 ? 3  TRP A CZ2  2 
ATOM   275  C CZ3  . TRP A 1 3  ? 5.836   -4.436  -2.942 1.00 0.00 ? 3  TRP A CZ3  2 
ATOM   276  C CH2  . TRP A 1 3  ? 5.348   -3.751  -4.062 1.00 0.00 ? 3  TRP A CH2  2 
ATOM   277  H H    . TRP A 1 3  ? -0.598  -7.295  -0.216 1.00 0.00 ? 3  TRP A H    2 
ATOM   278  H HA   . TRP A 1 3  ? 1.851   -6.942  1.401  1.00 0.00 ? 3  TRP A HA   2 
ATOM   279  H HB2  . TRP A 1 3  ? 3.527   -6.632  -0.108 1.00 0.00 ? 3  TRP A HB2  2 
ATOM   280  H HB3  . TRP A 1 3  ? 2.691   -7.919  -0.908 1.00 0.00 ? 3  TRP A HB3  2 
ATOM   281  H HD1  . TRP A 1 3  ? 0.456   -6.076  -2.547 1.00 0.00 ? 3  TRP A HD1  2 
ATOM   282  H HE1  . TRP A 1 3  ? 1.150   -4.454  -4.516 1.00 0.00 ? 3  TRP A HE1  2 
ATOM   283  H HE3  . TRP A 1 3  ? 5.389   -5.749  -1.295 1.00 0.00 ? 3  TRP A HE3  2 
ATOM   284  H HZ2  . TRP A 1 3  ? 3.633   -3.296  -5.290 1.00 0.00 ? 3  TRP A HZ2  2 
ATOM   285  H HZ3  . TRP A 1 3  ? 6.881   -4.349  -2.680 1.00 0.00 ? 3  TRP A HZ3  2 
ATOM   286  H HH2  . TRP A 1 3  ? 6.022   -3.141  -4.646 1.00 0.00 ? 3  TRP A HH2  2 
ATOM   287  N N    . GLN A 1 4  ? 1.587   -4.348  1.284  1.00 0.00 ? 4  GLN A N    2 
ATOM   288  C CA   . GLN A 1 4  ? 1.277   -2.887  1.285  1.00 0.00 ? 4  GLN A CA   2 
ATOM   289  C C    . GLN A 1 4  ? 2.479   -2.040  1.794  1.00 0.00 ? 4  GLN A C    2 
ATOM   290  O O    . GLN A 1 4  ? 2.967   -1.183  1.057  1.00 0.00 ? 4  GLN A O    2 
ATOM   291  C CB   . GLN A 1 4  ? -0.062  -2.566  2.023  1.00 0.00 ? 4  GLN A CB   2 
ATOM   292  C CG   . GLN A 1 4  ? -0.836  -1.361  1.430  1.00 0.00 ? 4  GLN A CG   2 
ATOM   293  C CD   . GLN A 1 4  ? -2.194  -1.116  2.093  1.00 0.00 ? 4  GLN A CD   2 
ATOM   294  O OE1  . GLN A 1 4  ? -3.246  -1.480  1.583  1.00 0.00 ? 4  GLN A OE1  2 
ATOM   295  N NE2  . GLN A 1 4  ? -2.225  -0.486  3.242  1.00 0.00 ? 4  GLN A NE2  2 
ATOM   296  H H    . GLN A 1 4  ? 2.481   -4.718  1.621  1.00 0.00 ? 4  GLN A H    2 
ATOM   297  H HA   . GLN A 1 4  ? 1.152   -2.593  0.221  1.00 0.00 ? 4  GLN A HA   2 
ATOM   298  H HB2  . GLN A 1 4  ? -0.739  -3.442  1.981  1.00 0.00 ? 4  GLN A HB2  2 
ATOM   299  H HB3  . GLN A 1 4  ? 0.114   -2.419  3.106  1.00 0.00 ? 4  GLN A HB3  2 
ATOM   300  H HG2  . GLN A 1 4  ? -0.227  -0.438  1.455  1.00 0.00 ? 4  GLN A HG2  2 
ATOM   301  H HG3  . GLN A 1 4  ? -1.029  -1.548  0.356  1.00 0.00 ? 4  GLN A HG3  2 
ATOM   302  H HE21 . GLN A 1 4  ? -1.326  -0.238  3.662  1.00 0.00 ? 4  GLN A HE21 2 
ATOM   303  H HE22 . GLN A 1 4  ? -3.155  -0.444  3.663  1.00 0.00 ? 4  GLN A HE22 2 
ATOM   304  N N    . ARG A 1 5  ? 2.931   -2.245  3.053  1.00 0.00 ? 5  ARG A N    2 
ATOM   305  C CA   . ARG A 1 5  ? 4.093   -1.516  3.663  1.00 0.00 ? 5  ARG A CA   2 
ATOM   306  C C    . ARG A 1 5  ? 4.079   0.064   3.677  1.00 0.00 ? 5  ARG A C    2 
ATOM   307  O O    . ARG A 1 5  ? 5.124   0.689   3.866  1.00 0.00 ? 5  ARG A O    2 
ATOM   308  C CB   . ARG A 1 5  ? 5.421   -2.134  3.110  1.00 0.00 ? 5  ARG A CB   2 
ATOM   309  C CG   . ARG A 1 5  ? 6.559   -2.384  4.133  1.00 0.00 ? 5  ARG A CG   2 
ATOM   310  C CD   . ARG A 1 5  ? 6.366   -3.614  5.054  1.00 0.00 ? 5  ARG A CD   2 
ATOM   311  N NE   . ARG A 1 5  ? 5.791   -3.238  6.377  1.00 0.00 ? 5  ARG A NE   2 
ATOM   312  C CZ   . ARG A 1 5  ? 5.558   -4.084  7.383  1.00 0.00 ? 5  ARG A CZ   2 
ATOM   313  N NH1  . ARG A 1 5  ? 5.736   -5.380  7.300  1.00 0.00 ? 5  ARG A NH1  2 
ATOM   314  N NH2  . ARG A 1 5  ? 5.133   -3.597  8.514  1.00 0.00 ? 5  ARG A NH2  2 
ATOM   315  H H    . ARG A 1 5  ? 2.447   -3.010  3.537  1.00 0.00 ? 5  ARG A H    2 
ATOM   316  H HA   . ARG A 1 5  ? 4.039   -1.773  4.736  1.00 0.00 ? 5  ARG A HA   2 
ATOM   317  H HB2  . ARG A 1 5  ? 5.239   -3.084  2.568  1.00 0.00 ? 5  ARG A HB2  2 
ATOM   318  H HB3  . ARG A 1 5  ? 5.804   -1.470  2.308  1.00 0.00 ? 5  ARG A HB3  2 
ATOM   319  H HG2  . ARG A 1 5  ? 7.484   -2.556  3.548  1.00 0.00 ? 5  ARG A HG2  2 
ATOM   320  H HG3  . ARG A 1 5  ? 6.788   -1.462  4.704  1.00 0.00 ? 5  ARG A HG3  2 
ATOM   321  H HD2  . ARG A 1 5  ? 5.739   -4.379  4.547  1.00 0.00 ? 5  ARG A HD2  2 
ATOM   322  H HD3  . ARG A 1 5  ? 7.353   -4.099  5.206  1.00 0.00 ? 5  ARG A HD3  2 
ATOM   323  H HE   . ARG A 1 5  ? 5.622   -2.255  6.608  1.00 0.00 ? 5  ARG A HE   2 
ATOM   324  H HH11 . ARG A 1 5  ? 6.071   -5.702  6.391  1.00 0.00 ? 5  ARG A HH11 2 
ATOM   325  H HH12 . ARG A 1 5  ? 5.539   -5.955  8.122  1.00 0.00 ? 5  ARG A HH12 2 
ATOM   326  H HH21 . ARG A 1 5  ? 5.011   -2.584  8.568  1.00 0.00 ? 5  ARG A HH21 2 
ATOM   327  H HH22 . ARG A 1 5  ? 4.973   -4.260  9.274  1.00 0.00 ? 5  ARG A HH22 2 
ATOM   328  N N    . ASN A 1 6  ? 2.904   0.704   3.485  1.00 0.00 ? 6  ASN A N    2 
ATOM   329  C CA   . ASN A 1 6  ? 2.775   2.155   3.145  1.00 0.00 ? 6  ASN A CA   2 
ATOM   330  C C    . ASN A 1 6  ? 3.571   2.632   1.877  1.00 0.00 ? 6  ASN A C    2 
ATOM   331  O O    . ASN A 1 6  ? 4.498   3.441   1.967  1.00 0.00 ? 6  ASN A O    2 
ATOM   332  C CB   . ASN A 1 6  ? 2.931   3.049   4.414  1.00 0.00 ? 6  ASN A CB   2 
ATOM   333  C CG   . ASN A 1 6  ? 1.626   3.271   5.191  1.00 0.00 ? 6  ASN A CG   2 
ATOM   334  O OD1  . ASN A 1 6  ? 1.055   2.364   5.783  1.00 0.00 ? 6  ASN A OD1  2 
ATOM   335  N ND2  . ASN A 1 6  ? 1.094   4.471   5.188  1.00 0.00 ? 6  ASN A ND2  2 
ATOM   336  H H    . ASN A 1 6  ? 2.131   0.046   3.354  1.00 0.00 ? 6  ASN A H    2 
ATOM   337  H HA   . ASN A 1 6  ? 1.720   2.276   2.823  1.00 0.00 ? 6  ASN A HA   2 
ATOM   338  H HB2  . ASN A 1 6  ? 3.673   2.613   5.104  1.00 0.00 ? 6  ASN A HB2  2 
ATOM   339  H HB3  . ASN A 1 6  ? 3.373   4.025   4.140  1.00 0.00 ? 6  ASN A HB3  2 
ATOM   340  H HD21 . ASN A 1 6  ? 1.615   5.214   4.712  1.00 0.00 ? 6  ASN A HD21 2 
ATOM   341  H HD22 . ASN A 1 6  ? 0.231   4.552   5.732  1.00 0.00 ? 6  ASN A HD22 2 
ATOM   342  N N    . ILE A 1 7  ? 3.150   2.168   0.681  1.00 0.00 ? 7  ILE A N    2 
ATOM   343  C CA   . ILE A 1 7  ? 3.709   2.649   -0.625 1.00 0.00 ? 7  ILE A CA   2 
ATOM   344  C C    . ILE A 1 7  ? 2.985   3.984   -1.026 1.00 0.00 ? 7  ILE A C    2 
ATOM   345  O O    . ILE A 1 7  ? 3.491   5.060   -0.695 1.00 0.00 ? 7  ILE A O    2 
ATOM   346  C CB   . ILE A 1 7  ? 3.737   1.481   -1.688 1.00 0.00 ? 7  ILE A CB   2 
ATOM   347  C CG1  . ILE A 1 7  ? 4.719   0.331   -1.302 1.00 0.00 ? 7  ILE A CG1  2 
ATOM   348  C CG2  . ILE A 1 7  ? 4.096   1.956   -3.124 1.00 0.00 ? 7  ILE A CG2  2 
ATOM   349  C CD1  . ILE A 1 7  ? 4.370   -1.035  -1.921 1.00 0.00 ? 7  ILE A CD1  2 
ATOM   350  H H    . ILE A 1 7  ? 2.594   1.310   0.757  1.00 0.00 ? 7  ILE A H    2 
ATOM   351  H HA   . ILE A 1 7  ? 4.770   2.939   -0.478 1.00 0.00 ? 7  ILE A HA   2 
ATOM   352  H HB   . ILE A 1 7  ? 2.715   1.052   -1.729 1.00 0.00 ? 7  ILE A HB   2 
ATOM   353  H HG12 . ILE A 1 7  ? 5.760   0.607   -1.557 1.00 0.00 ? 7  ILE A HG12 2 
ATOM   354  H HG13 . ILE A 1 7  ? 4.740   0.193   -0.204 1.00 0.00 ? 7  ILE A HG13 2 
ATOM   355  H HG21 . ILE A 1 7  ? 5.064   2.492   -3.154 1.00 0.00 ? 7  ILE A HG21 2 
ATOM   356  H HG22 . ILE A 1 7  ? 4.170   1.116   -3.840 1.00 0.00 ? 7  ILE A HG22 2 
ATOM   357  H HG23 . ILE A 1 7  ? 3.337   2.635   -3.550 1.00 0.00 ? 7  ILE A HG23 2 
ATOM   358  H HD11 . ILE A 1 7  ? 5.082   -1.816  -1.597 1.00 0.00 ? 7  ILE A HD11 2 
ATOM   359  H HD12 . ILE A 1 7  ? 3.364   -1.383  -1.620 1.00 0.00 ? 7  ILE A HD12 2 
ATOM   360  H HD13 . ILE A 1 7  ? 4.392   -1.020  -3.027 1.00 0.00 ? 7  ILE A HD13 2 
ATOM   361  N N    . ARG A 1 8  ? 1.837   3.937   -1.737 1.00 0.00 ? 8  ARG A N    2 
ATOM   362  C CA   . ARG A 1 8  ? 1.103   5.153   -2.207 1.00 0.00 ? 8  ARG A CA   2 
ATOM   363  C C    . ARG A 1 8  ? -0.327  4.775   -2.726 1.00 0.00 ? 8  ARG A C    2 
ATOM   364  O O    . ARG A 1 8  ? -0.645  4.896   -3.912 1.00 0.00 ? 8  ARG A O    2 
ATOM   365  C CB   . ARG A 1 8  ? 1.953   5.977   -3.240 1.00 0.00 ? 8  ARG A CB   2 
ATOM   366  C CG   . ARG A 1 8  ? 2.411   7.365   -2.730 1.00 0.00 ? 8  ARG A CG   2 
ATOM   367  C CD   . ARG A 1 8  ? 3.347   8.126   -3.694 1.00 0.00 ? 8  ARG A CD   2 
ATOM   368  N NE   . ARG A 1 8  ? 4.774   7.700   -3.569 1.00 0.00 ? 8  ARG A NE   2 
ATOM   369  C CZ   . ARG A 1 8  ? 5.401   6.809   -4.339 1.00 0.00 ? 8  ARG A CZ   2 
ATOM   370  N NH1  . ARG A 1 8  ? 4.819   6.138   -5.301 1.00 0.00 ? 8  ARG A NH1  2 
ATOM   371  N NH2  . ARG A 1 8  ? 6.665   6.590   -4.120 1.00 0.00 ? 8  ARG A NH2  2 
ATOM   372  H H    . ARG A 1 8  ? 1.527   2.986   -1.960 1.00 0.00 ? 8  ARG A H    2 
ATOM   373  H HA   . ARG A 1 8  ? 0.929   5.795   -1.319 1.00 0.00 ? 8  ARG A HA   2 
ATOM   374  H HB2  . ARG A 1 8  ? 2.840   5.389   -3.538 1.00 0.00 ? 8  ARG A HB2  2 
ATOM   375  H HB3  . ARG A 1 8  ? 1.404   6.121   -4.190 1.00 0.00 ? 8  ARG A HB3  2 
ATOM   376  H HG2  . ARG A 1 8  ? 1.511   7.982   -2.539 1.00 0.00 ? 8  ARG A HG2  2 
ATOM   377  H HG3  . ARG A 1 8  ? 2.893   7.271   -1.735 1.00 0.00 ? 8  ARG A HG3  2 
ATOM   378  H HD2  . ARG A 1 8  ? 2.970   8.097   -4.736 1.00 0.00 ? 8  ARG A HD2  2 
ATOM   379  H HD3  . ARG A 1 8  ? 3.302   9.201   -3.431 1.00 0.00 ? 8  ARG A HD3  2 
ATOM   380  H HE   . ARG A 1 8  ? 5.371   8.100   -2.840 1.00 0.00 ? 8  ARG A HE   2 
ATOM   381  H HH11 . ARG A 1 8  ? 3.819   6.327   -5.389 1.00 0.00 ? 8  ARG A HH11 2 
ATOM   382  H HH12 . ARG A 1 8  ? 5.367   5.454   -5.825 1.00 0.00 ? 8  ARG A HH12 2 
ATOM   383  H HH21 . ARG A 1 8  ? 7.107   7.128   -3.373 1.00 0.00 ? 8  ARG A HH21 2 
ATOM   384  H HH22 . ARG A 1 8  ? 7.131   5.907   -4.720 1.00 0.00 ? 8  ARG A HH22 2 
ATOM   385  N N    . LYS A 1 9  ? -1.212  4.354   -1.808 1.00 0.00 ? 9  LYS A N    2 
ATOM   386  C CA   . LYS A 1 9  ? -2.671  4.176   -2.090 1.00 0.00 ? 9  LYS A CA   2 
ATOM   387  C C    . LYS A 1 9  ? -3.525  5.485   -1.986 1.00 0.00 ? 9  LYS A C    2 
ATOM   388  O O    . LYS A 1 9  ? -4.382  5.729   -2.839 1.00 0.00 ? 9  LYS A O    2 
ATOM   389  C CB   . LYS A 1 9  ? -3.237  3.007   -1.229 1.00 0.00 ? 9  LYS A CB   2 
ATOM   390  C CG   . LYS A 1 9  ? -3.081  3.112   0.312  1.00 0.00 ? 9  LYS A CG   2 
ATOM   391  C CD   . LYS A 1 9  ? -3.774  1.992   1.107  1.00 0.00 ? 9  LYS A CD   2 
ATOM   392  C CE   . LYS A 1 9  ? -5.291  2.184   1.268  1.00 0.00 ? 9  LYS A CE   2 
ATOM   393  N NZ   . LYS A 1 9  ? -5.826  1.155   2.179  1.00 0.00 ? 9  LYS A NZ   2 
ATOM   394  H H    . LYS A 1 9  ? -0.819  4.200   -0.875 1.00 0.00 ? 9  LYS A H    2 
ATOM   395  H HA   . LYS A 1 9  ? -2.788  3.847   -3.143 1.00 0.00 ? 9  LYS A HA   2 
ATOM   396  H HB2  . LYS A 1 9  ? -4.309  2.881   -1.478 1.00 0.00 ? 9  LYS A HB2  2 
ATOM   397  H HB3  . LYS A 1 9  ? -2.771  2.061   -1.568 1.00 0.00 ? 9  LYS A HB3  2 
ATOM   398  H HG2  . LYS A 1 9  ? -2.004  3.086   0.561  1.00 0.00 ? 9  LYS A HG2  2 
ATOM   399  H HG3  . LYS A 1 9  ? -3.436  4.091   0.682  1.00 0.00 ? 9  LYS A HG3  2 
ATOM   400  H HD2  . LYS A 1 9  ? -3.559  1.011   0.642  1.00 0.00 ? 9  LYS A HD2  2 
ATOM   401  H HD3  . LYS A 1 9  ? -3.304  1.951   2.108  1.00 0.00 ? 9  LYS A HD3  2 
ATOM   402  H HE2  . LYS A 1 9  ? -5.524  3.191   1.669  1.00 0.00 ? 9  LYS A HE2  2 
ATOM   403  H HE3  . LYS A 1 9  ? -5.803  2.119   0.289  1.00 0.00 ? 9  LYS A HE3  2 
ATOM   404  H HZ1  . LYS A 1 9  ? -5.512  0.221   1.886  1.00 0.00 ? 9  LYS A HZ1  2 
ATOM   405  H HZ2  . LYS A 1 9  ? -5.451  1.282   3.126  1.00 0.00 ? 9  LYS A HZ2  2 
ATOM   406  N N    . VAL A 1 10 ? -3.307  6.306   -0.943 1.00 0.00 ? 10 VAL A N    2 
ATOM   407  C CA   . VAL A 1 10 ? -4.086  7.547   -0.677 1.00 0.00 ? 10 VAL A CA   2 
ATOM   408  C C    . VAL A 1 10 ? -3.042  8.707   -0.563 1.00 0.00 ? 10 VAL A C    2 
ATOM   409  O O    . VAL A 1 10 ? -2.548  9.014   0.526  1.00 0.00 ? 10 VAL A O    2 
ATOM   410  C CB   . VAL A 1 10 ? -5.020  7.343   0.574  1.00 0.00 ? 10 VAL A CB   2 
ATOM   411  C CG1  . VAL A 1 10 ? -5.699  8.646   1.064  1.00 0.00 ? 10 VAL A CG1  2 
ATOM   412  C CG2  . VAL A 1 10 ? -6.135  6.293   0.338  1.00 0.00 ? 10 VAL A CG2  2 
ATOM   413  H H    . VAL A 1 10 ? -2.494  6.038   -0.381 1.00 0.00 ? 10 VAL A H    2 
ATOM   414  H HA   . VAL A 1 10 ? -4.756  7.785   -1.530 1.00 0.00 ? 10 VAL A HA   2 
ATOM   415  H HB   . VAL A 1 10 ? -4.396  6.971   1.412  1.00 0.00 ? 10 VAL A HB   2 
ATOM   416  H HG11 . VAL A 1 10 ? -6.007  9.302   0.228  1.00 0.00 ? 10 VAL A HG11 2 
ATOM   417  H HG12 . VAL A 1 10 ? -6.599  8.466   1.682  1.00 0.00 ? 10 VAL A HG12 2 
ATOM   418  H HG13 . VAL A 1 10 ? -5.009  9.236   1.697  1.00 0.00 ? 10 VAL A HG13 2 
ATOM   419  H HG21 . VAL A 1 10 ? -5.721  5.311   0.041  1.00 0.00 ? 10 VAL A HG21 2 
ATOM   420  H HG22 . VAL A 1 10 ? -6.729  6.109   1.253  1.00 0.00 ? 10 VAL A HG22 2 
ATOM   421  H HG23 . VAL A 1 10 ? -6.838  6.600   -0.457 1.00 0.00 ? 10 VAL A HG23 2 
ATOM   422  N N    . ARG A 1 11 ? -2.696  9.338   -1.704 1.00 0.00 ? 11 ARG A N    2 
ATOM   423  C CA   . ARG A 1 11 ? -1.751  10.490  -1.733 1.00 0.00 ? 11 ARG A CA   2 
ATOM   424  C C    . ARG A 1 11 ? -2.463  11.869  -1.541 1.00 0.00 ? 11 ARG A C    2 
ATOM   425  O O    . ARG A 1 11 ? -2.111  12.632  -0.644 1.00 0.00 ? 11 ARG A O    2 
ATOM   426  C CB   . ARG A 1 11 ? -0.875  10.423  -3.017 1.00 0.00 ? 11 ARG A CB   2 
ATOM   427  C CG   . ARG A 1 11 ? 0.435   11.248  -2.914 1.00 0.00 ? 11 ARG A CG   2 
ATOM   428  C CD   . ARG A 1 11 ? 1.248   11.357  -4.221 1.00 0.00 ? 11 ARG A CD   2 
ATOM   429  N NE   . ARG A 1 11 ? 0.760   12.431  -5.136 1.00 0.00 ? 11 ARG A NE   2 
ATOM   430  C CZ   . ARG A 1 11 ? 1.136   13.718  -5.088 1.00 0.00 ? 11 ARG A CZ   2 
ATOM   431  N NH1  . ARG A 1 11 ? 1.942   14.225  -4.179 1.00 0.00 ? 11 ARG A NH1  2 
ATOM   432  N NH2  . ARG A 1 11 ? 0.683   14.548  -5.992 1.00 0.00 ? 11 ARG A NH2  2 
ATOM   433  H H    . ARG A 1 11 ? -3.045  8.872   -2.548 1.00 0.00 ? 11 ARG A H    2 
ATOM   434  H HA   . ARG A 1 11 ? -1.053  10.384  -0.876 1.00 0.00 ? 11 ARG A HA   2 
ATOM   435  H HB2  . ARG A 1 11 ? -0.599  9.371   -3.232 1.00 0.00 ? 11 ARG A HB2  2 
ATOM   436  H HB3  . ARG A 1 11 ? -1.473  10.743  -3.891 1.00 0.00 ? 11 ARG A HB3  2 
ATOM   437  H HG2  . ARG A 1 11 ? 0.226   12.258  -2.508 1.00 0.00 ? 11 ARG A HG2  2 
ATOM   438  H HG3  . ARG A 1 11 ? 1.073   10.777  -2.139 1.00 0.00 ? 11 ARG A HG3  2 
ATOM   439  H HD2  . ARG A 1 11 ? 2.319   11.514  -3.978 1.00 0.00 ? 11 ARG A HD2  2 
ATOM   440  H HD3  . ARG A 1 11 ? 1.241   10.384  -4.752 1.00 0.00 ? 11 ARG A HD3  2 
ATOM   441  H HE   . ARG A 1 11 ? 0.108   12.259  -5.903 1.00 0.00 ? 11 ARG A HE   2 
ATOM   442  H HH11 . ARG A 1 11 ? 2.281   13.588  -3.452 1.00 0.00 ? 11 ARG A HH11 2 
ATOM   443  H HH12 . ARG A 1 11 ? 2.145   15.226  -4.248 1.00 0.00 ? 11 ARG A HH12 2 
ATOM   444  H HH21 . ARG A 1 11 ? 0.059   14.225  -6.738 1.00 0.00 ? 11 ARG A HH21 2 
ATOM   445  H HH22 . ARG A 1 11 ? 1.017   15.512  -5.890 1.00 0.00 ? 11 ARG A HH22 2 
HETATM 446  N N    . NH2 A 1 12 ? -3.442  12.258  -2.352 1.00 0.00 ? 12 NH2 A N    2 
HETATM 447  H HN1  . NH2 A 1 12 ? -3.800  11.554  -3.004 1.00 0.00 ? 12 NH2 A HN1  2 
HETATM 448  H HN2  . NH2 A 1 12 ? -3.893  13.144  -2.097 1.00 0.00 ? 12 NH2 A HN2  2 
ATOM   449  N N    . PHE A 1 1  ? -4.537  -10.568 -0.554 1.00 0.00 ? 1  PHE A N    3 
ATOM   450  C CA   . PHE A 1 1  ? -4.343  -9.103  -0.723 1.00 0.00 ? 1  PHE A CA   3 
ATOM   451  C C    . PHE A 1 1  ? -2.860  -8.671  -0.948 1.00 0.00 ? 1  PHE A C    3 
ATOM   452  O O    . PHE A 1 1  ? -2.573  -8.021  -1.956 1.00 0.00 ? 1  PHE A O    3 
ATOM   453  C CB   . PHE A 1 1  ? -5.042  -8.314  0.434  1.00 0.00 ? 1  PHE A CB   3 
ATOM   454  C CG   . PHE A 1 1  ? -6.354  -7.593  0.077  1.00 0.00 ? 1  PHE A CG   3 
ATOM   455  C CD1  . PHE A 1 1  ? -6.364  -6.607  -0.919 1.00 0.00 ? 1  PHE A CD1  3 
ATOM   456  C CD2  . PHE A 1 1  ? -7.524  -7.843  0.801  1.00 0.00 ? 1  PHE A CD2  3 
ATOM   457  C CE1  . PHE A 1 1  ? -7.526  -5.884  -1.182 1.00 0.00 ? 1  PHE A CE1  3 
ATOM   458  C CE2  . PHE A 1 1  ? -8.685  -7.117  0.537  1.00 0.00 ? 1  PHE A CE2  3 
ATOM   459  C CZ   . PHE A 1 1  ? -8.682  -6.136  -0.452 1.00 0.00 ? 1  PHE A CZ   3 
ATOM   460  H H1   . PHE A 1 1  ? -4.153  -11.079 -1.358 1.00 0.00 ? 1  PHE A H1   3 
ATOM   461  H H2   . PHE A 1 1  ? -4.033  -10.917 0.267  1.00 0.00 ? 1  PHE A H2   3 
ATOM   462  H HA   . PHE A 1 1  ? -4.850  -8.848  -1.674 1.00 0.00 ? 1  PHE A HA   3 
ATOM   463  H HB2  . PHE A 1 1  ? -5.188  -8.971  1.316  1.00 0.00 ? 1  PHE A HB2  3 
ATOM   464  H HB3  . PHE A 1 1  ? -4.364  -7.533  0.832  1.00 0.00 ? 1  PHE A HB3  3 
ATOM   465  H HD1  . PHE A 1 1  ? -5.466  -6.388  -1.477 1.00 0.00 ? 1  PHE A HD1  3 
ATOM   466  H HD2  . PHE A 1 1  ? -7.536  -8.587  1.584  1.00 0.00 ? 1  PHE A HD2  3 
ATOM   467  H HE1  . PHE A 1 1  ? -7.523  -5.118  -1.946 1.00 0.00 ? 1  PHE A HE1  3 
ATOM   468  H HE2  . PHE A 1 1  ? -9.583  -7.305  1.107  1.00 0.00 ? 1  PHE A HE2  3 
ATOM   469  H HZ   . PHE A 1 1  ? -9.579  -5.567  -0.650 1.00 0.00 ? 1  PHE A HZ   3 
ATOM   470  N N    . GLN A 1 2  ? -1.942  -8.957  0.003  1.00 0.00 ? 2  GLN A N    3 
ATOM   471  C CA   . GLN A 1 2  ? -0.542  -8.420  0.010  1.00 0.00 ? 2  GLN A CA   3 
ATOM   472  C C    . GLN A 1 2  ? -0.446  -6.855  0.067  1.00 0.00 ? 2  GLN A C    3 
ATOM   473  O O    . GLN A 1 2  ? -0.019  -6.194  -0.884 1.00 0.00 ? 2  GLN A O    3 
ATOM   474  C CB   . GLN A 1 2  ? 0.362   -9.063  -1.086 1.00 0.00 ? 2  GLN A CB   3 
ATOM   475  C CG   . GLN A 1 2  ? 0.733   -10.551 -0.852 1.00 0.00 ? 2  GLN A CG   3 
ATOM   476  C CD   . GLN A 1 2  ? 1.696   -11.153 -1.886 1.00 0.00 ? 2  GLN A CD   3 
ATOM   477  O OE1  . GLN A 1 2  ? 2.422   -10.481 -2.612 1.00 0.00 ? 2  GLN A OE1  3 
ATOM   478  N NE2  . GLN A 1 2  ? 1.766   -12.459 -1.961 1.00 0.00 ? 2  GLN A NE2  3 
ATOM   479  H H    . GLN A 1 2  ? -2.311  -9.543  0.758  1.00 0.00 ? 2  GLN A H    3 
ATOM   480  H HA   . GLN A 1 2  ? -0.097  -8.751  0.968  1.00 0.00 ? 2  GLN A HA   3 
ATOM   481  H HB2  . GLN A 1 2  ? -0.110  -8.938  -2.080 1.00 0.00 ? 2  GLN A HB2  3 
ATOM   482  H HB3  . GLN A 1 2  ? 1.305   -8.486  -1.158 1.00 0.00 ? 2  GLN A HB3  3 
ATOM   483  H HG2  . GLN A 1 2  ? 1.203   -10.662 0.143  1.00 0.00 ? 2  GLN A HG2  3 
ATOM   484  H HG3  . GLN A 1 2  ? -0.196  -11.151 -0.816 1.00 0.00 ? 2  GLN A HG3  3 
ATOM   485  H HE21 . GLN A 1 2  ? 1.175   -13.000 -1.326 1.00 0.00 ? 2  GLN A HE21 3 
ATOM   486  H HE22 . GLN A 1 2  ? 2.438   -12.799 -2.655 1.00 0.00 ? 2  GLN A HE22 3 
ATOM   487  N N    . TRP A 1 3  ? -0.805  -6.265  1.221  1.00 0.00 ? 3  TRP A N    3 
ATOM   488  C CA   . TRP A 1 3  ? -0.676  -4.798  1.455  1.00 0.00 ? 3  TRP A CA   3 
ATOM   489  C C    . TRP A 1 3  ? 0.714   -4.462  2.085  1.00 0.00 ? 3  TRP A C    3 
ATOM   490  O O    . TRP A 1 3  ? 0.855   -4.308  3.302  1.00 0.00 ? 3  TRP A O    3 
ATOM   491  C CB   . TRP A 1 3  ? -1.917  -4.327  2.277  1.00 0.00 ? 3  TRP A CB   3 
ATOM   492  C CG   . TRP A 1 3  ? -3.151  -3.885  1.463  1.00 0.00 ? 3  TRP A CG   3 
ATOM   493  C CD1  . TRP A 1 3  ? -3.580  -4.408  0.221  1.00 0.00 ? 3  TRP A CD1  3 
ATOM   494  C CD2  . TRP A 1 3  ? -4.046  -2.862  1.751  1.00 0.00 ? 3  TRP A CD2  3 
ATOM   495  N NE1  . TRP A 1 3  ? -4.699  -3.722  -0.283 1.00 0.00 ? 3  TRP A NE1  3 
ATOM   496  C CE2  . TRP A 1 3  ? -4.976  -2.777  0.684  1.00 0.00 ? 3  TRP A CE2  3 
ATOM   497  C CE3  . TRP A 1 3  ? -4.139  -1.970  2.852  1.00 0.00 ? 3  TRP A CE3  3 
ATOM   498  C CZ2  . TRP A 1 3  ? -6.000  -1.802  0.708  1.00 0.00 ? 3  TRP A CZ2  3 
ATOM   499  C CZ3  . TRP A 1 3  ? -5.154  -1.011  2.851  1.00 0.00 ? 3  TRP A CZ3  3 
ATOM   500  C CH2  . TRP A 1 3  ? -6.070  -0.928  1.795  1.00 0.00 ? 3  TRP A CH2  3 
ATOM   501  H H    . TRP A 1 3  ? -1.177  -6.899  1.935  1.00 0.00 ? 3  TRP A H    3 
ATOM   502  H HA   . TRP A 1 3  ? -0.715  -4.247  0.490  1.00 0.00 ? 3  TRP A HA   3 
ATOM   503  H HB2  . TRP A 1 3  ? -2.219  -5.081  3.027  1.00 0.00 ? 3  TRP A HB2  3 
ATOM   504  H HB3  . TRP A 1 3  ? -1.615  -3.468  2.895  1.00 0.00 ? 3  TRP A HB3  3 
ATOM   505  H HD1  . TRP A 1 3  ? -3.079  -5.213  -0.298 1.00 0.00 ? 3  TRP A HD1  3 
ATOM   506  H HE1  . TRP A 1 3  ? -5.210  -3.892  -1.156 1.00 0.00 ? 3  TRP A HE1  3 
ATOM   507  H HE3  . TRP A 1 3  ? -3.450  -2.028  3.680  1.00 0.00 ? 3  TRP A HE3  3 
ATOM   508  H HZ2  . TRP A 1 3  ? -6.710  -1.733  -0.102 1.00 0.00 ? 3  TRP A HZ2  3 
ATOM   509  H HZ3  . TRP A 1 3  ? -5.234  -0.322  3.680  1.00 0.00 ? 3  TRP A HZ3  3 
ATOM   510  H HH2  . TRP A 1 3  ? -6.847  -0.177  1.823  1.00 0.00 ? 3  TRP A HH2  3 
ATOM   511  N N    . GLN A 1 4  ? 1.743   -4.363  1.223  1.00 0.00 ? 4  GLN A N    3 
ATOM   512  C CA   . GLN A 1 4  ? 3.146   -4.081  1.640  1.00 0.00 ? 4  GLN A CA   3 
ATOM   513  C C    . GLN A 1 4  ? 3.843   -3.110  0.630  1.00 0.00 ? 4  GLN A C    3 
ATOM   514  O O    . GLN A 1 4  ? 3.541   -3.109  -0.567 1.00 0.00 ? 4  GLN A O    3 
ATOM   515  C CB   . GLN A 1 4  ? 3.930   -5.424  1.793  1.00 0.00 ? 4  GLN A CB   3 
ATOM   516  C CG   . GLN A 1 4  ? 4.875   -5.486  3.027  1.00 0.00 ? 4  GLN A CG   3 
ATOM   517  C CD   . GLN A 1 4  ? 6.335   -5.884  2.760  1.00 0.00 ? 4  GLN A CD   3 
ATOM   518  O OE1  . GLN A 1 4  ? 6.943   -5.568  1.741  1.00 0.00 ? 4  GLN A OE1  3 
ATOM   519  N NE2  . GLN A 1 4  ? 6.964   -6.541  3.706  1.00 0.00 ? 4  GLN A NE2  3 
ATOM   520  H H    . GLN A 1 4  ? 1.503   -4.573  0.246  1.00 0.00 ? 4  GLN A H    3 
ATOM   521  H HA   . GLN A 1 4  ? 3.109   -3.562  2.620  1.00 0.00 ? 4  GLN A HA   3 
ATOM   522  H HB2  . GLN A 1 4  ? 3.232   -6.282  1.874  1.00 0.00 ? 4  GLN A HB2  3 
ATOM   523  H HB3  . GLN A 1 4  ? 4.475   -5.652  0.855  1.00 0.00 ? 4  GLN A HB3  3 
ATOM   524  H HG2  . GLN A 1 4  ? 4.909   -4.517  3.558  1.00 0.00 ? 4  GLN A HG2  3 
ATOM   525  H HG3  . GLN A 1 4  ? 4.422   -6.177  3.765  1.00 0.00 ? 4  GLN A HG3  3 
ATOM   526  H HE21 . GLN A 1 4  ? 6.443   -6.738  4.564  1.00 0.00 ? 4  GLN A HE21 3 
ATOM   527  H HE22 . GLN A 1 4  ? 7.951   -6.730  3.508  1.00 0.00 ? 4  GLN A HE22 3 
ATOM   528  N N    . ARG A 1 5  ? 4.799   -2.296  1.123  1.00 0.00 ? 5  ARG A N    3 
ATOM   529  C CA   . ARG A 1 5  ? 5.508   -1.245  0.321  1.00 0.00 ? 5  ARG A CA   3 
ATOM   530  C C    . ARG A 1 5  ? 4.580   -0.029  -0.009 1.00 0.00 ? 5  ARG A C    3 
ATOM   531  O O    . ARG A 1 5  ? 3.850   -0.045  -1.003 1.00 0.00 ? 5  ARG A O    3 
ATOM   532  C CB   . ARG A 1 5  ? 6.262   -1.747  -0.948 1.00 0.00 ? 5  ARG A CB   3 
ATOM   533  C CG   . ARG A 1 5  ? 7.295   -2.877  -0.734 1.00 0.00 ? 5  ARG A CG   3 
ATOM   534  C CD   . ARG A 1 5  ? 8.105   -3.144  -2.014 1.00 0.00 ? 5  ARG A CD   3 
ATOM   535  N NE   . ARG A 1 5  ? 9.021   -4.296  -1.795 1.00 0.00 ? 5  ARG A NE   3 
ATOM   536  C CZ   . ARG A 1 5  ? 10.105  -4.569  -2.522 1.00 0.00 ? 5  ARG A CZ   3 
ATOM   537  N NH1  . ARG A 1 5  ? 10.531  -3.818  -3.508 1.00 0.00 ? 5  ARG A NH1  3 
ATOM   538  N NH2  . ARG A 1 5  ? 10.783  -5.642  -2.234 1.00 0.00 ? 5  ARG A NH2  3 
ATOM   539  H H    . ARG A 1 5  ? 5.015   -2.459  2.111  1.00 0.00 ? 5  ARG A H    3 
ATOM   540  H HA   . ARG A 1 5  ? 6.310   -0.866  0.983  1.00 0.00 ? 5  ARG A HA   3 
ATOM   541  H HB2  . ARG A 1 5  ? 5.521   -2.070  -1.706 1.00 0.00 ? 5  ARG A HB2  3 
ATOM   542  H HB3  . ARG A 1 5  ? 6.769   -0.877  -1.411 1.00 0.00 ? 5  ARG A HB3  3 
ATOM   543  H HG2  . ARG A 1 5  ? 7.977   -2.618  0.100  1.00 0.00 ? 5  ARG A HG2  3 
ATOM   544  H HG3  . ARG A 1 5  ? 6.763   -3.796  -0.409 1.00 0.00 ? 5  ARG A HG3  3 
ATOM   545  H HD2  . ARG A 1 5  ? 7.422   -3.358  -2.862 1.00 0.00 ? 5  ARG A HD2  3 
ATOM   546  H HD3  . ARG A 1 5  ? 8.657   -2.219  -2.282 1.00 0.00 ? 5  ARG A HD3  3 
ATOM   547  H HE   . ARG A 1 5  ? 8.816   -4.979  -1.059 1.00 0.00 ? 5  ARG A HE   3 
ATOM   548  H HH11 . ARG A 1 5  ? 9.952   -2.995  -3.688 1.00 0.00 ? 5  ARG A HH11 3 
ATOM   549  H HH12 . ARG A 1 5  ? 11.378  -4.094  -4.007 1.00 0.00 ? 5  ARG A HH12 3 
ATOM   550  H HH21 . ARG A 1 5  ? 10.428  -6.221  -1.471 1.00 0.00 ? 5  ARG A HH21 3 
ATOM   551  H HH22 . ARG A 1 5  ? 11.610  -5.838  -2.803 1.00 0.00 ? 5  ARG A HH22 3 
ATOM   552  N N    . ASN A 1 6  ? 4.621   1.032   0.824  1.00 0.00 ? 6  ASN A N    3 
ATOM   553  C CA   . ASN A 1 6  ? 3.753   2.243   0.680  1.00 0.00 ? 6  ASN A CA   3 
ATOM   554  C C    . ASN A 1 6  ? 2.242   1.939   0.960  1.00 0.00 ? 6  ASN A C    3 
ATOM   555  O O    . ASN A 1 6  ? 1.423   1.851   0.041  1.00 0.00 ? 6  ASN A O    3 
ATOM   556  C CB   . ASN A 1 6  ? 3.989   3.036   -0.640 1.00 0.00 ? 6  ASN A CB   3 
ATOM   557  C CG   . ASN A 1 6  ? 5.406   3.564   -0.872 1.00 0.00 ? 6  ASN A CG   3 
ATOM   558  O OD1  . ASN A 1 6  ? 5.794   4.615   -0.376 1.00 0.00 ? 6  ASN A OD1  3 
ATOM   559  N ND2  . ASN A 1 6  ? 6.219   2.859   -1.620 1.00 0.00 ? 6  ASN A ND2  3 
ATOM   560  H H    . ASN A 1 6  ? 5.321   0.966   1.565  1.00 0.00 ? 6  ASN A H    3 
ATOM   561  H HA   . ASN A 1 6  ? 4.069   2.940   1.482  1.00 0.00 ? 6  ASN A HA   3 
ATOM   562  H HB2  . ASN A 1 6  ? 3.657   2.430   -1.506 1.00 0.00 ? 6  ASN A HB2  3 
ATOM   563  H HB3  . ASN A 1 6  ? 3.322   3.916   -0.647 1.00 0.00 ? 6  ASN A HB3  3 
ATOM   564  H HD21 . ASN A 1 6  ? 5.859   1.966   -1.969 1.00 0.00 ? 6  ASN A HD21 3 
ATOM   565  H HD22 . ASN A 1 6  ? 7.155   3.261   -1.725 1.00 0.00 ? 6  ASN A HD22 3 
ATOM   566  N N    . ILE A 1 7  ? 1.868   1.815   2.250  1.00 0.00 ? 7  ILE A N    3 
ATOM   567  C CA   . ILE A 1 7  ? 0.447   1.568   2.667  1.00 0.00 ? 7  ILE A CA   3 
ATOM   568  C C    . ILE A 1 7  ? -0.579  2.686   2.247  1.00 0.00 ? 7  ILE A C    3 
ATOM   569  O O    . ILE A 1 7  ? -1.672  2.381   1.766  1.00 0.00 ? 7  ILE A O    3 
ATOM   570  C CB   . ILE A 1 7  ? 0.420   1.159   4.188  1.00 0.00 ? 7  ILE A CB   3 
ATOM   571  C CG1  . ILE A 1 7  ? -0.770  0.236   4.567  1.00 0.00 ? 7  ILE A CG1  3 
ATOM   572  C CG2  . ILE A 1 7  ? 0.479   2.345   5.187  1.00 0.00 ? 7  ILE A CG2  3 
ATOM   573  C CD1  . ILE A 1 7  ? -0.625  -1.203  4.045  1.00 0.00 ? 7  ILE A CD1  3 
ATOM   574  H H    . ILE A 1 7  ? 2.642   1.793   2.919  1.00 0.00 ? 7  ILE A H    3 
ATOM   575  H HA   . ILE A 1 7  ? 0.124   0.677   2.094  1.00 0.00 ? 7  ILE A HA   3 
ATOM   576  H HB   . ILE A 1 7  ? 1.329   0.559   4.395  1.00 0.00 ? 7  ILE A HB   3 
ATOM   577  H HG12 . ILE A 1 7  ? -0.866  0.172   5.669  1.00 0.00 ? 7  ILE A HG12 3 
ATOM   578  H HG13 . ILE A 1 7  ? -1.730  0.669   4.224  1.00 0.00 ? 7  ILE A HG13 3 
ATOM   579  H HG21 . ILE A 1 7  ? 0.601   1.997   6.230  1.00 0.00 ? 7  ILE A HG21 3 
ATOM   580  H HG22 . ILE A 1 7  ? 1.328   3.021   4.975  1.00 0.00 ? 7  ILE A HG22 3 
ATOM   581  H HG23 . ILE A 1 7  ? -0.444  2.954   5.159  1.00 0.00 ? 7  ILE A HG23 3 
ATOM   582  H HD11 . ILE A 1 7  ? 0.365   -1.642  4.275  1.00 0.00 ? 7  ILE A HD11 3 
ATOM   583  H HD12 . ILE A 1 7  ? -1.370  -1.870  4.512  1.00 0.00 ? 7  ILE A HD12 3 
ATOM   584  H HD13 . ILE A 1 7  ? -0.766  -1.269  2.950  1.00 0.00 ? 7  ILE A HD13 3 
ATOM   585  N N    . ARG A 1 8  ? -0.192  3.968   2.381  1.00 0.00 ? 8  ARG A N    3 
ATOM   586  C CA   . ARG A 1 8  ? -0.929  5.118   1.787  1.00 0.00 ? 8  ARG A CA   3 
ATOM   587  C C    . ARG A 1 8  ? -0.285  5.593   0.435  1.00 0.00 ? 8  ARG A C    3 
ATOM   588  O O    . ARG A 1 8  ? 0.063   6.767   0.278  1.00 0.00 ? 8  ARG A O    3 
ATOM   589  C CB   . ARG A 1 8  ? -0.974  6.232   2.876  1.00 0.00 ? 8  ARG A CB   3 
ATOM   590  C CG   . ARG A 1 8  ? -1.847  5.949   4.135  1.00 0.00 ? 8  ARG A CG   3 
ATOM   591  C CD   . ARG A 1 8  ? -1.222  6.410   5.467  1.00 0.00 ? 8  ARG A CD   3 
ATOM   592  N NE   . ARG A 1 8  ? -1.103  7.896   5.532  1.00 0.00 ? 8  ARG A NE   3 
ATOM   593  C CZ   . ARG A 1 8  ? -0.310  8.573   6.363  1.00 0.00 ? 8  ARG A CZ   3 
ATOM   594  N NH1  . ARG A 1 8  ? 0.439   8.007   7.278  1.00 0.00 ? 8  ARG A NH1  3 
ATOM   595  N NH2  . ARG A 1 8  ? -0.278  9.871   6.263  1.00 0.00 ? 8  ARG A NH2  3 
ATOM   596  H H    . ARG A 1 8  ? 0.770   4.055   2.724  1.00 0.00 ? 8  ARG A H    3 
ATOM   597  H HA   . ARG A 1 8  ? -1.978  4.842   1.552  1.00 0.00 ? 8  ARG A HA   3 
ATOM   598  H HB2  . ARG A 1 8  ? 0.066   6.480   3.167  1.00 0.00 ? 8  ARG A HB2  3 
ATOM   599  H HB3  . ARG A 1 8  ? -1.342  7.170   2.417  1.00 0.00 ? 8  ARG A HB3  3 
ATOM   600  H HG2  . ARG A 1 8  ? -2.859  6.382   4.003  1.00 0.00 ? 8  ARG A HG2  3 
ATOM   601  H HG3  . ARG A 1 8  ? -2.038  4.861   4.218  1.00 0.00 ? 8  ARG A HG3  3 
ATOM   602  H HD2  . ARG A 1 8  ? -1.846  6.047   6.310  1.00 0.00 ? 8  ARG A HD2  3 
ATOM   603  H HD3  . ARG A 1 8  ? -0.238  5.911   5.583  1.00 0.00 ? 8  ARG A HD3  3 
ATOM   604  H HE   . ARG A 1 8  ? -1.620  8.481   4.871  1.00 0.00 ? 8  ARG A HE   3 
ATOM   605  H HH11 . ARG A 1 8  ? 0.358   6.990   7.314  1.00 0.00 ? 8  ARG A HH11 3 
ATOM   606  H HH12 . ARG A 1 8  ? 1.021   8.600   7.871  1.00 0.00 ? 8  ARG A HH12 3 
ATOM   607  H HH21 . ARG A 1 8  ? -0.869  10.295  5.545  1.00 0.00 ? 8  ARG A HH21 3 
ATOM   608  H HH22 . ARG A 1 8  ? 0.337   10.373  6.906  1.00 0.00 ? 8  ARG A HH22 3 
ATOM   609  N N    . LYS A 1 9  ? -0.186  4.702   -0.574 1.00 0.00 ? 9  LYS A N    3 
ATOM   610  C CA   . LYS A 1 9  ? 0.165   5.101   -1.975 1.00 0.00 ? 9  LYS A CA   3 
ATOM   611  C C    . LYS A 1 9  ? -0.984  5.850   -2.733 1.00 0.00 ? 9  LYS A C    3 
ATOM   612  O O    . LYS A 1 9  ? -0.700  6.798   -3.465 1.00 0.00 ? 9  LYS A O    3 
ATOM   613  C CB   . LYS A 1 9  ? 0.701   3.851   -2.735 1.00 0.00 ? 9  LYS A CB   3 
ATOM   614  C CG   . LYS A 1 9  ? 1.338   4.130   -4.126 1.00 0.00 ? 9  LYS A CG   3 
ATOM   615  C CD   . LYS A 1 9  ? 0.396   3.843   -5.317 1.00 0.00 ? 9  LYS A CD   3 
ATOM   616  C CE   . LYS A 1 9  ? 0.859   4.459   -6.656 1.00 0.00 ? 9  LYS A CE   3 
ATOM   617  N NZ   . LYS A 1 9  ? 1.389   3.450   -7.594 1.00 0.00 ? 9  LYS A NZ   3 
ATOM   618  H H    . LYS A 1 9  ? -0.418  3.734   -0.319 1.00 0.00 ? 9  LYS A H    3 
ATOM   619  H HA   . LYS A 1 9  ? 1.008   5.819   -1.921 1.00 0.00 ? 9  LYS A HA   3 
ATOM   620  H HB2  . LYS A 1 9  ? 1.476   3.368   -2.111 1.00 0.00 ? 9  LYS A HB2  3 
ATOM   621  H HB3  . LYS A 1 9  ? -0.088  3.077   -2.817 1.00 0.00 ? 9  LYS A HB3  3 
ATOM   622  H HG2  . LYS A 1 9  ? 1.694   5.178   -4.168 1.00 0.00 ? 9  LYS A HG2  3 
ATOM   623  H HG3  . LYS A 1 9  ? 2.258   3.524   -4.246 1.00 0.00 ? 9  LYS A HG3  3 
ATOM   624  H HD2  . LYS A 1 9  ? 0.226   2.751   -5.401 1.00 0.00 ? 9  LYS A HD2  3 
ATOM   625  H HD3  . LYS A 1 9  ? -0.606  4.255   -5.092 1.00 0.00 ? 9  LYS A HD3  3 
ATOM   626  H HE2  . LYS A 1 9  ? 0.007   4.980   -7.135 1.00 0.00 ? 9  LYS A HE2  3 
ATOM   627  H HE3  . LYS A 1 9  ? 1.614   5.256   -6.502 1.00 0.00 ? 9  LYS A HE3  3 
ATOM   628  H HZ1  . LYS A 1 9  ? 2.178   2.940   -7.181 1.00 0.00 ? 9  LYS A HZ1  3 
ATOM   629  H HZ2  . LYS A 1 9  ? 0.678   2.740   -7.805 1.00 0.00 ? 9  LYS A HZ2  3 
ATOM   630  N N    . VAL A 1 10 ? -2.254  5.426   -2.549 1.00 0.00 ? 10 VAL A N    3 
ATOM   631  C CA   . VAL A 1 10 ? -3.466  6.093   -3.116 1.00 0.00 ? 10 VAL A CA   3 
ATOM   632  C C    . VAL A 1 10 ? -3.577  5.798   -4.652 1.00 0.00 ? 10 VAL A C    3 
ATOM   633  O O    . VAL A 1 10 ? -2.911  6.425   -5.478 1.00 0.00 ? 10 VAL A O    3 
ATOM   634  C CB   . VAL A 1 10 ? -3.658  7.587   -2.663 1.00 0.00 ? 10 VAL A CB   3 
ATOM   635  C CG1  . VAL A 1 10 ? -4.912  8.263   -3.266 1.00 0.00 ? 10 VAL A CG1  3 
ATOM   636  C CG2  . VAL A 1 10 ? -3.740  7.758   -1.125 1.00 0.00 ? 10 VAL A CG2  3 
ATOM   637  H H    . VAL A 1 10 ? -2.311  4.735   -1.797 1.00 0.00 ? 10 VAL A H    3 
ATOM   638  H HA   . VAL A 1 10 ? -4.317  5.573   -2.633 1.00 0.00 ? 10 VAL A HA   3 
ATOM   639  H HB   . VAL A 1 10 ? -2.773  8.148   -3.011 1.00 0.00 ? 10 VAL A HB   3 
ATOM   640  H HG11 . VAL A 1 10 ? -5.840  7.708   -3.034 1.00 0.00 ? 10 VAL A HG11 3 
ATOM   641  H HG12 . VAL A 1 10 ? -5.048  9.298   -2.895 1.00 0.00 ? 10 VAL A HG12 3 
ATOM   642  H HG13 . VAL A 1 10 ? -4.842  8.339   -4.367 1.00 0.00 ? 10 VAL A HG13 3 
ATOM   643  H HG21 . VAL A 1 10 ? -4.603  7.222   -0.688 1.00 0.00 ? 10 VAL A HG21 3 
ATOM   644  H HG22 . VAL A 1 10 ? -2.830  7.378   -0.623 1.00 0.00 ? 10 VAL A HG22 3 
ATOM   645  H HG23 . VAL A 1 10 ? -3.831  8.820   -0.831 1.00 0.00 ? 10 VAL A HG23 3 
ATOM   646  N N    . ARG A 1 11 ? -4.438  4.828   -5.013 1.00 0.00 ? 11 ARG A N    3 
ATOM   647  C CA   . ARG A 1 11 ? -4.644  4.368   -6.415 1.00 0.00 ? 11 ARG A CA   3 
ATOM   648  C C    . ARG A 1 11 ? -5.024  5.471   -7.460 1.00 0.00 ? 11 ARG A C    3 
ATOM   649  O O    . ARG A 1 11 ? -5.783  6.402   -7.189 1.00 0.00 ? 11 ARG A O    3 
ATOM   650  C CB   . ARG A 1 11 ? -5.698  3.219   -6.402 1.00 0.00 ? 11 ARG A CB   3 
ATOM   651  C CG   . ARG A 1 11 ? -7.111  3.566   -5.853 1.00 0.00 ? 11 ARG A CG   3 
ATOM   652  C CD   . ARG A 1 11 ? -8.172  2.501   -6.179 1.00 0.00 ? 11 ARG A CD   3 
ATOM   653  N NE   . ARG A 1 11 ? -9.460  2.868   -5.530 1.00 0.00 ? 11 ARG A NE   3 
ATOM   654  C CZ   . ARG A 1 11 ? -10.625 2.236   -5.714 1.00 0.00 ? 11 ARG A CZ   3 
ATOM   655  N NH1  . ARG A 1 11 ? -10.797 1.221   -6.532 1.00 0.00 ? 11 ARG A NH1  3 
ATOM   656  N NH2  . ARG A 1 11 ? -11.676 2.638   -5.047 1.00 0.00 ? 11 ARG A NH2  3 
ATOM   657  H H    . ARG A 1 11 ? -4.851  4.326   -4.223 1.00 0.00 ? 11 ARG A H    3 
ATOM   658  H HA   . ARG A 1 11 ? -3.681  3.919   -6.738 1.00 0.00 ? 11 ARG A HA   3 
ATOM   659  H HB2  . ARG A 1 11 ? -5.790  2.831   -7.435 1.00 0.00 ? 11 ARG A HB2  3 
ATOM   660  H HB3  . ARG A 1 11 ? -5.290  2.361   -5.831 1.00 0.00 ? 11 ARG A HB3  3 
ATOM   661  H HG2  . ARG A 1 11 ? -7.032  3.718   -4.758 1.00 0.00 ? 11 ARG A HG2  3 
ATOM   662  H HG3  . ARG A 1 11 ? -7.432  4.543   -6.264 1.00 0.00 ? 11 ARG A HG3  3 
ATOM   663  H HD2  . ARG A 1 11 ? -8.292  2.428   -7.279 1.00 0.00 ? 11 ARG A HD2  3 
ATOM   664  H HD3  . ARG A 1 11 ? -7.836  1.502   -5.832 1.00 0.00 ? 11 ARG A HD3  3 
ATOM   665  H HE   . ARG A 1 11 ? -9.539  3.639   -4.868 1.00 0.00 ? 11 ARG A HE   3 
ATOM   666  H HH11 . ARG A 1 11 ? -9.980  0.908   -7.064 1.00 0.00 ? 11 ARG A HH11 3 
ATOM   667  H HH12 . ARG A 1 11 ? -11.742 0.829   -6.587 1.00 0.00 ? 11 ARG A HH12 3 
ATOM   668  H HH21 . ARG A 1 11 ? -11.610 3.418   -4.386 1.00 0.00 ? 11 ARG A HH21 3 
ATOM   669  H HH22 . ARG A 1 11 ? -12.531 2.106   -5.235 1.00 0.00 ? 11 ARG A HH22 3 
HETATM 670  N N    . NH2 A 1 12 ? -4.522  5.387   -8.684 1.00 0.00 ? 12 NH2 A N    3 
HETATM 671  H HN1  . NH2 A 1 12 ? -3.859  4.629   -8.874 1.00 0.00 ? 12 NH2 A HN1  3 
HETATM 672  H HN2  . NH2 A 1 12 ? -4.769  6.159   -9.313 1.00 0.00 ? 12 NH2 A HN2  3 
ATOM   673  N N    . PHE A 1 1  ? -3.634  -9.976  1.432  1.00 0.00 ? 1  PHE A N    4 
ATOM   674  C CA   . PHE A 1 1  ? -2.907  -10.616 2.559  1.00 0.00 ? 1  PHE A CA   4 
ATOM   675  C C    . PHE A 1 1  ? -1.941  -9.606  3.266  1.00 0.00 ? 1  PHE A C    4 
ATOM   676  O O    . PHE A 1 1  ? -2.266  -9.072  4.328  1.00 0.00 ? 1  PHE A O    4 
ATOM   677  C CB   . PHE A 1 1  ? -2.355  -12.015 2.124  1.00 0.00 ? 1  PHE A CB   4 
ATOM   678  C CG   . PHE A 1 1  ? -1.137  -12.084 1.175  1.00 0.00 ? 1  PHE A CG   4 
ATOM   679  C CD1  . PHE A 1 1  ? -1.286  -11.860 -0.197 1.00 0.00 ? 1  PHE A CD1  4 
ATOM   680  C CD2  . PHE A 1 1  ? 0.146   -12.307 1.695  1.00 0.00 ? 1  PHE A CD2  4 
ATOM   681  C CE1  . PHE A 1 1  ? -0.170  -11.825 -1.031 1.00 0.00 ? 1  PHE A CE1  4 
ATOM   682  C CE2  . PHE A 1 1  ? 1.260   -12.261 0.863  1.00 0.00 ? 1  PHE A CE2  4 
ATOM   683  C CZ   . PHE A 1 1  ? 1.102   -12.019 -0.499 1.00 0.00 ? 1  PHE A CZ   4 
ATOM   684  H H1   . PHE A 1 1  ? -3.999  -10.690 0.792  1.00 0.00 ? 1  PHE A H1   4 
ATOM   685  H H2   . PHE A 1 1  ? -3.000  -9.397  0.870  1.00 0.00 ? 1  PHE A H2   4 
ATOM   686  H HA   . PHE A 1 1  ? -3.679  -10.838 3.319  1.00 0.00 ? 1  PHE A HA   4 
ATOM   687  H HB2  . PHE A 1 1  ? -2.125  -12.583 3.046  1.00 0.00 ? 1  PHE A HB2  4 
ATOM   688  H HB3  . PHE A 1 1  ? -3.181  -12.601 1.675  1.00 0.00 ? 1  PHE A HB3  4 
ATOM   689  H HD1  . PHE A 1 1  ? -2.266  -11.691 -0.620 1.00 0.00 ? 1  PHE A HD1  4 
ATOM   690  H HD2  . PHE A 1 1  ? 0.287   -12.474 2.753  1.00 0.00 ? 1  PHE A HD2  4 
ATOM   691  H HE1  . PHE A 1 1  ? -0.291  -11.645 -2.090 1.00 0.00 ? 1  PHE A HE1  4 
ATOM   692  H HE2  . PHE A 1 1  ? 2.250   -12.402 1.276  1.00 0.00 ? 1  PHE A HE2  4 
ATOM   693  H HZ   . PHE A 1 1  ? 1.969   -11.984 -1.145 1.00 0.00 ? 1  PHE A HZ   4 
ATOM   694  N N    . GLN A 1 2  ? -0.775  -9.334  2.661  1.00 0.00 ? 2  GLN A N    4 
ATOM   695  C CA   . GLN A 1 2  ? 0.168   -8.256  3.074  1.00 0.00 ? 2  GLN A CA   4 
ATOM   696  C C    . GLN A 1 2  ? 0.160   -7.058  2.068  1.00 0.00 ? 2  GLN A C    4 
ATOM   697  O O    . GLN A 1 2  ? 0.050   -5.907  2.495  1.00 0.00 ? 2  GLN A O    4 
ATOM   698  C CB   . GLN A 1 2  ? 1.608   -8.833  3.205  1.00 0.00 ? 2  GLN A CB   4 
ATOM   699  C CG   . GLN A 1 2  ? 1.868   -9.784  4.400  1.00 0.00 ? 2  GLN A CG   4 
ATOM   700  C CD   . GLN A 1 2  ? 3.304   -10.328 4.471  1.00 0.00 ? 2  GLN A CD   4 
ATOM   701  O OE1  . GLN A 1 2  ? 4.048   -10.407 3.498  1.00 0.00 ? 2  GLN A OE1  4 
ATOM   702  N NE2  . GLN A 1 2  ? 3.747   -10.746 5.632  1.00 0.00 ? 2  GLN A NE2  4 
ATOM   703  H H    . GLN A 1 2  ? -0.606  -9.936  1.847  1.00 0.00 ? 2  GLN A H    4 
ATOM   704  H HA   . GLN A 1 2  ? -0.123  -7.837  4.058  1.00 0.00 ? 2  GLN A HA   4 
ATOM   705  H HB2  . GLN A 1 2  ? 1.892   -9.343  2.262  1.00 0.00 ? 2  GLN A HB2  4 
ATOM   706  H HB3  . GLN A 1 2  ? 2.326   -7.992  3.285  1.00 0.00 ? 2  GLN A HB3  4 
ATOM   707  H HG2  . GLN A 1 2  ? 1.617   -9.257  5.340  1.00 0.00 ? 2  GLN A HG2  4 
ATOM   708  H HG3  . GLN A 1 2  ? 1.180   -10.648 4.349  1.00 0.00 ? 2  GLN A HG3  4 
ATOM   709  H HE21 . GLN A 1 2  ? 3.102   -10.705 6.425  1.00 0.00 ? 2  GLN A HE21 4 
ATOM   710  H HE22 . GLN A 1 2  ? 4.708   -11.094 5.607  1.00 0.00 ? 2  GLN A HE22 4 
ATOM   711  N N    . TRP A 1 3  ? 0.338   -7.325  0.750  1.00 0.00 ? 3  TRP A N    4 
ATOM   712  C CA   . TRP A 1 3  ? 0.532   -6.291  -0.308 1.00 0.00 ? 3  TRP A CA   4 
ATOM   713  C C    . TRP A 1 3  ? 1.923   -5.567  -0.183 1.00 0.00 ? 3  TRP A C    4 
ATOM   714  O O    . TRP A 1 3  ? 2.853   -6.073  0.458  1.00 0.00 ? 3  TRP A O    4 
ATOM   715  C CB   . TRP A 1 3  ? -0.744  -5.398  -0.483 1.00 0.00 ? 3  TRP A CB   4 
ATOM   716  C CG   . TRP A 1 3  ? -2.095  -6.115  -0.682 1.00 0.00 ? 3  TRP A CG   4 
ATOM   717  C CD1  . TRP A 1 3  ? -2.337  -7.217  -1.534 1.00 0.00 ? 3  TRP A CD1  4 
ATOM   718  C CD2  . TRP A 1 3  ? -3.292  -5.888  -0.023 1.00 0.00 ? 3  TRP A CD2  4 
ATOM   719  N NE1  . TRP A 1 3  ? -3.653  -7.698  -1.409 1.00 0.00 ? 3  TRP A NE1  4 
ATOM   720  C CE2  . TRP A 1 3  ? -4.228  -6.855  -0.472 1.00 0.00 ? 3  TRP A CE2  4 
ATOM   721  C CE3  . TRP A 1 3  ? -3.664  -4.938  0.966  1.00 0.00 ? 3  TRP A CE3  4 
ATOM   722  C CZ2  . TRP A 1 3  ? -5.536  -6.881  0.062  1.00 0.00 ? 3  TRP A CZ2  4 
ATOM   723  C CZ3  . TRP A 1 3  ? -4.964  -4.979  1.472  1.00 0.00 ? 3  TRP A CZ3  4 
ATOM   724  C CH2  . TRP A 1 3  ? -5.886  -5.935  1.027  1.00 0.00 ? 3  TRP A CH2  4 
ATOM   725  H H    . TRP A 1 3  ? 0.365   -8.324  0.535  1.00 0.00 ? 3  TRP A H    4 
ATOM   726  H HA   . TRP A 1 3  ? 0.632   -6.853  -1.254 1.00 0.00 ? 3  TRP A HA   4 
ATOM   727  H HB2  . TRP A 1 3  ? -0.813  -4.726  0.393  1.00 0.00 ? 3  TRP A HB2  4 
ATOM   728  H HB3  . TRP A 1 3  ? -0.605  -4.727  -1.347 1.00 0.00 ? 3  TRP A HB3  4 
ATOM   729  H HD1  . TRP A 1 3  ? -1.586  -7.673  -2.163 1.00 0.00 ? 3  TRP A HD1  4 
ATOM   730  H HE1  . TRP A 1 3  ? -4.058  -8.557  -1.799 1.00 0.00 ? 3  TRP A HE1  4 
ATOM   731  H HE3  . TRP A 1 3  ? -2.960  -4.202  1.328  1.00 0.00 ? 3  TRP A HE3  4 
ATOM   732  H HZ2  . TRP A 1 3  ? -6.249  -7.622  -0.268 1.00 0.00 ? 3  TRP A HZ2  4 
ATOM   733  H HZ3  . TRP A 1 3  ? -5.265  -4.263  2.225  1.00 0.00 ? 3  TRP A HZ3  4 
ATOM   734  H HH2  . TRP A 1 3  ? -6.884  -5.946  1.442  1.00 0.00 ? 3  TRP A HH2  4 
ATOM   735  N N    . GLN A 1 4  ? 2.101   -4.382  -0.794 1.00 0.00 ? 4  GLN A N    4 
ATOM   736  C CA   . GLN A 1 4  ? 3.266   -3.506  -0.493 1.00 0.00 ? 4  GLN A CA   4 
ATOM   737  C C    . GLN A 1 4  ? 3.116   -2.841  0.911  1.00 0.00 ? 4  GLN A C    4 
ATOM   738  O O    . GLN A 1 4  ? 2.105   -2.205  1.215  1.00 0.00 ? 4  GLN A O    4 
ATOM   739  C CB   . GLN A 1 4  ? 3.423   -2.433  -1.606 1.00 0.00 ? 4  GLN A CB   4 
ATOM   740  C CG   . GLN A 1 4  ? 4.126   -2.931  -2.894 1.00 0.00 ? 4  GLN A CG   4 
ATOM   741  C CD   . GLN A 1 4  ? 4.156   -1.912  -4.037 1.00 0.00 ? 4  GLN A CD   4 
ATOM   742  O OE1  . GLN A 1 4  ? 3.394   -1.987  -4.992 1.00 0.00 ? 4  GLN A OE1  4 
ATOM   743  N NE2  . GLN A 1 4  ? 5.030   -0.933  -3.992 1.00 0.00 ? 4  GLN A NE2  4 
ATOM   744  H H    . GLN A 1 4  ? 1.280   -4.031  -1.295 1.00 0.00 ? 4  GLN A H    4 
ATOM   745  H HA   . GLN A 1 4  ? 4.187   -4.127  -0.498 1.00 0.00 ? 4  GLN A HA   4 
ATOM   746  H HB2  . GLN A 1 4  ? 2.437   -1.993  -1.856 1.00 0.00 ? 4  GLN A HB2  4 
ATOM   747  H HB3  . GLN A 1 4  ? 4.009   -1.576  -1.217 1.00 0.00 ? 4  GLN A HB3  4 
ATOM   748  H HG2  . GLN A 1 4  ? 5.158   -3.264  -2.670 1.00 0.00 ? 4  GLN A HG2  4 
ATOM   749  H HG3  . GLN A 1 4  ? 3.615   -3.837  -3.271 1.00 0.00 ? 4  GLN A HG3  4 
ATOM   750  H HE21 . GLN A 1 4  ? 5.633   -0.877  -3.170 1.00 0.00 ? 4  GLN A HE21 4 
ATOM   751  H HE22 . GLN A 1 4  ? 4.979   -0.295  -4.793 1.00 0.00 ? 4  GLN A HE22 4 
ATOM   752  N N    . ARG A 1 5  ? 4.169   -2.924  1.741  1.00 0.00 ? 5  ARG A N    4 
ATOM   753  C CA   . ARG A 1 5  ? 4.261   -2.172  3.034  1.00 0.00 ? 5  ARG A CA   4 
ATOM   754  C C    . ARG A 1 5  ? 3.942   -0.629  3.024  1.00 0.00 ? 5  ARG A C    4 
ATOM   755  O O    . ARG A 1 5  ? 3.408   -0.106  4.003  1.00 0.00 ? 5  ARG A O    4 
ATOM   756  C CB   . ARG A 1 5  ? 5.654   -2.503  3.646  1.00 0.00 ? 5  ARG A CB   4 
ATOM   757  C CG   . ARG A 1 5  ? 6.881   -1.870  2.935  1.00 0.00 ? 5  ARG A CG   4 
ATOM   758  C CD   . ARG A 1 5  ? 8.186   -2.668  3.108  1.00 0.00 ? 5  ARG A CD   4 
ATOM   759  N NE   . ARG A 1 5  ? 9.325   -1.953  2.463  1.00 0.00 ? 5  ARG A NE   4 
ATOM   760  C CZ   . ARG A 1 5  ? 10.088  -1.024  3.042  1.00 0.00 ? 5  ARG A CZ   4 
ATOM   761  N NH1  . ARG A 1 5  ? 9.920   -0.617  4.276  1.00 0.00 ? 5  ARG A NH1  4 
ATOM   762  N NH2  . ARG A 1 5  ? 11.047  -0.487  2.345  1.00 0.00 ? 5  ARG A NH2  4 
ATOM   763  H H    . ARG A 1 5  ? 4.860   -3.632  1.475  1.00 0.00 ? 5  ARG A H    4 
ATOM   764  H HA   . ARG A 1 5  ? 3.502   -2.615  3.710  1.00 0.00 ? 5  ARG A HA   4 
ATOM   765  H HB2  . ARG A 1 5  ? 5.658   -2.192  4.709  1.00 0.00 ? 5  ARG A HB2  4 
ATOM   766  H HB3  . ARG A 1 5  ? 5.762   -3.606  3.700  1.00 0.00 ? 5  ARG A HB3  4 
ATOM   767  H HG2  . ARG A 1 5  ? 6.682   -1.765  1.851  1.00 0.00 ? 5  ARG A HG2  4 
ATOM   768  H HG3  . ARG A 1 5  ? 7.003   -0.827  3.293  1.00 0.00 ? 5  ARG A HG3  4 
ATOM   769  H HD2  . ARG A 1 5  ? 8.384   -2.908  4.173  1.00 0.00 ? 5  ARG A HD2  4 
ATOM   770  H HD3  . ARG A 1 5  ? 8.067   -3.662  2.628  1.00 0.00 ? 5  ARG A HD3  4 
ATOM   771  H HE   . ARG A 1 5  ? 9.584   -2.155  1.492  1.00 0.00 ? 5  ARG A HE   4 
ATOM   772  H HH11 . ARG A 1 5  ? 9.143   -1.076  4.757  1.00 0.00 ? 5  ARG A HH11 4 
ATOM   773  H HH12 . ARG A 1 5  ? 10.552  0.091   4.656  1.00 0.00 ? 5  ARG A HH12 4 
ATOM   774  H HH21 . ARG A 1 5  ? 11.165  -0.818  1.385  1.00 0.00 ? 5  ARG A HH21 4 
ATOM   775  H HH22 . ARG A 1 5  ? 11.622  0.217   2.811  1.00 0.00 ? 5  ARG A HH22 4 
ATOM   776  N N    . ASN A 1 6  ? 4.242   0.072   1.913  1.00 0.00 ? 6  ASN A N    4 
ATOM   777  C CA   . ASN A 1 6  ? 3.831   1.489   1.697  1.00 0.00 ? 6  ASN A CA   4 
ATOM   778  C C    . ASN A 1 6  ? 2.612   1.647   0.709  1.00 0.00 ? 6  ASN A C    4 
ATOM   779  O O    . ASN A 1 6  ? 2.602   2.562   -0.122 1.00 0.00 ? 6  ASN A O    4 
ATOM   780  C CB   . ASN A 1 6  ? 5.099   2.264   1.222  1.00 0.00 ? 6  ASN A CB   4 
ATOM   781  C CG   . ASN A 1 6  ? 6.260   2.372   2.224  1.00 0.00 ? 6  ASN A CG   4 
ATOM   782  O OD1  . ASN A 1 6  ? 6.086   2.641   3.407  1.00 0.00 ? 6  ASN A OD1  4 
ATOM   783  N ND2  . ASN A 1 6  ? 7.483   2.188   1.787  1.00 0.00 ? 6  ASN A ND2  4 
ATOM   784  H H    . ASN A 1 6  ? 4.591   -0.522  1.155  1.00 0.00 ? 6  ASN A H    4 
ATOM   785  H HA   . ASN A 1 6  ? 3.500   1.953   2.648  1.00 0.00 ? 6  ASN A HA   4 
ATOM   786  H HB2  . ASN A 1 6  ? 5.446   1.844   0.257  1.00 0.00 ? 6  ASN A HB2  4 
ATOM   787  H HB3  . ASN A 1 6  ? 4.815   3.304   0.980  1.00 0.00 ? 6  ASN A HB3  4 
ATOM   788  H HD21 . ASN A 1 6  ? 7.598   2.122   0.772  1.00 0.00 ? 6  ASN A HD21 4 
ATOM   789  H HD22 . ASN A 1 6  ? 8.194   2.418   2.486  1.00 0.00 ? 6  ASN A HD22 4 
ATOM   790  N N    . ILE A 1 7  ? 1.538   0.833   0.823  1.00 0.00 ? 7  ILE A N    4 
ATOM   791  C CA   . ILE A 1 7  ? 0.328   0.927   -0.068 1.00 0.00 ? 7  ILE A CA   4 
ATOM   792  C C    . ILE A 1 7  ? -0.718  2.006   0.409  1.00 0.00 ? 7  ILE A C    4 
ATOM   793  O O    . ILE A 1 7  ? -1.902  1.729   0.615  1.00 0.00 ? 7  ILE A O    4 
ATOM   794  C CB   . ILE A 1 7  ? -0.229  -0.521  -0.349 1.00 0.00 ? 7  ILE A CB   4 
ATOM   795  C CG1  . ILE A 1 7  ? -1.163  -0.566  -1.594 1.00 0.00 ? 7  ILE A CG1  4 
ATOM   796  C CG2  . ILE A 1 7  ? -0.897  -1.214  0.872  1.00 0.00 ? 7  ILE A CG2  4 
ATOM   797  C CD1  . ILE A 1 7  ? -1.394  -1.965  -2.195 1.00 0.00 ? 7  ILE A CD1  4 
ATOM   798  H H    . ILE A 1 7  ? 1.670   0.043   1.468  1.00 0.00 ? 7  ILE A H    4 
ATOM   799  H HA   . ILE A 1 7  ? 0.672   1.293   -1.056 1.00 0.00 ? 7  ILE A HA   4 
ATOM   800  H HB   . ILE A 1 7  ? 0.649   -1.141  -0.615 1.00 0.00 ? 7  ILE A HB   4 
ATOM   801  H HG12 . ILE A 1 7  ? -2.140  -0.105  -1.351 1.00 0.00 ? 7  ILE A HG12 4 
ATOM   802  H HG13 . ILE A 1 7  ? -0.745  0.069   -2.399 1.00 0.00 ? 7  ILE A HG13 4 
ATOM   803  H HG21 . ILE A 1 7  ? -1.094  -2.283  0.681  1.00 0.00 ? 7  ILE A HG21 4 
ATOM   804  H HG22 . ILE A 1 7  ? -0.260  -1.176  1.773  1.00 0.00 ? 7  ILE A HG22 4 
ATOM   805  H HG23 . ILE A 1 7  ? -1.865  -0.752  1.141  1.00 0.00 ? 7  ILE A HG23 4 
ATOM   806  H HD11 . ILE A 1 7  ? -0.443  -2.458  -2.469 1.00 0.00 ? 7  ILE A HD11 4 
ATOM   807  H HD12 . ILE A 1 7  ? -1.932  -2.633  -1.497 1.00 0.00 ? 7  ILE A HD12 4 
ATOM   808  H HD13 . ILE A 1 7  ? -2.005  -1.910  -3.115 1.00 0.00 ? 7  ILE A HD13 4 
ATOM   809  N N    . ARG A 1 8  ? -0.268  3.265   0.569  1.00 0.00 ? 8  ARG A N    4 
ATOM   810  C CA   . ARG A 1 8  ? -1.095  4.367   1.149  1.00 0.00 ? 8  ARG A CA   4 
ATOM   811  C C    . ARG A 1 8  ? -0.658  5.788   0.650  1.00 0.00 ? 8  ARG A C    4 
ATOM   812  O O    . ARG A 1 8  ? -0.307  6.668   1.439  1.00 0.00 ? 8  ARG A O    4 
ATOM   813  C CB   . ARG A 1 8  ? -1.212  4.198   2.702  1.00 0.00 ? 8  ARG A CB   4 
ATOM   814  C CG   . ARG A 1 8  ? 0.087   4.193   3.563  1.00 0.00 ? 8  ARG A CG   4 
ATOM   815  C CD   . ARG A 1 8  ? 0.263   5.452   4.432  1.00 0.00 ? 8  ARG A CD   4 
ATOM   816  N NE   . ARG A 1 8  ? 1.484   5.332   5.278  1.00 0.00 ? 8  ARG A NE   4 
ATOM   817  C CZ   . ARG A 1 8  ? 2.050   6.335   5.954  1.00 0.00 ? 8  ARG A CZ   4 
ATOM   818  N NH1  . ARG A 1 8  ? 1.587   7.562   5.953  1.00 0.00 ? 8  ARG A NH1  4 
ATOM   819  N NH2  . ARG A 1 8  ? 3.118   6.084   6.651  1.00 0.00 ? 8  ARG A NH2  4 
ATOM   820  H H    . ARG A 1 8  ? 0.749   3.333   0.421  1.00 0.00 ? 8  ARG A H    4 
ATOM   821  H HA   . ARG A 1 8  ? -2.131  4.256   0.767  1.00 0.00 ? 8  ARG A HA   4 
ATOM   822  H HB2  . ARG A 1 8  ? -1.932  4.945   3.087  1.00 0.00 ? 8  ARG A HB2  4 
ATOM   823  H HB3  . ARG A 1 8  ? -1.737  3.239   2.885  1.00 0.00 ? 8  ARG A HB3  4 
ATOM   824  H HG2  . ARG A 1 8  ? 0.072   3.296   4.214  1.00 0.00 ? 8  ARG A HG2  4 
ATOM   825  H HG3  . ARG A 1 8  ? 0.976   4.051   2.917  1.00 0.00 ? 8  ARG A HG3  4 
ATOM   826  H HD2  . ARG A 1 8  ? 0.317   6.340   3.773  1.00 0.00 ? 8  ARG A HD2  4 
ATOM   827  H HD3  . ARG A 1 8  ? -0.632  5.594   5.073  1.00 0.00 ? 8  ARG A HD3  4 
ATOM   828  H HE   . ARG A 1 8  ? 1.964   4.434   5.377  1.00 0.00 ? 8  ARG A HE   4 
ATOM   829  H HH11 . ARG A 1 8  ? 0.748   7.689   5.384  1.00 0.00 ? 8  ARG A HH11 4 
ATOM   830  H HH12 . ARG A 1 8  ? 2.079   8.275   6.494  1.00 0.00 ? 8  ARG A HH12 4 
ATOM   831  H HH21 . ARG A 1 8  ? 3.465   5.122   6.640  1.00 0.00 ? 8  ARG A HH21 4 
ATOM   832  H HH22 . ARG A 1 8  ? 3.534   6.865   7.163  1.00 0.00 ? 8  ARG A HH22 4 
ATOM   833  N N    . LYS A 1 9  ? -0.724  6.029   -0.675 1.00 0.00 ? 9  LYS A N    4 
ATOM   834  C CA   . LYS A 1 9  ? -0.416  7.363   -1.292 1.00 0.00 ? 9  LYS A CA   4 
ATOM   835  C C    . LYS A 1 9  ? -1.419  7.793   -2.428 1.00 0.00 ? 9  LYS A C    4 
ATOM   836  O O    . LYS A 1 9  ? -1.019  8.476   -3.376 1.00 0.00 ? 9  LYS A O    4 
ATOM   837  C CB   . LYS A 1 9  ? 1.074   7.370   -1.770 1.00 0.00 ? 9  LYS A CB   4 
ATOM   838  C CG   . LYS A 1 9  ? 2.127   7.610   -0.663 1.00 0.00 ? 9  LYS A CG   4 
ATOM   839  C CD   . LYS A 1 9  ? 3.572   7.752   -1.202 1.00 0.00 ? 9  LYS A CD   4 
ATOM   840  C CE   . LYS A 1 9  ? 3.982   9.167   -1.661 1.00 0.00 ? 9  LYS A CE   4 
ATOM   841  N NZ   . LYS A 1 9  ? 4.230   10.065  -0.514 1.00 0.00 ? 9  LYS A NZ   4 
ATOM   842  H H    . LYS A 1 9  ? -0.984  5.211   -1.237 1.00 0.00 ? 9  LYS A H    4 
ATOM   843  H HA   . LYS A 1 9  ? -0.530  8.166   -0.536 1.00 0.00 ? 9  LYS A HA   4 
ATOM   844  H HB2  . LYS A 1 9  ? 1.303   6.432   -2.313 1.00 0.00 ? 9  LYS A HB2  4 
ATOM   845  H HB3  . LYS A 1 9  ? 1.221   8.163   -2.527 1.00 0.00 ? 9  LYS A HB3  4 
ATOM   846  H HG2  . LYS A 1 9  ? 1.855   8.502   -0.067 1.00 0.00 ? 9  LYS A HG2  4 
ATOM   847  H HG3  . LYS A 1 9  ? 2.092   6.769   0.054  1.00 0.00 ? 9  LYS A HG3  4 
ATOM   848  H HD2  . LYS A 1 9  ? 4.286   7.394   -0.436 1.00 0.00 ? 9  LYS A HD2  4 
ATOM   849  H HD3  . LYS A 1 9  ? 3.717   7.050   -2.045 1.00 0.00 ? 9  LYS A HD3  4 
ATOM   850  H HE2  . LYS A 1 9  ? 4.907   9.106   -2.269 1.00 0.00 ? 9  LYS A HE2  4 
ATOM   851  H HE3  . LYS A 1 9  ? 3.221   9.610   -2.332 1.00 0.00 ? 9  LYS A HE3  4 
ATOM   852  H HZ1  . LYS A 1 9  ? 3.374   10.195  0.037  1.00 0.00 ? 9  LYS A HZ1  4 
ATOM   853  H HZ2  . LYS A 1 9  ? 4.906   9.644   0.134  1.00 0.00 ? 9  LYS A HZ2  4 
ATOM   854  N N    . VAL A 1 10 ? -2.727  7.449   -2.328 1.00 0.00 ? 10 VAL A N    4 
ATOM   855  C CA   . VAL A 1 10 ? -3.781  7.789   -3.353 1.00 0.00 ? 10 VAL A CA   4 
ATOM   856  C C    . VAL A 1 10 ? -3.383  7.519   -4.858 1.00 0.00 ? 10 VAL A C    4 
ATOM   857  O O    . VAL A 1 10 ? -3.305  8.429   -5.687 1.00 0.00 ? 10 VAL A O    4 
ATOM   858  C CB   . VAL A 1 10 ? -4.486  9.152   -3.003 1.00 0.00 ? 10 VAL A CB   4 
ATOM   859  C CG1  . VAL A 1 10 ? -3.599  10.417  -3.085 1.00 0.00 ? 10 VAL A CG1  4 
ATOM   860  C CG2  . VAL A 1 10 ? -5.771  9.406   -3.825 1.00 0.00 ? 10 VAL A CG2  4 
ATOM   861  H H    . VAL A 1 10 ? -2.926  6.894   -1.488 1.00 0.00 ? 10 VAL A H    4 
ATOM   862  H HA   . VAL A 1 10 ? -4.580  7.045   -3.173 1.00 0.00 ? 10 VAL A HA   4 
ATOM   863  H HB   . VAL A 1 10 ? -4.817  9.074   -1.948 1.00 0.00 ? 10 VAL A HB   4 
ATOM   864  H HG11 . VAL A 1 10 ? -4.154  11.336  -2.824 1.00 0.00 ? 10 VAL A HG11 4 
ATOM   865  H HG12 . VAL A 1 10 ? -2.747  10.360  -2.382 1.00 0.00 ? 10 VAL A HG12 4 
ATOM   866  H HG13 . VAL A 1 10 ? -3.173  10.560  -4.095 1.00 0.00 ? 10 VAL A HG13 4 
ATOM   867  H HG21 . VAL A 1 10 ? -6.463  8.544   -3.795 1.00 0.00 ? 10 VAL A HG21 4 
ATOM   868  H HG22 . VAL A 1 10 ? -6.336  10.278  -3.443 1.00 0.00 ? 10 VAL A HG22 4 
ATOM   869  H HG23 . VAL A 1 10 ? -5.549  9.609   -4.890 1.00 0.00 ? 10 VAL A HG23 4 
ATOM   870  N N    . ARG A 1 11 ? -3.075  6.244   -5.171 1.00 0.00 ? 11 ARG A N    4 
ATOM   871  C CA   . ARG A 1 11 ? -2.372  5.852   -6.422 1.00 0.00 ? 11 ARG A CA   4 
ATOM   872  C C    . ARG A 1 11 ? -2.615  4.334   -6.663 1.00 0.00 ? 11 ARG A C    4 
ATOM   873  O O    . ARG A 1 11 ? -2.226  3.475   -5.872 1.00 0.00 ? 11 ARG A O    4 
ATOM   874  C CB   . ARG A 1 11 ? -0.846  6.185   -6.317 1.00 0.00 ? 11 ARG A CB   4 
ATOM   875  C CG   . ARG A 1 11 ? -0.425  7.455   -7.094 1.00 0.00 ? 11 ARG A CG   4 
ATOM   876  C CD   . ARG A 1 11 ? 0.783   8.189   -6.474 1.00 0.00 ? 11 ARG A CD   4 
ATOM   877  N NE   . ARG A 1 11 ? 1.263   9.316   -7.325 1.00 0.00 ? 11 ARG A NE   4 
ATOM   878  C CZ   . ARG A 1 11 ? 0.668   10.512  -7.443 1.00 0.00 ? 11 ARG A CZ   4 
ATOM   879  N NH1  . ARG A 1 11 ? -0.443  10.855  -6.826 1.00 0.00 ? 11 ARG A NH1  4 
ATOM   880  N NH2  . ARG A 1 11 ? 1.207   11.411  -8.225 1.00 0.00 ? 11 ARG A NH2  4 
ATOM   881  H H    . ARG A 1 11 ? -3.135  5.598   -4.378 1.00 0.00 ? 11 ARG A H    4 
ATOM   882  H HA   . ARG A 1 11 ? -2.816  6.411   -7.273 1.00 0.00 ? 11 ARG A HA   4 
ATOM   883  H HB2  . ARG A 1 11 ? -0.550  6.266   -5.251 1.00 0.00 ? 11 ARG A HB2  4 
ATOM   884  H HB3  . ARG A 1 11 ? -0.227  5.344   -6.687 1.00 0.00 ? 11 ARG A HB3  4 
ATOM   885  H HG2  . ARG A 1 11 ? -0.222  7.177   -8.147 1.00 0.00 ? 11 ARG A HG2  4 
ATOM   886  H HG3  . ARG A 1 11 ? -1.275  8.161   -7.148 1.00 0.00 ? 11 ARG A HG3  4 
ATOM   887  H HD2  . ARG A 1 11 ? 0.532   8.547   -5.454 1.00 0.00 ? 11 ARG A HD2  4 
ATOM   888  H HD3  . ARG A 1 11 ? 1.613   7.472   -6.318 1.00 0.00 ? 11 ARG A HD3  4 
ATOM   889  H HE   . ARG A 1 11 ? 2.110   9.258   -7.891 1.00 0.00 ? 11 ARG A HE   4 
ATOM   890  H HH11 . ARG A 1 11 ? -0.879  10.144  -6.227 1.00 0.00 ? 11 ARG A HH11 4 
ATOM   891  H HH12 . ARG A 1 11 ? -0.810  11.792  -7.018 1.00 0.00 ? 11 ARG A HH12 4 
ATOM   892  H HH21 . ARG A 1 11 ? 2.074   11.212  -8.733 1.00 0.00 ? 11 ARG A HH21 4 
ATOM   893  H HH22 . ARG A 1 11 ? 0.693   12.297  -8.276 1.00 0.00 ? 11 ARG A HH22 4 
HETATM 894  N N    . NH2 A 1 12 ? -3.245  3.948   -7.764 1.00 0.00 ? 12 NH2 A N    4 
HETATM 895  H HN1  . NH2 A 1 12 ? -3.581  4.678   -8.400 1.00 0.00 ? 12 NH2 A HN1  4 
HETATM 896  H HN2  . NH2 A 1 12 ? -3.373  2.937   -7.867 1.00 0.00 ? 12 NH2 A HN2  4 
ATOM   897  N N    . PHE A 1 1  ? -5.412  -10.621 -0.231 1.00 0.00 ? 1  PHE A N    5 
ATOM   898  C CA   . PHE A 1 1  ? -5.027  -9.190  -0.198 1.00 0.00 ? 1  PHE A CA   5 
ATOM   899  C C    . PHE A 1 1  ? -3.553  -9.005  0.284  1.00 0.00 ? 1  PHE A C    5 
ATOM   900  O O    . PHE A 1 1  ? -3.197  -9.412  1.394  1.00 0.00 ? 1  PHE A O    5 
ATOM   901  C CB   . PHE A 1 1  ? -6.092  -8.349  0.578  1.00 0.00 ? 1  PHE A CB   5 
ATOM   902  C CG   . PHE A 1 1  ? -6.044  -8.282  2.125  1.00 0.00 ? 1  PHE A CG   5 
ATOM   903  C CD1  . PHE A 1 1  ? -6.125  -9.443  2.906  1.00 0.00 ? 1  PHE A CD1  5 
ATOM   904  C CD2  . PHE A 1 1  ? -5.907  -7.043  2.762  1.00 0.00 ? 1  PHE A CD2  5 
ATOM   905  C CE1  . PHE A 1 1  ? -6.037  -9.365  4.294  1.00 0.00 ? 1  PHE A CE1  5 
ATOM   906  C CE2  . PHE A 1 1  ? -5.839  -6.968  4.152  1.00 0.00 ? 1  PHE A CE2  5 
ATOM   907  C CZ   . PHE A 1 1  ? -5.895  -8.130  4.915  1.00 0.00 ? 1  PHE A CZ   5 
ATOM   908  H H1   . PHE A 1 1  ? -6.407  -10.719 -0.466 1.00 0.00 ? 1  PHE A H1   5 
ATOM   909  H H2   . PHE A 1 1  ? -5.304  -11.032 0.704  1.00 0.00 ? 1  PHE A H2   5 
ATOM   910  H HA   . PHE A 1 1  ? -5.089  -8.851  -1.252 1.00 0.00 ? 1  PHE A HA   5 
ATOM   911  H HB2  . PHE A 1 1  ? -6.031  -7.319  0.174  1.00 0.00 ? 1  PHE A HB2  5 
ATOM   912  H HB3  . PHE A 1 1  ? -7.108  -8.666  0.278  1.00 0.00 ? 1  PHE A HB3  5 
ATOM   913  H HD1  . PHE A 1 1  ? -6.227  -10.410 2.441  1.00 0.00 ? 1  PHE A HD1  5 
ATOM   914  H HD2  . PHE A 1 1  ? -5.848  -6.131  2.186  1.00 0.00 ? 1  PHE A HD2  5 
ATOM   915  H HE1  . PHE A 1 1  ? -6.072  -10.267 4.889  1.00 0.00 ? 1  PHE A HE1  5 
ATOM   916  H HE2  . PHE A 1 1  ? -5.738  -6.011  4.640  1.00 0.00 ? 1  PHE A HE2  5 
ATOM   917  H HZ   . PHE A 1 1  ? -5.824  -8.067  5.992  1.00 0.00 ? 1  PHE A HZ   5 
ATOM   918  N N    . GLN A 1 2  ? -2.700  -8.361  -0.534 1.00 0.00 ? 2  GLN A N    5 
ATOM   919  C CA   . GLN A 1 2  ? -1.331  -7.954  -0.107 1.00 0.00 ? 2  GLN A CA   5 
ATOM   920  C C    . GLN A 1 2  ? -1.281  -6.423  0.186  1.00 0.00 ? 2  GLN A C    5 
ATOM   921  O O    . GLN A 1 2  ? -1.644  -5.597  -0.661 1.00 0.00 ? 2  GLN A O    5 
ATOM   922  C CB   . GLN A 1 2  ? -0.266  -8.441  -1.131 1.00 0.00 ? 2  GLN A CB   5 
ATOM   923  C CG   . GLN A 1 2  ? -0.176  -7.701  -2.495 1.00 0.00 ? 2  GLN A CG   5 
ATOM   924  C CD   . GLN A 1 2  ? 0.803   -8.329  -3.494 1.00 0.00 ? 2  GLN A CD   5 
ATOM   925  O OE1  . GLN A 1 2  ? 1.925   -8.707  -3.177 1.00 0.00 ? 2  GLN A OE1  5 
ATOM   926  N NE2  . GLN A 1 2  ? 0.425   -8.435  -4.745 1.00 0.00 ? 2  GLN A NE2  5 
ATOM   927  H H    . GLN A 1 2  ? -3.100  -8.040  -1.420 1.00 0.00 ? 2  GLN A H    5 
ATOM   928  H HA   . GLN A 1 2  ? -1.069  -8.489  0.829  1.00 0.00 ? 2  GLN A HA   5 
ATOM   929  H HB2  . GLN A 1 2  ? 0.728   -8.384  -0.646 1.00 0.00 ? 2  GLN A HB2  5 
ATOM   930  H HB3  . GLN A 1 2  ? -0.415  -9.525  -1.306 1.00 0.00 ? 2  GLN A HB3  5 
ATOM   931  H HG2  . GLN A 1 2  ? -1.188  -7.616  -2.932 1.00 0.00 ? 2  GLN A HG2  5 
ATOM   932  H HG3  . GLN A 1 2  ? 0.155   -6.659  -2.327 1.00 0.00 ? 2  GLN A HG3  5 
ATOM   933  H HE21 . GLN A 1 2  ? -0.497  -8.067  -4.988 1.00 0.00 ? 2  GLN A HE21 5 
ATOM   934  H HE22 . GLN A 1 2  ? 1.127   -8.858  -5.358 1.00 0.00 ? 2  GLN A HE22 5 
ATOM   935  N N    . TRP A 1 3  ? -0.794  -6.043  1.375  1.00 0.00 ? 3  TRP A N    5 
ATOM   936  C CA   . TRP A 1 3  ? -0.501  -4.625  1.700  1.00 0.00 ? 3  TRP A CA   5 
ATOM   937  C C    . TRP A 1 3  ? 0.968   -4.277  1.311  1.00 0.00 ? 3  TRP A C    5 
ATOM   938  O O    . TRP A 1 3  ? 1.924   -4.879  1.811  1.00 0.00 ? 3  TRP A O    5 
ATOM   939  C CB   . TRP A 1 3  ? -0.821  -4.372  3.200  1.00 0.00 ? 3  TRP A CB   5 
ATOM   940  C CG   . TRP A 1 3  ? -2.306  -4.174  3.585  1.00 0.00 ? 3  TRP A CG   5 
ATOM   941  C CD1  . TRP A 1 3  ? -3.424  -4.002  2.726  1.00 0.00 ? 3  TRP A CD1  5 
ATOM   942  C CD2  . TRP A 1 3  ? -2.798  -3.947  4.861  1.00 0.00 ? 3  TRP A CD2  5 
ATOM   943  N NE1  . TRP A 1 3  ? -4.590  -3.663  3.435  1.00 0.00 ? 3  TRP A NE1  5 
ATOM   944  C CE2  . TRP A 1 3  ? -4.179  -3.638  4.755  1.00 0.00 ? 3  TRP A CE2  5 
ATOM   945  C CE3  . TRP A 1 3  ? -2.158  -3.932  6.128  1.00 0.00 ? 3  TRP A CE3  5 
ATOM   946  C CZ2  . TRP A 1 3  ? -4.931  -3.332  5.912  1.00 0.00 ? 3  TRP A CZ2  5 
ATOM   947  C CZ3  . TRP A 1 3  ? -2.921  -3.628  7.257  1.00 0.00 ? 3  TRP A CZ3  5 
ATOM   948  C CH2  . TRP A 1 3  ? -4.287  -3.336  7.151  1.00 0.00 ? 3  TRP A CH2  5 
ATOM   949  H H    . TRP A 1 3  ? -0.533  -6.806  2.007  1.00 0.00 ? 3  TRP A H    5 
ATOM   950  H HA   . TRP A 1 3  ? -1.168  -3.957  1.117  1.00 0.00 ? 3  TRP A HA   5 
ATOM   951  H HB2  . TRP A 1 3  ? -0.375  -5.167  3.828  1.00 0.00 ? 3  TRP A HB2  5 
ATOM   952  H HB3  . TRP A 1 3  ? -0.285  -3.459  3.521  1.00 0.00 ? 3  TRP A HB3  5 
ATOM   953  H HD1  . TRP A 1 3  ? -3.386  -4.075  1.647  1.00 0.00 ? 3  TRP A HD1  5 
ATOM   954  H HE1  . TRP A 1 3  ? -5.521  -3.443  3.064  1.00 0.00 ? 3  TRP A HE1  5 
ATOM   955  H HE3  . TRP A 1 3  ? -1.102  -4.144  6.221  1.00 0.00 ? 3  TRP A HE3  5 
ATOM   956  H HZ2  . TRP A 1 3  ? -5.982  -3.097  5.837  1.00 0.00 ? 3  TRP A HZ2  5 
ATOM   957  H HZ3  . TRP A 1 3  ? -2.450  -3.615  8.229  1.00 0.00 ? 3  TRP A HZ3  5 
ATOM   958  H HH2  . TRP A 1 3  ? -4.852  -3.105  8.043  1.00 0.00 ? 3  TRP A HH2  5 
ATOM   959  N N    . GLN A 1 4  ? 1.132   -3.294  0.406  1.00 0.00 ? 4  GLN A N    5 
ATOM   960  C CA   . GLN A 1 4  ? 2.466   -2.860  -0.100 1.00 0.00 ? 4  GLN A CA   5 
ATOM   961  C C    . GLN A 1 4  ? 3.412   -2.287  1.010  1.00 0.00 ? 4  GLN A C    5 
ATOM   962  O O    . GLN A 1 4  ? 2.938   -1.730  2.007  1.00 0.00 ? 4  GLN A O    5 
ATOM   963  C CB   . GLN A 1 4  ? 2.206   -1.813  -1.233 1.00 0.00 ? 4  GLN A CB   5 
ATOM   964  C CG   . GLN A 1 4  ? 3.202   -1.846  -2.422 1.00 0.00 ? 4  GLN A CG   5 
ATOM   965  C CD   . GLN A 1 4  ? 2.950   -2.991  -3.415 1.00 0.00 ? 4  GLN A CD   5 
ATOM   966  O OE1  . GLN A 1 4  ? 1.908   -3.074  -4.056 1.00 0.00 ? 4  GLN A OE1  5 
ATOM   967  N NE2  . GLN A 1 4  ? 3.874   -3.903  -3.593 1.00 0.00 ? 4  GLN A NE2  5 
ATOM   968  H H    . GLN A 1 4  ? 0.262   -2.932  0.007  1.00 0.00 ? 4  GLN A H    5 
ATOM   969  H HA   . GLN A 1 4  ? 2.945   -3.758  -0.541 1.00 0.00 ? 4  GLN A HA   5 
ATOM   970  H HB2  . GLN A 1 4  ? 1.188   -1.908  -1.663 1.00 0.00 ? 4  GLN A HB2  5 
ATOM   971  H HB3  . GLN A 1 4  ? 2.196   -0.792  -0.797 1.00 0.00 ? 4  GLN A HB3  5 
ATOM   972  H HG2  . GLN A 1 4  ? 3.093   -0.908  -2.998 1.00 0.00 ? 4  GLN A HG2  5 
ATOM   973  H HG3  . GLN A 1 4  ? 4.248   -1.832  -2.065 1.00 0.00 ? 4  GLN A HG3  5 
ATOM   974  H HE21 . GLN A 1 4  ? 4.769   -3.780  -3.114 1.00 0.00 ? 4  GLN A HE21 5 
ATOM   975  H HE22 . GLN A 1 4  ? 3.618   -4.612  -4.287 1.00 0.00 ? 4  GLN A HE22 5 
ATOM   976  N N    . ARG A 1 5  ? 4.746   -2.374  0.810  1.00 0.00 ? 5  ARG A N    5 
ATOM   977  C CA   . ARG A 1 5  ? 5.773   -1.824  1.763  1.00 0.00 ? 5  ARG A CA   5 
ATOM   978  C C    . ARG A 1 5  ? 5.505   -0.420  2.426  1.00 0.00 ? 5  ARG A C    5 
ATOM   979  O O    . ARG A 1 5  ? 5.716   -0.231  3.624  1.00 0.00 ? 5  ARG A O    5 
ATOM   980  C CB   . ARG A 1 5  ? 7.173   -1.913  1.077  1.00 0.00 ? 5  ARG A CB   5 
ATOM   981  C CG   . ARG A 1 5  ? 7.487   -0.854  -0.017 1.00 0.00 ? 5  ARG A CG   5 
ATOM   982  C CD   . ARG A 1 5  ? 8.866   -1.005  -0.679 1.00 0.00 ? 5  ARG A CD   5 
ATOM   983  N NE   . ARG A 1 5  ? 9.208   0.280   -1.355 1.00 0.00 ? 5  ARG A NE   5 
ATOM   984  C CZ   . ARG A 1 5  ? 10.418  0.627   -1.789 1.00 0.00 ? 5  ARG A CZ   5 
ATOM   985  N NH1  . ARG A 1 5  ? 11.426  -0.206  -1.863 1.00 0.00 ? 5  ARG A NH1  5 
ATOM   986  N NH2  . ARG A 1 5  ? 10.609  1.860   -2.163 1.00 0.00 ? 5  ARG A NH2  5 
ATOM   987  H H    . ARG A 1 5  ? 5.012   -2.953  0.009  1.00 0.00 ? 5  ARG A H    5 
ATOM   988  H HA   . ARG A 1 5  ? 5.797   -2.532  2.615  1.00 0.00 ? 5  ARG A HA   5 
ATOM   989  H HB2  . ARG A 1 5  ? 7.941   -1.830  1.871  1.00 0.00 ? 5  ARG A HB2  5 
ATOM   990  H HB3  . ARG A 1 5  ? 7.325   -2.933  0.669  1.00 0.00 ? 5  ARG A HB3  5 
ATOM   991  H HG2  . ARG A 1 5  ? 6.696   -0.861  -0.794 1.00 0.00 ? 5  ARG A HG2  5 
ATOM   992  H HG3  . ARG A 1 5  ? 7.420   0.146   0.458  1.00 0.00 ? 5  ARG A HG3  5 
ATOM   993  H HD2  . ARG A 1 5  ? 9.625   -1.261  0.090  1.00 0.00 ? 5  ARG A HD2  5 
ATOM   994  H HD3  . ARG A 1 5  ? 8.851   -1.846  -1.403 1.00 0.00 ? 5  ARG A HD3  5 
ATOM   995  H HE   . ARG A 1 5  ? 8.524   1.040   -1.394 1.00 0.00 ? 5  ARG A HE   5 
ATOM   996  H HH11 . ARG A 1 5  ? 11.197  -1.161  -1.585 1.00 0.00 ? 5  ARG A HH11 5 
ATOM   997  H HH12 . ARG A 1 5  ? 12.320  0.137   -2.218 1.00 0.00 ? 5  ARG A HH12 5 
ATOM   998  H HH21 . ARG A 1 5  ? 9.818   2.501   -2.075 1.00 0.00 ? 5  ARG A HH21 5 
ATOM   999  H HH22 . ARG A 1 5  ? 11.549  2.112   -2.475 1.00 0.00 ? 5  ARG A HH22 5 
ATOM   1000 N N    . ASN A 1 6  ? 5.022   0.539   1.621  1.00 0.00 ? 6  ASN A N    5 
ATOM   1001 C CA   . ASN A 1 6  ? 4.288   1.729   2.104  1.00 0.00 ? 6  ASN A CA   5 
ATOM   1002 C C    . ASN A 1 6  ? 3.007   1.798   1.217  1.00 0.00 ? 6  ASN A C    5 
ATOM   1003 O O    . ASN A 1 6  ? 3.097   2.021   0.004  1.00 0.00 ? 6  ASN A O    5 
ATOM   1004 C CB   . ASN A 1 6  ? 5.150   3.013   1.943  1.00 0.00 ? 6  ASN A CB   5 
ATOM   1005 C CG   . ASN A 1 6  ? 6.171   3.301   3.046  1.00 0.00 ? 6  ASN A CG   5 
ATOM   1006 O OD1  . ASN A 1 6  ? 6.001   4.199   3.861  1.00 0.00 ? 6  ASN A OD1  5 
ATOM   1007 N ND2  . ASN A 1 6  ? 7.264   2.581   3.104  1.00 0.00 ? 6  ASN A ND2  5 
ATOM   1008 H H    . ASN A 1 6  ? 4.747   0.139   0.719  1.00 0.00 ? 6  ASN A H    5 
ATOM   1009 H HA   . ASN A 1 6  ? 3.992   1.618   3.170  1.00 0.00 ? 6  ASN A HA   5 
ATOM   1010 H HB2  . ASN A 1 6  ? 5.651   3.034   0.956  1.00 0.00 ? 6  ASN A HB2  5 
ATOM   1011 H HB3  . ASN A 1 6  ? 4.481   3.894   1.917  1.00 0.00 ? 6  ASN A HB3  5 
ATOM   1012 H HD21 . ASN A 1 6  ? 7.190   1.681   2.622  1.00 0.00 ? 6  ASN A HD21 5 
ATOM   1013 H HD22 . ASN A 1 6  ? 7.818   2.786   3.940  1.00 0.00 ? 6  ASN A HD22 5 
ATOM   1014 N N    . ILE A 1 7  ? 1.814   1.638   1.817  1.00 0.00 ? 7  ILE A N    5 
ATOM   1015 C CA   . ILE A 1 7  ? 0.514   1.881   1.107  1.00 0.00 ? 7  ILE A CA   5 
ATOM   1016 C C    . ILE A 1 7  ? 0.401   3.393   0.695  1.00 0.00 ? 7  ILE A C    5 
ATOM   1017 O O    . ILE A 1 7  ? 0.570   3.715   -0.484 1.00 0.00 ? 7  ILE A O    5 
ATOM   1018 C CB   . ILE A 1 7  ? -0.710  1.340   1.944  1.00 0.00 ? 7  ILE A CB   5 
ATOM   1019 C CG1  . ILE A 1 7  ? -0.696  -0.190  2.234  1.00 0.00 ? 7  ILE A CG1  5 
ATOM   1020 C CG2  . ILE A 1 7  ? -2.093  1.682   1.312  1.00 0.00 ? 7  ILE A CG2  5 
ATOM   1021 C CD1  . ILE A 1 7  ? -1.334  -0.526  3.595  1.00 0.00 ? 7  ILE A CD1  5 
ATOM   1022 H H    . ILE A 1 7  ? 1.872   1.151   2.716  1.00 0.00 ? 7  ILE A H    5 
ATOM   1023 H HA   . ILE A 1 7  ? 0.524   1.305   0.160  1.00 0.00 ? 7  ILE A HA   5 
ATOM   1024 H HB   . ILE A 1 7  ? -0.668  1.863   2.920  1.00 0.00 ? 7  ILE A HB   5 
ATOM   1025 H HG12 . ILE A 1 7  ? -1.213  -0.749  1.428  1.00 0.00 ? 7  ILE A HG12 5 
ATOM   1026 H HG13 . ILE A 1 7  ? 0.332   -0.600  2.225  1.00 0.00 ? 7  ILE A HG13 5 
ATOM   1027 H HG21 . ILE A 1 7  ? -2.193  1.286   0.284  1.00 0.00 ? 7  ILE A HG21 5 
ATOM   1028 H HG22 . ILE A 1 7  ? -2.936  1.270   1.897  1.00 0.00 ? 7  ILE A HG22 5 
ATOM   1029 H HG23 . ILE A 1 7  ? -2.274  2.770   1.259  1.00 0.00 ? 7  ILE A HG23 5 
ATOM   1030 H HD11 . ILE A 1 7  ? -1.578  -1.594  3.673  1.00 0.00 ? 7  ILE A HD11 5 
ATOM   1031 H HD12 . ILE A 1 7  ? -0.656  -0.289  4.436  1.00 0.00 ? 7  ILE A HD12 5 
ATOM   1032 H HD13 . ILE A 1 7  ? -2.282  0.016   3.773  1.00 0.00 ? 7  ILE A HD13 5 
ATOM   1033 N N    . ARG A 1 8  ? 0.107   4.299   1.652  1.00 0.00 ? 8  ARG A N    5 
ATOM   1034 C CA   . ARG A 1 8  ? -0.141  5.753   1.406  1.00 0.00 ? 8  ARG A CA   5 
ATOM   1035 C C    . ARG A 1 8  ? -1.000  6.125   0.140  1.00 0.00 ? 8  ARG A C    5 
ATOM   1036 O O    . ARG A 1 8  ? -0.560  6.871   -0.740 1.00 0.00 ? 8  ARG A O    5 
ATOM   1037 C CB   . ARG A 1 8  ? 1.209   6.518   1.536  1.00 0.00 ? 8  ARG A CB   5 
ATOM   1038 C CG   . ARG A 1 8  ? 1.038   7.988   1.988  1.00 0.00 ? 8  ARG A CG   5 
ATOM   1039 C CD   . ARG A 1 8  ? 2.346   8.798   1.925  1.00 0.00 ? 8  ARG A CD   5 
ATOM   1040 N NE   . ARG A 1 8  ? 2.145   10.152  2.519  1.00 0.00 ? 8  ARG A NE   5 
ATOM   1041 C CZ   . ARG A 1 8  ? 2.318   10.473  3.804  1.00 0.00 ? 8  ARG A CZ   5 
ATOM   1042 N NH1  . ARG A 1 8  ? 2.715   9.623   4.719  1.00 0.00 ? 8  ARG A NH1  5 
ATOM   1043 N NH2  . ARG A 1 8  ? 2.073   11.698  4.173  1.00 0.00 ? 8  ARG A NH2  5 
ATOM   1044 H H    . ARG A 1 8  ? 0.082   3.893   2.593  1.00 0.00 ? 8  ARG A H    5 
ATOM   1045 H HA   . ARG A 1 8  ? -0.763  6.075   2.265  1.00 0.00 ? 8  ARG A HA   5 
ATOM   1046 H HB2  . ARG A 1 8  ? 1.881   6.012   2.260  1.00 0.00 ? 8  ARG A HB2  5 
ATOM   1047 H HB3  . ARG A 1 8  ? 1.748   6.460   0.569  1.00 0.00 ? 8  ARG A HB3  5 
ATOM   1048 H HG2  . ARG A 1 8  ? 0.269   8.489   1.366  1.00 0.00 ? 8  ARG A HG2  5 
ATOM   1049 H HG3  . ARG A 1 8  ? 0.630   7.998   3.018  1.00 0.00 ? 8  ARG A HG3  5 
ATOM   1050 H HD2  . ARG A 1 8  ? 3.190   8.252   2.395  1.00 0.00 ? 8  ARG A HD2  5 
ATOM   1051 H HD3  . ARG A 1 8  ? 2.653   8.905   0.864  1.00 0.00 ? 8  ARG A HD3  5 
ATOM   1052 H HE   . ARG A 1 8  ? 1.830   10.934  1.937  1.00 0.00 ? 8  ARG A HE   5 
ATOM   1053 H HH11 . ARG A 1 8  ? 2.887   8.679   4.365  1.00 0.00 ? 8  ARG A HH11 5 
ATOM   1054 H HH12 . ARG A 1 8  ? 2.829   9.951   5.680  1.00 0.00 ? 8  ARG A HH12 5 
ATOM   1055 H HH21 . ARG A 1 8  ? 1.760   12.349  3.452  1.00 0.00 ? 8  ARG A HH21 5 
ATOM   1056 H HH22 . ARG A 1 8  ? 2.206   11.920  5.162  1.00 0.00 ? 8  ARG A HH22 5 
ATOM   1057 N N    . LYS A 1 9  ? -2.228  5.568   0.057  1.00 0.00 ? 9  LYS A N    5 
ATOM   1058 C CA   . LYS A 1 9  ? -3.119  5.669   -1.144 1.00 0.00 ? 9  LYS A CA   5 
ATOM   1059 C C    . LYS A 1 9  ? -2.569  4.979   -2.457 1.00 0.00 ? 9  LYS A C    5 
ATOM   1060 O O    . LYS A 1 9  ? -2.840  5.440   -3.568 1.00 0.00 ? 9  LYS A O    5 
ATOM   1061 C CB   . LYS A 1 9  ? -3.638  7.127   -1.363 1.00 0.00 ? 9  LYS A CB   5 
ATOM   1062 C CG   . LYS A 1 9  ? -4.412  7.843   -0.221 1.00 0.00 ? 9  LYS A CG   5 
ATOM   1063 C CD   . LYS A 1 9  ? -3.522  8.459   0.882  1.00 0.00 ? 9  LYS A CD   5 
ATOM   1064 C CE   . LYS A 1 9  ? -4.299  9.342   1.867  1.00 0.00 ? 9  LYS A CE   5 
ATOM   1065 N NZ   . LYS A 1 9  ? -3.388  9.845   2.913  1.00 0.00 ? 9  LYS A NZ   5 
ATOM   1066 H H    . LYS A 1 9  ? -2.445  4.928   0.822  1.00 0.00 ? 9  LYS A H    5 
ATOM   1067 H HA   . LYS A 1 9  ? -4.019  5.073   -0.902 1.00 0.00 ? 9  LYS A HA   5 
ATOM   1068 H HB2  . LYS A 1 9  ? -2.795  7.762   -1.694 1.00 0.00 ? 9  LYS A HB2  5 
ATOM   1069 H HB3  . LYS A 1 9  ? -4.316  7.099   -2.236 1.00 0.00 ? 9  LYS A HB3  5 
ATOM   1070 H HG2  . LYS A 1 9  ? -5.012  8.656   -0.676 1.00 0.00 ? 9  LYS A HG2  5 
ATOM   1071 H HG3  . LYS A 1 9  ? -5.157  7.156   0.224  1.00 0.00 ? 9  LYS A HG3  5 
ATOM   1072 H HD2  . LYS A 1 9  ? -3.026  7.650   1.447  1.00 0.00 ? 9  LYS A HD2  5 
ATOM   1073 H HD3  . LYS A 1 9  ? -2.705  9.043   0.413  1.00 0.00 ? 9  LYS A HD3  5 
ATOM   1074 H HE2  . LYS A 1 9  ? -4.771  10.195  1.341  1.00 0.00 ? 9  LYS A HE2  5 
ATOM   1075 H HE3  . LYS A 1 9  ? -5.126  8.774   2.336  1.00 0.00 ? 9  LYS A HE3  5 
ATOM   1076 H HZ1  . LYS A 1 9  ? -2.994  9.069   3.457  1.00 0.00 ? 9  LYS A HZ1  5 
ATOM   1077 H HZ2  . LYS A 1 9  ? -2.585  10.327  2.494  1.00 0.00 ? 9  LYS A HZ2  5 
ATOM   1078 N N    . VAL A 1 10 ? -1.798  3.875   -2.318 1.00 0.00 ? 10 VAL A N    5 
ATOM   1079 C CA   . VAL A 1 10 ? -0.951  3.268   -3.402 1.00 0.00 ? 10 VAL A CA   5 
ATOM   1080 C C    . VAL A 1 10 ? -0.180  4.278   -4.336 1.00 0.00 ? 10 VAL A C    5 
ATOM   1081 O O    . VAL A 1 10 ? -0.414  4.365   -5.545 1.00 0.00 ? 10 VAL A O    5 
ATOM   1082 C CB   . VAL A 1 10 ? -1.662  2.031   -4.061 1.00 0.00 ? 10 VAL A CB   5 
ATOM   1083 C CG1  . VAL A 1 10 ? -2.813  2.367   -5.034 1.00 0.00 ? 10 VAL A CG1  5 
ATOM   1084 C CG2  . VAL A 1 10 ? -0.672  1.073   -4.761 1.00 0.00 ? 10 VAL A CG2  5 
ATOM   1085 H H    . VAL A 1 10 ? -1.554  3.730   -1.330 1.00 0.00 ? 10 VAL A H    5 
ATOM   1086 H HA   . VAL A 1 10 ? -0.126  2.793   -2.834 1.00 0.00 ? 10 VAL A HA   5 
ATOM   1087 H HB   . VAL A 1 10 ? -2.113  1.442   -3.237 1.00 0.00 ? 10 VAL A HB   5 
ATOM   1088 H HG11 . VAL A 1 10 ? -3.578  3.006   -4.555 1.00 0.00 ? 10 VAL A HG11 5 
ATOM   1089 H HG12 . VAL A 1 10 ? -2.457  2.907   -5.931 1.00 0.00 ? 10 VAL A HG12 5 
ATOM   1090 H HG13 . VAL A 1 10 ? -3.333  1.457   -5.387 1.00 0.00 ? 10 VAL A HG13 5 
ATOM   1091 H HG21 . VAL A 1 10 ? -0.166  1.552   -5.621 1.00 0.00 ? 10 VAL A HG21 5 
ATOM   1092 H HG22 . VAL A 1 10 ? 0.119   0.718   -4.073 1.00 0.00 ? 10 VAL A HG22 5 
ATOM   1093 H HG23 . VAL A 1 10 ? -1.177  0.167   -5.148 1.00 0.00 ? 10 VAL A HG23 5 
ATOM   1094 N N    . ARG A 1 11 ? 0.732   5.074   -3.741 1.00 0.00 ? 11 ARG A N    5 
ATOM   1095 C CA   . ARG A 1 11 ? 1.317   6.268   -4.408 1.00 0.00 ? 11 ARG A CA   5 
ATOM   1096 C C    . ARG A 1 11 ? 2.500   5.906   -5.357 1.00 0.00 ? 11 ARG A C    5 
ATOM   1097 O O    . ARG A 1 11 ? 3.647   5.733   -4.946 1.00 0.00 ? 11 ARG A O    5 
ATOM   1098 C CB   . ARG A 1 11 ? 1.688   7.323   -3.310 1.00 0.00 ? 11 ARG A CB   5 
ATOM   1099 C CG   . ARG A 1 11 ? 0.739   8.546   -3.261 1.00 0.00 ? 11 ARG A CG   5 
ATOM   1100 C CD   . ARG A 1 11 ? 1.091   9.609   -4.326 1.00 0.00 ? 11 ARG A CD   5 
ATOM   1101 N NE   . ARG A 1 11 ? -0.099  10.394  -4.747 1.00 0.00 ? 11 ARG A NE   5 
ATOM   1102 C CZ   . ARG A 1 11 ? -0.091  11.336  -5.702 1.00 0.00 ? 11 ARG A CZ   5 
ATOM   1103 N NH1  . ARG A 1 11 ? 0.998   11.786  -6.290 1.00 0.00 ? 11 ARG A NH1  5 
ATOM   1104 N NH2  . ARG A 1 11 ? -1.225  11.857  -6.092 1.00 0.00 ? 11 ARG A NH2  5 
ATOM   1105 H H    . ARG A 1 11 ? 0.774   4.950   -2.722 1.00 0.00 ? 11 ARG A H    5 
ATOM   1106 H HA   . ARG A 1 11 ? 0.525   6.722   -5.043 1.00 0.00 ? 11 ARG A HA   5 
ATOM   1107 H HB2  . ARG A 1 11 ? 1.713   6.860   -2.304 1.00 0.00 ? 11 ARG A HB2  5 
ATOM   1108 H HB3  . ARG A 1 11 ? 2.730   7.677   -3.436 1.00 0.00 ? 11 ARG A HB3  5 
ATOM   1109 H HG2  . ARG A 1 11 ? -0.305  8.180   -3.341 1.00 0.00 ? 11 ARG A HG2  5 
ATOM   1110 H HG3  . ARG A 1 11 ? 0.790   9.006   -2.254 1.00 0.00 ? 11 ARG A HG3  5 
ATOM   1111 H HD2  . ARG A 1 11 ? 1.879   10.278  -3.923 1.00 0.00 ? 11 ARG A HD2  5 
ATOM   1112 H HD3  . ARG A 1 11 ? 1.542   9.126   -5.218 1.00 0.00 ? 11 ARG A HD3  5 
ATOM   1113 H HE   . ARG A 1 11 ? -1.042  10.177  -4.427 1.00 0.00 ? 11 ARG A HE   5 
ATOM   1114 H HH11 . ARG A 1 11 ? 1.890   11.387  -5.985 1.00 0.00 ? 11 ARG A HH11 5 
ATOM   1115 H HH12 . ARG A 1 11 ? 0.872   12.506  -7.008 1.00 0.00 ? 11 ARG A HH12 5 
ATOM   1116 H HH21 . ARG A 1 11 ? -2.112  11.543  -5.690 1.00 0.00 ? 11 ARG A HH21 5 
ATOM   1117 H HH22 . ARG A 1 11 ? -1.137  12.560  -6.834 1.00 0.00 ? 11 ARG A HH22 5 
HETATM 1118 N N    . NH2 A 1 12 ? 2.253   5.791   -6.655 1.00 0.00 ? 12 NH2 A N    5 
HETATM 1119 H HN1  . NH2 A 1 12 ? 1.261   5.724   -6.914 1.00 0.00 ? 12 NH2 A HN1  5 
HETATM 1120 H HN2  . NH2 A 1 12 ? 3.050   5.499   -7.230 1.00 0.00 ? 12 NH2 A HN2  5 
ATOM   1121 N N    . PHE A 1 1  ? -3.578  -8.739  -2.104 1.00 0.00 ? 1  PHE A N    6 
ATOM   1122 C CA   . PHE A 1 1  ? -3.011  -7.420  -2.529 1.00 0.00 ? 1  PHE A CA   6 
ATOM   1123 C C    . PHE A 1 1  ? -1.465  -7.228  -2.343 1.00 0.00 ? 1  PHE A C    6 
ATOM   1124 O O    . PHE A 1 1  ? -0.930  -6.225  -2.821 1.00 0.00 ? 1  PHE A O    6 
ATOM   1125 C CB   . PHE A 1 1  ? -3.792  -6.263  -1.829 1.00 0.00 ? 1  PHE A CB   6 
ATOM   1126 C CG   . PHE A 1 1  ? -5.301  -6.162  -2.127 1.00 0.00 ? 1  PHE A CG   6 
ATOM   1127 C CD1  . PHE A 1 1  ? -5.760  -5.593  -3.319 1.00 0.00 ? 1  PHE A CD1  6 
ATOM   1128 C CD2  . PHE A 1 1  ? -6.228  -6.668  -1.208 1.00 0.00 ? 1  PHE A CD2  6 
ATOM   1129 C CE1  . PHE A 1 1  ? -7.125  -5.543  -3.595 1.00 0.00 ? 1  PHE A CE1  6 
ATOM   1130 C CE2  . PHE A 1 1  ? -7.592  -6.614  -1.483 1.00 0.00 ? 1  PHE A CE2  6 
ATOM   1131 C CZ   . PHE A 1 1  ? -8.040  -6.056  -2.677 1.00 0.00 ? 1  PHE A CZ   6 
ATOM   1132 H H1   . PHE A 1 1  ? -3.041  -9.521  -2.496 1.00 0.00 ? 1  PHE A H1   6 
ATOM   1133 H H2   . PHE A 1 1  ? -3.545  -8.837  -1.083 1.00 0.00 ? 1  PHE A H2   6 
ATOM   1134 H HA   . PHE A 1 1  ? -3.182  -7.330  -3.619 1.00 0.00 ? 1  PHE A HA   6 
ATOM   1135 H HB2  . PHE A 1 1  ? -3.624  -6.315  -0.736 1.00 0.00 ? 1  PHE A HB2  6 
ATOM   1136 H HB3  . PHE A 1 1  ? -3.334  -5.295  -2.111 1.00 0.00 ? 1  PHE A HB3  6 
ATOM   1137 H HD1  . PHE A 1 1  ? -5.059  -5.199  -4.041 1.00 0.00 ? 1  PHE A HD1  6 
ATOM   1138 H HD2  . PHE A 1 1  ? -5.891  -7.116  -0.284 1.00 0.00 ? 1  PHE A HD2  6 
ATOM   1139 H HE1  . PHE A 1 1  ? -7.475  -5.114  -4.523 1.00 0.00 ? 1  PHE A HE1  6 
ATOM   1140 H HE2  . PHE A 1 1  ? -8.301  -7.015  -0.772 1.00 0.00 ? 1  PHE A HE2  6 
ATOM   1141 H HZ   . PHE A 1 1  ? -9.098  -6.026  -2.894 1.00 0.00 ? 1  PHE A HZ   6 
ATOM   1142 N N    . GLN A 1 2  ? -0.748  -8.112  -1.611 1.00 0.00 ? 2  GLN A N    6 
ATOM   1143 C CA   . GLN A 1 2  ? 0.624   -7.836  -1.061 1.00 0.00 ? 2  GLN A CA   6 
ATOM   1144 C C    . GLN A 1 2  ? 0.757   -6.536  -0.182 1.00 0.00 ? 2  GLN A C    6 
ATOM   1145 O O    . GLN A 1 2  ? 1.724   -5.772  -0.266 1.00 0.00 ? 2  GLN A O    6 
ATOM   1146 C CB   . GLN A 1 2  ? 1.727   -8.017  -2.146 1.00 0.00 ? 2  GLN A CB   6 
ATOM   1147 C CG   . GLN A 1 2  ? 1.926   -9.467  -2.678 1.00 0.00 ? 2  GLN A CG   6 
ATOM   1148 C CD   . GLN A 1 2  ? 1.530   -9.683  -4.142 1.00 0.00 ? 2  GLN A CD   6 
ATOM   1149 O OE1  . GLN A 1 2  ? 0.376   -9.918  -4.479 1.00 0.00 ? 2  GLN A OE1  6 
ATOM   1150 N NE2  . GLN A 1 2  ? 2.471   -9.630  -5.056 1.00 0.00 ? 2  GLN A NE2  6 
ATOM   1151 H H    . GLN A 1 2  ? -1.280  -8.955  -1.374 1.00 0.00 ? 2  GLN A H    6 
ATOM   1152 H HA   . GLN A 1 2  ? 0.816   -8.640  -0.325 1.00 0.00 ? 2  GLN A HA   6 
ATOM   1153 H HB2  . GLN A 1 2  ? 1.549   -7.299  -2.973 1.00 0.00 ? 2  GLN A HB2  6 
ATOM   1154 H HB3  . GLN A 1 2  ? 2.695   -7.686  -1.721 1.00 0.00 ? 2  GLN A HB3  6 
ATOM   1155 H HG2  . GLN A 1 2  ? 2.974   -9.785  -2.517 1.00 0.00 ? 2  GLN A HG2  6 
ATOM   1156 H HG3  . GLN A 1 2  ? 1.342   -10.187 -2.077 1.00 0.00 ? 2  GLN A HG3  6 
ATOM   1157 H HE21 . GLN A 1 2  ? 3.420   -9.423  -4.736 1.00 0.00 ? 2  GLN A HE21 6 
ATOM   1158 H HE22 . GLN A 1 2  ? 2.139   -9.791  -6.010 1.00 0.00 ? 2  GLN A HE22 6 
ATOM   1159 N N    . TRP A 1 3  ? -0.220  -6.331  0.719  1.00 0.00 ? 3  TRP A N    6 
ATOM   1160 C CA   . TRP A 1 3  ? -0.317  -5.134  1.598  1.00 0.00 ? 3  TRP A CA   6 
ATOM   1161 C C    . TRP A 1 3  ? 0.581   -5.236  2.872  1.00 0.00 ? 3  TRP A C    6 
ATOM   1162 O O    . TRP A 1 3  ? 0.115   -5.545  3.973  1.00 0.00 ? 3  TRP A O    6 
ATOM   1163 C CB   . TRP A 1 3  ? -1.824  -4.823  1.877  1.00 0.00 ? 3  TRP A CB   6 
ATOM   1164 C CG   . TRP A 1 3  ? -2.802  -5.920  2.359  1.00 0.00 ? 3  TRP A CG   6 
ATOM   1165 C CD1  . TRP A 1 3  ? -2.492  -7.200  2.868  1.00 0.00 ? 3  TRP A CD1  6 
ATOM   1166 C CD2  . TRP A 1 3  ? -4.185  -5.865  2.336  1.00 0.00 ? 3  TRP A CD2  6 
ATOM   1167 N NE1  . TRP A 1 3  ? -3.646  -7.967  3.114  1.00 0.00 ? 3  TRP A NE1  6 
ATOM   1168 C CE2  . TRP A 1 3  ? -4.685  -7.112  2.789  1.00 0.00 ? 3  TRP A CE2  6 
ATOM   1169 C CE3  . TRP A 1 3  ? -5.078  -4.822  1.975  1.00 0.00 ? 3  TRP A CE3  6 
ATOM   1170 C CZ2  . TRP A 1 3  ? -6.080  -7.330  2.873  1.00 0.00 ? 3  TRP A CZ2  6 
ATOM   1171 C CZ3  . TRP A 1 3  ? -6.450  -5.057  2.077  1.00 0.00 ? 3  TRP A CZ3  6 
ATOM   1172 C CH2  . TRP A 1 3  ? -6.945  -6.293  2.517  1.00 0.00 ? 3  TRP A CH2  6 
ATOM   1173 H H    . TRP A 1 3  ? -1.005  -6.982  0.620  1.00 0.00 ? 3  TRP A H    6 
ATOM   1174 H HA   . TRP A 1 3  ? 0.053   -4.260  1.024  1.00 0.00 ? 3  TRP A HA   6 
ATOM   1175 H HB2  . TRP A 1 3  ? -1.887  -3.994  2.606  1.00 0.00 ? 3  TRP A HB2  6 
ATOM   1176 H HB3  . TRP A 1 3  ? -2.246  -4.394  0.948  1.00 0.00 ? 3  TRP A HB3  6 
ATOM   1177 H HD1  . TRP A 1 3  ? -1.479  -7.539  3.038  1.00 0.00 ? 3  TRP A HD1  6 
ATOM   1178 H HE1  . TRP A 1 3  ? -3.713  -8.924  3.480  1.00 0.00 ? 3  TRP A HE1  6 
ATOM   1179 H HE3  . TRP A 1 3  ? -4.706  -3.862  1.645  1.00 0.00 ? 3  TRP A HE3  6 
ATOM   1180 H HZ2  . TRP A 1 3  ? -6.468  -8.278  3.215  1.00 0.00 ? 3  TRP A HZ2  6 
ATOM   1181 H HZ3  . TRP A 1 3  ? -7.145  -4.271  1.815  1.00 0.00 ? 3  TRP A HZ3  6 
ATOM   1182 H HH2  . TRP A 1 3  ? -8.012  -6.444  2.583  1.00 0.00 ? 3  TRP A HH2  6 
ATOM   1183 N N    . GLN A 1 4  ? 1.886   -4.966  2.694  1.00 0.00 ? 4  GLN A N    6 
ATOM   1184 C CA   . GLN A 1 4  ? 2.901   -5.106  3.774  1.00 0.00 ? 4  GLN A CA   6 
ATOM   1185 C C    . GLN A 1 4  ? 3.586   -3.732  4.068  1.00 0.00 ? 4  GLN A C    6 
ATOM   1186 O O    . GLN A 1 4  ? 3.274   -3.124  5.094  1.00 0.00 ? 4  GLN A O    6 
ATOM   1187 C CB   . GLN A 1 4  ? 3.817   -6.306  3.397  1.00 0.00 ? 4  GLN A CB   6 
ATOM   1188 C CG   . GLN A 1 4  ? 4.761   -6.797  4.524  1.00 0.00 ? 4  GLN A CG   6 
ATOM   1189 C CD   . GLN A 1 4  ? 5.558   -8.064  4.172  1.00 0.00 ? 4  GLN A CD   6 
ATOM   1190 O OE1  . GLN A 1 4  ? 5.924   -8.329  3.032  1.00 0.00 ? 4  GLN A OE1  6 
ATOM   1191 N NE2  . GLN A 1 4  ? 5.876   -8.888  5.141  1.00 0.00 ? 4  GLN A NE2  6 
ATOM   1192 H H    . GLN A 1 4  ? 2.144   -4.932  1.698  1.00 0.00 ? 4  GLN A H    6 
ATOM   1193 H HA   . GLN A 1 4  ? 2.405   -5.385  4.726  1.00 0.00 ? 4  GLN A HA   6 
ATOM   1194 H HB2  . GLN A 1 4  ? 3.179   -7.164  3.098  1.00 0.00 ? 4  GLN A HB2  6 
ATOM   1195 H HB3  . GLN A 1 4  ? 4.408   -6.072  2.490  1.00 0.00 ? 4  GLN A HB3  6 
ATOM   1196 H HG2  . GLN A 1 4  ? 5.485   -6.004  4.783  1.00 0.00 ? 4  GLN A HG2  6 
ATOM   1197 H HG3  . GLN A 1 4  ? 4.165   -6.973  5.440  1.00 0.00 ? 4  GLN A HG3  6 
ATOM   1198 H HE21 . GLN A 1 4  ? 5.528   -8.674  6.079  1.00 0.00 ? 4  GLN A HE21 6 
ATOM   1199 H HE22 . GLN A 1 4  ? 6.368   -9.728  4.823  1.00 0.00 ? 4  GLN A HE22 6 
ATOM   1200 N N    . ARG A 1 5  ? 4.491   -3.227  3.201  1.00 0.00 ? 5  ARG A N    6 
ATOM   1201 C CA   . ARG A 1 5  ? 5.105   -1.870  3.363  1.00 0.00 ? 5  ARG A CA   6 
ATOM   1202 C C    . ARG A 1 5  ? 5.234   -1.092  2.002  1.00 0.00 ? 5  ARG A C    6 
ATOM   1203 O O    . ARG A 1 5  ? 6.328   -0.674  1.620  1.00 0.00 ? 5  ARG A O    6 
ATOM   1204 C CB   . ARG A 1 5  ? 6.455   -2.000  4.144  1.00 0.00 ? 5  ARG A CB   6 
ATOM   1205 C CG   . ARG A 1 5  ? 6.312   -2.103  5.681  1.00 0.00 ? 5  ARG A CG   6 
ATOM   1206 C CD   . ARG A 1 5  ? 7.659   -2.243  6.422  1.00 0.00 ? 5  ARG A CD   6 
ATOM   1207 N NE   . ARG A 1 5  ? 7.516   -1.958  7.881  1.00 0.00 ? 5  ARG A NE   6 
ATOM   1208 C CZ   . ARG A 1 5  ? 7.024   -2.791  8.801  1.00 0.00 ? 5  ARG A CZ   6 
ATOM   1209 N NH1  . ARG A 1 5  ? 6.630   -4.012  8.537  1.00 0.00 ? 5  ARG A NH1  6 
ATOM   1210 N NH2  . ARG A 1 5  ? 6.925   -2.365  10.028 1.00 0.00 ? 5  ARG A NH2  6 
ATOM   1211 H H    . ARG A 1 5  ? 4.677   -3.823  2.388  1.00 0.00 ? 5  ARG A H    6 
ATOM   1212 H HA   . ARG A 1 5  ? 4.437   -1.224  3.969  1.00 0.00 ? 5  ARG A HA   6 
ATOM   1213 H HB2  . ARG A 1 5  ? 7.045   -2.849  3.742  1.00 0.00 ? 5  ARG A HB2  6 
ATOM   1214 H HB3  . ARG A 1 5  ? 7.082   -1.111  3.937  1.00 0.00 ? 5  ARG A HB3  6 
ATOM   1215 H HG2  . ARG A 1 5  ? 5.770   -1.206  6.045  1.00 0.00 ? 5  ARG A HG2  6 
ATOM   1216 H HG3  . ARG A 1 5  ? 5.657   -2.954  5.943  1.00 0.00 ? 5  ARG A HG3  6 
ATOM   1217 H HD2  . ARG A 1 5  ? 8.123   -3.232  6.233  1.00 0.00 ? 5  ARG A HD2  6 
ATOM   1218 H HD3  . ARG A 1 5  ? 8.388   -1.520  6.001  1.00 0.00 ? 5  ARG A HD3  6 
ATOM   1219 H HE   . ARG A 1 5  ? 7.779   -1.042  8.256  1.00 0.00 ? 5  ARG A HE   6 
ATOM   1220 H HH11 . ARG A 1 5  ? 6.730   -4.270  7.554  1.00 0.00 ? 5  ARG A HH11 6 
ATOM   1221 H HH12 . ARG A 1 5  ? 6.252   -4.581  9.295  1.00 0.00 ? 5  ARG A HH12 6 
ATOM   1222 H HH21 . ARG A 1 5  ? 7.230   -1.408  10.212 1.00 0.00 ? 5  ARG A HH21 6 
ATOM   1223 H HH22 . ARG A 1 5  ? 6.534   -3.012  10.715 1.00 0.00 ? 5  ARG A HH22 6 
ATOM   1224 N N    . ASN A 1 6  ? 4.106   -0.835  1.305  1.00 0.00 ? 6  ASN A N    6 
ATOM   1225 C CA   . ASN A 1 6  ? 4.049   0.084   0.120  1.00 0.00 ? 6  ASN A CA   6 
ATOM   1226 C C    . ASN A 1 6  ? 2.564   0.510   -0.164 1.00 0.00 ? 6  ASN A C    6 
ATOM   1227 O O    . ASN A 1 6  ? 1.941   0.037   -1.121 1.00 0.00 ? 6  ASN A O    6 
ATOM   1228 C CB   . ASN A 1 6  ? 4.738   -0.533  -1.147 1.00 0.00 ? 6  ASN A CB   6 
ATOM   1229 C CG   . ASN A 1 6  ? 6.202   -0.144  -1.383 1.00 0.00 ? 6  ASN A CG   6 
ATOM   1230 O OD1  . ASN A 1 6  ? 6.656   0.954   -1.081 1.00 0.00 ? 6  ASN A OD1  6 
ATOM   1231 N ND2  . ASN A 1 6  ? 6.978   -1.001  -2.002 1.00 0.00 ? 6  ASN A ND2  6 
ATOM   1232 H H    . ASN A 1 6  ? 3.269   -1.270  1.704  1.00 0.00 ? 6  ASN A H    6 
ATOM   1233 H HA   . ASN A 1 6  ? 4.581   1.024   0.379  1.00 0.00 ? 6  ASN A HA   6 
ATOM   1234 H HB2  . ASN A 1 6  ? 4.612   -1.632  -1.142 1.00 0.00 ? 6  ASN A HB2  6 
ATOM   1235 H HB3  . ASN A 1 6  ? 4.217   -0.204  -2.065 1.00 0.00 ? 6  ASN A HB3  6 
ATOM   1236 H HD21 . ASN A 1 6  ? 6.553   -1.872  -2.326 1.00 0.00 ? 6  ASN A HD21 6 
ATOM   1237 H HD22 . ASN A 1 6  ? 7.923   -0.648  -2.179 1.00 0.00 ? 6  ASN A HD22 6 
ATOM   1238 N N    . ILE A 1 7  ? 1.995   1.420   0.651  1.00 0.00 ? 7  ILE A N    6 
ATOM   1239 C CA   . ILE A 1 7  ? 0.611   1.963   0.444  1.00 0.00 ? 7  ILE A CA   6 
ATOM   1240 C C    . ILE A 1 7  ? 0.702   3.525   0.576  1.00 0.00 ? 7  ILE A C    6 
ATOM   1241 O O    . ILE A 1 7  ? 0.535   4.090   1.662  1.00 0.00 ? 7  ILE A O    6 
ATOM   1242 C CB   . ILE A 1 7  ? -0.438  1.245   1.381  1.00 0.00 ? 7  ILE A CB   6 
ATOM   1243 C CG1  . ILE A 1 7  ? -0.676  -0.263  1.026  1.00 0.00 ? 7  ILE A CG1  6 
ATOM   1244 C CG2  . ILE A 1 7  ? -1.830  1.935   1.417  1.00 0.00 ? 7  ILE A CG2  6 
ATOM   1245 C CD1  . ILE A 1 7  ? -0.395  -1.240  2.177  1.00 0.00 ? 7  ILE A CD1  6 
ATOM   1246 H H    . ILE A 1 7  ? 2.603   1.757   1.402  1.00 0.00 ? 7  ILE A H    6 
ATOM   1247 H HA   . ILE A 1 7  ? 0.269   1.756   -0.592 1.00 0.00 ? 7  ILE A HA   6 
ATOM   1248 H HB   . ILE A 1 7  ? -0.040  1.313   2.413  1.00 0.00 ? 7  ILE A HB   6 
ATOM   1249 H HG12 . ILE A 1 7  ? -1.706  -0.448  0.659  1.00 0.00 ? 7  ILE A HG12 6 
ATOM   1250 H HG13 . ILE A 1 7  ? -0.063  -0.572  0.161  1.00 0.00 ? 7  ILE A HG13 6 
ATOM   1251 H HG21 . ILE A 1 7  ? -2.539  1.392   2.071  1.00 0.00 ? 7  ILE A HG21 6 
ATOM   1252 H HG22 . ILE A 1 7  ? -1.778  2.965   1.814  1.00 0.00 ? 7  ILE A HG22 6 
ATOM   1253 H HG23 . ILE A 1 7  ? -2.293  1.992   0.414  1.00 0.00 ? 7  ILE A HG23 6 
ATOM   1254 H HD11 . ILE A 1 7  ? -1.037  -1.052  3.058  1.00 0.00 ? 7  ILE A HD11 6 
ATOM   1255 H HD12 . ILE A 1 7  ? -0.593  -2.274  1.858  1.00 0.00 ? 7  ILE A HD12 6 
ATOM   1256 H HD13 . ILE A 1 7  ? 0.659   -1.208  2.510  1.00 0.00 ? 7  ILE A HD13 6 
ATOM   1257 N N    . ARG A 1 8  ? 0.960   4.222   -0.548 1.00 0.00 ? 8  ARG A N    6 
ATOM   1258 C CA   . ARG A 1 8  ? 0.941   5.719   -0.616 1.00 0.00 ? 8  ARG A CA   6 
ATOM   1259 C C    . ARG A 1 8  ? 0.238   6.311   -1.900 1.00 0.00 ? 8  ARG A C    6 
ATOM   1260 O O    . ARG A 1 8  ? 0.659   7.346   -2.425 1.00 0.00 ? 8  ARG A O    6 
ATOM   1261 C CB   . ARG A 1 8  ? 2.400   6.255   -0.412 1.00 0.00 ? 8  ARG A CB   6 
ATOM   1262 C CG   . ARG A 1 8  ? 2.779   6.713   1.024  1.00 0.00 ? 8  ARG A CG   6 
ATOM   1263 C CD   . ARG A 1 8  ? 3.740   7.920   0.987  1.00 0.00 ? 8  ARG A CD   6 
ATOM   1264 N NE   . ARG A 1 8  ? 4.391   8.165   2.302  1.00 0.00 ? 8  ARG A NE   6 
ATOM   1265 C CZ   . ARG A 1 8  ? 5.284   9.130   2.538  1.00 0.00 ? 8  ARG A CZ   6 
ATOM   1266 N NH1  . ARG A 1 8  ? 5.567   10.082  1.679  1.00 0.00 ? 8  ARG A NH1  6 
ATOM   1267 N NH2  . ARG A 1 8  ? 5.909   9.133   3.679  1.00 0.00 ? 8  ARG A NH2  6 
ATOM   1268 H H    . ARG A 1 8  ? 1.251   3.635   -1.338 1.00 0.00 ? 8  ARG A H    6 
ATOM   1269 H HA   . ARG A 1 8  ? 0.310   6.116   0.204  1.00 0.00 ? 8  ARG A HA   6 
ATOM   1270 H HB2  . ARG A 1 8  ? 3.148   5.519   -0.769 1.00 0.00 ? 8  ARG A HB2  6 
ATOM   1271 H HB3  . ARG A 1 8  ? 2.576   7.104   -1.100 1.00 0.00 ? 8  ARG A HB3  6 
ATOM   1272 H HG2  . ARG A 1 8  ? 1.878   6.990   1.607  1.00 0.00 ? 8  ARG A HG2  6 
ATOM   1273 H HG3  . ARG A 1 8  ? 3.218   5.854   1.569  1.00 0.00 ? 8  ARG A HG3  6 
ATOM   1274 H HD2  . ARG A 1 8  ? 4.519   7.751   0.214  1.00 0.00 ? 8  ARG A HD2  6 
ATOM   1275 H HD3  . ARG A 1 8  ? 3.170   8.813   0.659  1.00 0.00 ? 8  ARG A HD3  6 
ATOM   1276 H HE   . ARG A 1 8  ? 4.264   7.509   3.079  1.00 0.00 ? 8  ARG A HE   6 
ATOM   1277 H HH11 . ARG A 1 8  ? 5.030   10.036  0.811  1.00 0.00 ? 8  ARG A HH11 6 
ATOM   1278 H HH12 . ARG A 1 8  ? 6.260   10.787  1.935  1.00 0.00 ? 8  ARG A HH12 6 
ATOM   1279 H HH21 . ARG A 1 8  ? 5.699   8.372   4.326  1.00 0.00 ? 8  ARG A HH21 6 
ATOM   1280 H HH22 . ARG A 1 8  ? 6.604   9.869   3.823  1.00 0.00 ? 8  ARG A HH22 6 
ATOM   1281 N N    . LYS A 1 9  ? -0.873  5.719   -2.382 1.00 0.00 ? 9  LYS A N    6 
ATOM   1282 C CA   . LYS A 1 9  ? -1.698  6.304   -3.490 1.00 0.00 ? 9  LYS A CA   6 
ATOM   1283 C C    . LYS A 1 9  ? -3.223  6.263   -3.118 1.00 0.00 ? 9  LYS A C    6 
ATOM   1284 O O    . LYS A 1 9  ? -4.057  5.690   -3.822 1.00 0.00 ? 9  LYS A O    6 
ATOM   1285 C CB   . LYS A 1 9  ? -1.347  5.636   -4.859 1.00 0.00 ? 9  LYS A CB   6 
ATOM   1286 C CG   . LYS A 1 9  ? -0.037  6.111   -5.546 1.00 0.00 ? 9  LYS A CG   6 
ATOM   1287 C CD   . LYS A 1 9  ? 1.216   5.262   -5.229 1.00 0.00 ? 9  LYS A CD   6 
ATOM   1288 C CE   . LYS A 1 9  ? 2.548   5.923   -5.635 1.00 0.00 ? 9  LYS A CE   6 
ATOM   1289 N NZ   . LYS A 1 9  ? 2.817   5.800   -7.082 1.00 0.00 ? 9  LYS A NZ   6 
ATOM   1290 H H    . LYS A 1 9  ? -1.237  4.971   -1.785 1.00 0.00 ? 9  LYS A H    6 
ATOM   1291 H HA   . LYS A 1 9  ? -1.482  7.386   -3.605 1.00 0.00 ? 9  LYS A HA   6 
ATOM   1292 H HB2  . LYS A 1 9  ? -1.376  4.532   -4.777 1.00 0.00 ? 9  LYS A HB2  6 
ATOM   1293 H HB3  . LYS A 1 9  ? -2.166  5.868   -5.567 1.00 0.00 ? 9  LYS A HB3  6 
ATOM   1294 H HG2  . LYS A 1 9  ? -0.185  6.111   -6.643 1.00 0.00 ? 9  LYS A HG2  6 
ATOM   1295 H HG3  . LYS A 1 9  ? 0.149   7.173   -5.293 1.00 0.00 ? 9  LYS A HG3  6 
ATOM   1296 H HD2  . LYS A 1 9  ? 1.260   5.074   -4.143 1.00 0.00 ? 9  LYS A HD2  6 
ATOM   1297 H HD3  . LYS A 1 9  ? 1.121   4.254   -5.677 1.00 0.00 ? 9  LYS A HD3  6 
ATOM   1298 H HE2  . LYS A 1 9  ? 2.563   6.990   -5.336 1.00 0.00 ? 9  LYS A HE2  6 
ATOM   1299 H HE3  . LYS A 1 9  ? 3.383   5.457   -5.076 1.00 0.00 ? 9  LYS A HE3  6 
ATOM   1300 H HZ1  . LYS A 1 9  ? 2.938   4.816   -7.348 1.00 0.00 ? 9  LYS A HZ1  6 
ATOM   1301 H HZ2  . LYS A 1 9  ? 2.012   6.132   -7.627 1.00 0.00 ? 9  LYS A HZ2  6 
ATOM   1302 N N    . VAL A 1 10 ? -3.570  6.901   -1.985 1.00 0.00 ? 10 VAL A N    6 
ATOM   1303 C CA   . VAL A 1 10 ? -4.961  6.939   -1.432 1.00 0.00 ? 10 VAL A CA   6 
ATOM   1304 C C    . VAL A 1 10 ? -5.159  8.184   -0.495 1.00 0.00 ? 10 VAL A C    6 
ATOM   1305 O O    . VAL A 1 10 ? -6.002  9.036   -0.784 1.00 0.00 ? 10 VAL A O    6 
ATOM   1306 C CB   . VAL A 1 10 ? -5.421  5.550   -0.849 1.00 0.00 ? 10 VAL A CB   6 
ATOM   1307 C CG1  . VAL A 1 10 ? -4.588  4.983   0.326  1.00 0.00 ? 10 VAL A CG1  6 
ATOM   1308 C CG2  . VAL A 1 10 ? -6.915  5.522   -0.462 1.00 0.00 ? 10 VAL A CG2  6 
ATOM   1309 H H    . VAL A 1 10 ? -2.745  7.199   -1.454 1.00 0.00 ? 10 VAL A H    6 
ATOM   1310 H HA   . VAL A 1 10 ? -5.636  7.142   -2.288 1.00 0.00 ? 10 VAL A HA   6 
ATOM   1311 H HB   . VAL A 1 10 ? -5.314  4.823   -1.680 1.00 0.00 ? 10 VAL A HB   6 
ATOM   1312 H HG11 . VAL A 1 10 ? -4.713  5.568   1.255  1.00 0.00 ? 10 VAL A HG11 6 
ATOM   1313 H HG12 . VAL A 1 10 ? -4.879  3.942   0.560  1.00 0.00 ? 10 VAL A HG12 6 
ATOM   1314 H HG13 . VAL A 1 10 ? -3.508  4.958   0.089  1.00 0.00 ? 10 VAL A HG13 6 
ATOM   1315 H HG21 . VAL A 1 10 ? -7.560  5.874   -1.290 1.00 0.00 ? 10 VAL A HG21 6 
ATOM   1316 H HG22 . VAL A 1 10 ? -7.256  4.500   -0.212 1.00 0.00 ? 10 VAL A HG22 6 
ATOM   1317 H HG23 . VAL A 1 10 ? -7.134  6.163   0.412  1.00 0.00 ? 10 VAL A HG23 6 
ATOM   1318 N N    . ARG A 1 11 ? -4.385  8.303   0.602  1.00 0.00 ? 11 ARG A N    6 
ATOM   1319 C CA   . ARG A 1 11 ? -4.416  9.487   1.509  1.00 0.00 ? 11 ARG A CA   6 
ATOM   1320 C C    . ARG A 1 11 ? -3.648  10.727  0.944  1.00 0.00 ? 11 ARG A C    6 
ATOM   1321 O O    . ARG A 1 11 ? -4.220  11.808  0.822  1.00 0.00 ? 11 ARG A O    6 
ATOM   1322 C CB   . ARG A 1 11 ? -3.888  9.046   2.904  1.00 0.00 ? 11 ARG A CB   6 
ATOM   1323 C CG   . ARG A 1 11 ? -4.875  8.212   3.769  1.00 0.00 ? 11 ARG A CG   6 
ATOM   1324 C CD   . ARG A 1 11 ? -4.236  6.985   4.467  1.00 0.00 ? 11 ARG A CD   6 
ATOM   1325 N NE   . ARG A 1 11 ? -4.561  6.913   5.918  1.00 0.00 ? 11 ARG A NE   6 
ATOM   1326 C CZ   . ARG A 1 11 ? -4.141  5.950   6.749  1.00 0.00 ? 11 ARG A CZ   6 
ATOM   1327 N NH1  . ARG A 1 11 ? -3.463  4.886   6.369  1.00 0.00 ? 11 ARG A NH1  6 
ATOM   1328 N NH2  . ARG A 1 11 ? -4.408  6.046   8.025  1.00 0.00 ? 11 ARG A NH2  6 
ATOM   1329 H H    . ARG A 1 11 ? -3.793  7.487   0.780  1.00 0.00 ? 11 ARG A H    6 
ATOM   1330 H HA   . ARG A 1 11 ? -5.468  9.815   1.639  1.00 0.00 ? 11 ARG A HA   6 
ATOM   1331 H HB2  . ARG A 1 11 ? -2.918  8.528   2.772  1.00 0.00 ? 11 ARG A HB2  6 
ATOM   1332 H HB3  . ARG A 1 11 ? -3.616  9.945   3.491  1.00 0.00 ? 11 ARG A HB3  6 
ATOM   1333 H HG2  . ARG A 1 11 ? -5.369  8.902   4.482  1.00 0.00 ? 11 ARG A HG2  6 
ATOM   1334 H HG3  . ARG A 1 11 ? -5.718  7.851   3.146  1.00 0.00 ? 11 ARG A HG3  6 
ATOM   1335 H HD2  . ARG A 1 11 ? -4.583  6.065   3.953  1.00 0.00 ? 11 ARG A HD2  6 
ATOM   1336 H HD3  . ARG A 1 11 ? -3.134  6.982   4.342  1.00 0.00 ? 11 ARG A HD3  6 
ATOM   1337 H HE   . ARG A 1 11 ? -5.071  7.650   6.408  1.00 0.00 ? 11 ARG A HE   6 
ATOM   1338 H HH11 . ARG A 1 11 ? -3.260  4.797   5.369  1.00 0.00 ? 11 ARG A HH11 6 
ATOM   1339 H HH12 . ARG A 1 11 ? -3.205  4.219   7.101  1.00 0.00 ? 11 ARG A HH12 6 
ATOM   1340 H HH21 . ARG A 1 11 ? -4.923  6.852   8.394  1.00 0.00 ? 11 ARG A HH21 6 
ATOM   1341 H HH22 . ARG A 1 11 ? -4.049  5.275   8.596  1.00 0.00 ? 11 ARG A HH22 6 
HETATM 1342 N N    . NH2 A 1 12 ? -2.365  10.650  0.600  1.00 0.00 ? 12 NH2 A N    6 
HETATM 1343 H HN1  . NH2 A 1 12 ? -1.935  9.722   0.631  1.00 0.00 ? 12 NH2 A HN1  6 
HETATM 1344 H HN2  . NH2 A 1 12 ? -1.972  11.505  0.191  1.00 0.00 ? 12 NH2 A HN2  6 
ATOM   1345 N N    . PHE A 1 1  ? -4.620  -10.750 0.121  1.00 0.00 ? 1  PHE A N    7 
ATOM   1346 C CA   . PHE A 1 1  ? -3.726  -9.671  -0.374 1.00 0.00 ? 1  PHE A CA   7 
ATOM   1347 C C    . PHE A 1 1  ? -2.341  -9.660  0.345  1.00 0.00 ? 1  PHE A C    7 
ATOM   1348 O O    . PHE A 1 1  ? -2.259  -9.745  1.575  1.00 0.00 ? 1  PHE A O    7 
ATOM   1349 C CB   . PHE A 1 1  ? -4.454  -8.293  -0.352 1.00 0.00 ? 1  PHE A CB   7 
ATOM   1350 C CG   . PHE A 1 1  ? -4.870  -7.708  1.017  1.00 0.00 ? 1  PHE A CG   7 
ATOM   1351 C CD1  . PHE A 1 1  ? -3.956  -6.969  1.775  1.00 0.00 ? 1  PHE A CD1  7 
ATOM   1352 C CD2  . PHE A 1 1  ? -6.159  -7.919  1.515  1.00 0.00 ? 1  PHE A CD2  7 
ATOM   1353 C CE1  . PHE A 1 1  ? -4.320  -6.466  3.023  1.00 0.00 ? 1  PHE A CE1  7 
ATOM   1354 C CE2  . PHE A 1 1  ? -6.525  -7.412  2.760  1.00 0.00 ? 1  PHE A CE2  7 
ATOM   1355 C CZ   . PHE A 1 1  ? -5.603  -6.687  3.513  1.00 0.00 ? 1  PHE A CZ   7 
ATOM   1356 H H1   . PHE A 1 1  ? -4.118  -11.644 0.159  1.00 0.00 ? 1  PHE A H1   7 
ATOM   1357 H H2   . PHE A 1 1  ? -4.888  -10.551 1.092  1.00 0.00 ? 1  PHE A H2   7 
ATOM   1358 H HA   . PHE A 1 1  ? -3.548  -9.907  -1.442 1.00 0.00 ? 1  PHE A HA   7 
ATOM   1359 H HB2  . PHE A 1 1  ? -3.818  -7.551  -0.873 1.00 0.00 ? 1  PHE A HB2  7 
ATOM   1360 H HB3  . PHE A 1 1  ? -5.346  -8.359  -1.005 1.00 0.00 ? 1  PHE A HB3  7 
ATOM   1361 H HD1  . PHE A 1 1  ? -2.955  -6.811  1.407  1.00 0.00 ? 1  PHE A HD1  7 
ATOM   1362 H HD2  . PHE A 1 1  ? -6.878  -8.491  0.943  1.00 0.00 ? 1  PHE A HD2  7 
ATOM   1363 H HE1  . PHE A 1 1  ? -3.603  -5.913  3.614  1.00 0.00 ? 1  PHE A HE1  7 
ATOM   1364 H HE2  . PHE A 1 1  ? -7.520  -7.586  3.143  1.00 0.00 ? 1  PHE A HE2  7 
ATOM   1365 H HZ   . PHE A 1 1  ? -5.884  -6.304  4.484  1.00 0.00 ? 1  PHE A HZ   7 
ATOM   1366 N N    . GLN A 1 2  ? -1.247  -9.500  -0.423 1.00 0.00 ? 2  GLN A N    7 
ATOM   1367 C CA   . GLN A 1 2  ? 0.126   -9.366  0.147  1.00 0.00 ? 2  GLN A CA   7 
ATOM   1368 C C    . GLN A 1 2  ? 0.589   -7.869  0.105  1.00 0.00 ? 2  GLN A C    7 
ATOM   1369 O O    . GLN A 1 2  ? 1.365   -7.455  -0.761 1.00 0.00 ? 2  GLN A O    7 
ATOM   1370 C CB   . GLN A 1 2  ? 1.067   -10.387 -0.574 1.00 0.00 ? 2  GLN A CB   7 
ATOM   1371 C CG   . GLN A 1 2  ? 1.945   -11.228 0.389  1.00 0.00 ? 2  GLN A CG   7 
ATOM   1372 C CD   . GLN A 1 2  ? 2.809   -12.280 -0.317 1.00 0.00 ? 2  GLN A CD   7 
ATOM   1373 O OE1  . GLN A 1 2  ? 3.799   -11.976 -0.972 1.00 0.00 ? 2  GLN A OE1  7 
ATOM   1374 N NE2  . GLN A 1 2  ? 2.478   -13.545 -0.210 1.00 0.00 ? 2  GLN A NE2  7 
ATOM   1375 H H    . GLN A 1 2  ? -1.422  -9.434  -1.431 1.00 0.00 ? 2  GLN A H    7 
ATOM   1376 H HA   . GLN A 1 2  ? 0.114   -9.649  1.220  1.00 0.00 ? 2  GLN A HA   7 
ATOM   1377 H HB2  . GLN A 1 2  ? 0.491   -11.095 -1.203 1.00 0.00 ? 2  GLN A HB2  7 
ATOM   1378 H HB3  . GLN A 1 2  ? 1.720   -9.867  -1.304 1.00 0.00 ? 2  GLN A HB3  7 
ATOM   1379 H HG2  . GLN A 1 2  ? 2.623   -10.564 0.957  1.00 0.00 ? 2  GLN A HG2  7 
ATOM   1380 H HG3  . GLN A 1 2  ? 1.306   -11.709 1.155  1.00 0.00 ? 2  GLN A HG3  7 
ATOM   1381 H HE21 . GLN A 1 2  ? 1.654   -13.772 0.353  1.00 0.00 ? 2  GLN A HE21 7 
ATOM   1382 H HE22 . GLN A 1 2  ? 3.108   -14.184 -0.703 1.00 0.00 ? 2  GLN A HE22 7 
ATOM   1383 N N    . TRP A 1 3  ? 0.094   -7.049  1.054  1.00 0.00 ? 3  TRP A N    7 
ATOM   1384 C CA   . TRP A 1 3  ? 0.470   -5.611  1.161  1.00 0.00 ? 3  TRP A CA   7 
ATOM   1385 C C    . TRP A 1 3  ? 1.565   -5.420  2.248  1.00 0.00 ? 3  TRP A C    7 
ATOM   1386 O O    . TRP A 1 3  ? 1.268   -5.285  3.440  1.00 0.00 ? 3  TRP A O    7 
ATOM   1387 C CB   . TRP A 1 3  ? -0.795  -4.743  1.437  1.00 0.00 ? 3  TRP A CB   7 
ATOM   1388 C CG   . TRP A 1 3  ? -1.643  -4.292  0.231  1.00 0.00 ? 3  TRP A CG   7 
ATOM   1389 C CD1  . TRP A 1 3  ? -1.515  -4.676  -1.127 1.00 0.00 ? 3  TRP A CD1  7 
ATOM   1390 C CD2  . TRP A 1 3  ? -2.602  -3.291  0.235  1.00 0.00 ? 3  TRP A CD2  7 
ATOM   1391 N NE1  . TRP A 1 3  ? -2.356  -3.924  -1.969 1.00 0.00 ? 3  TRP A NE1  7 
ATOM   1392 C CE2  . TRP A 1 3  ? -3.011  -3.065  -1.104 1.00 0.00 ? 3  TRP A CE2  7 
ATOM   1393 C CE3  . TRP A 1 3  ? -3.118  -2.488  1.288  1.00 0.00 ? 3  TRP A CE3  7 
ATOM   1394 C CZ2  . TRP A 1 3  ? -3.914  -2.018  -1.403 1.00 0.00 ? 3  TRP A CZ2  7 
ATOM   1395 C CZ3  . TRP A 1 3  ? -4.018  -1.470  0.968  1.00 0.00 ? 3  TRP A CZ3  7 
ATOM   1396 C CH2  . TRP A 1 3  ? -4.407  -1.235  -0.357 1.00 0.00 ? 3  TRP A CH2  7 
ATOM   1397 H H    . TRP A 1 3  ? -0.557  -7.501  1.708  1.00 0.00 ? 3  TRP A H    7 
ATOM   1398 H HA   . TRP A 1 3  ? 0.897   -5.245  0.203  1.00 0.00 ? 3  TRP A HA   7 
ATOM   1399 H HB2  . TRP A 1 3  ? -1.442  -5.226  2.191  1.00 0.00 ? 3  TRP A HB2  7 
ATOM   1400 H HB3  . TRP A 1 3  ? -0.473  -3.810  1.940  1.00 0.00 ? 3  TRP A HB3  7 
ATOM   1401 H HD1  . TRP A 1 3  ? -0.809  -5.410  -1.489 1.00 0.00 ? 3  TRP A HD1  7 
ATOM   1402 H HE1  . TRP A 1 3  ? -2.404  -3.933  -2.994 1.00 0.00 ? 3  TRP A HE1  7 
ATOM   1403 H HE3  . TRP A 1 3  ? -2.809  -2.645  2.311  1.00 0.00 ? 3  TRP A HE3  7 
ATOM   1404 H HZ2  . TRP A 1 3  ? -4.203  -1.818  -2.424 1.00 0.00 ? 3  TRP A HZ2  7 
ATOM   1405 H HZ3  . TRP A 1 3  ? -4.412  -0.844  1.756  1.00 0.00 ? 3  TRP A HZ3  7 
ATOM   1406 H HH2  . TRP A 1 3  ? -5.090  -0.427  -0.575 1.00 0.00 ? 3  TRP A HH2  7 
ATOM   1407 N N    . GLN A 1 4  ? 2.840   -5.349  1.826  1.00 0.00 ? 4  GLN A N    7 
ATOM   1408 C CA   . GLN A 1 4  ? 3.983   -5.144  2.764  1.00 0.00 ? 4  GLN A CA   7 
ATOM   1409 C C    . GLN A 1 4  ? 4.227   -3.629  3.111  1.00 0.00 ? 4  GLN A C    7 
ATOM   1410 O O    . GLN A 1 4  ? 5.305   -3.080  2.857  1.00 0.00 ? 4  GLN A O    7 
ATOM   1411 C CB   . GLN A 1 4  ? 5.215   -5.869  2.143  1.00 0.00 ? 4  GLN A CB   7 
ATOM   1412 C CG   . GLN A 1 4  ? 6.287   -6.323  3.175  1.00 0.00 ? 4  GLN A CG   7 
ATOM   1413 C CD   . GLN A 1 4  ? 6.340   -7.843  3.395  1.00 0.00 ? 4  GLN A CD   7 
ATOM   1414 O OE1  . GLN A 1 4  ? 5.375   -8.475  3.808  1.00 0.00 ? 4  GLN A OE1  7 
ATOM   1415 N NE2  . GLN A 1 4  ? 7.452   -8.480  3.118  1.00 0.00 ? 4  GLN A NE2  7 
ATOM   1416 H H    . GLN A 1 4  ? 2.977   -5.573  0.834  1.00 0.00 ? 4  GLN A H    7 
ATOM   1417 H HA   . GLN A 1 4  ? 3.753   -5.661  3.721  1.00 0.00 ? 4  GLN A HA   7 
ATOM   1418 H HB2  . GLN A 1 4  ? 4.901   -6.748  1.542  1.00 0.00 ? 4  GLN A HB2  7 
ATOM   1419 H HB3  . GLN A 1 4  ? 5.687   -5.205  1.392  1.00 0.00 ? 4  GLN A HB3  7 
ATOM   1420 H HG2  . GLN A 1 4  ? 7.276   -5.935  2.866  1.00 0.00 ? 4  GLN A HG2  7 
ATOM   1421 H HG3  . GLN A 1 4  ? 6.115   -5.855  4.162  1.00 0.00 ? 4  GLN A HG3  7 
ATOM   1422 H HE21 . GLN A 1 4  ? 8.230   -7.928  2.749  1.00 0.00 ? 4  GLN A HE21 7 
ATOM   1423 H HE22 . GLN A 1 4  ? 7.387   -9.496  3.225  1.00 0.00 ? 4  GLN A HE22 7 
ATOM   1424 N N    . ARG A 1 5  ? 3.213   -2.958  3.702  1.00 0.00 ? 5  ARG A N    7 
ATOM   1425 C CA   . ARG A 1 5  ? 3.242   -1.501  4.067  1.00 0.00 ? 5  ARG A CA   7 
ATOM   1426 C C    . ARG A 1 5  ? 3.824   -0.451  3.041  1.00 0.00 ? 5  ARG A C    7 
ATOM   1427 O O    . ARG A 1 5  ? 4.527   0.491   3.417  1.00 0.00 ? 5  ARG A O    7 
ATOM   1428 C CB   . ARG A 1 5  ? 3.754   -1.350  5.530  1.00 0.00 ? 5  ARG A CB   7 
ATOM   1429 C CG   . ARG A 1 5  ? 5.256   -1.657  5.754  1.00 0.00 ? 5  ARG A CG   7 
ATOM   1430 C CD   . ARG A 1 5  ? 5.762   -1.319  7.167  1.00 0.00 ? 5  ARG A CD   7 
ATOM   1431 N NE   . ARG A 1 5  ? 7.235   -1.114  7.091  1.00 0.00 ? 5  ARG A NE   7 
ATOM   1432 C CZ   . ARG A 1 5  ? 7.993   -0.604  8.058  1.00 0.00 ? 5  ARG A CZ   7 
ATOM   1433 N NH1  . ARG A 1 5  ? 7.575   -0.427  9.286  1.00 0.00 ? 5  ARG A NH1  7 
ATOM   1434 N NH2  . ARG A 1 5  ? 9.214   -0.266  7.764  1.00 0.00 ? 5  ARG A NH2  7 
ATOM   1435 H H    . ARG A 1 5  ? 2.383   -3.550  3.845  1.00 0.00 ? 5  ARG A H    7 
ATOM   1436 H HA   . ARG A 1 5  ? 2.175   -1.207  4.120  1.00 0.00 ? 5  ARG A HA   7 
ATOM   1437 H HB2  . ARG A 1 5  ? 3.548   -0.308  5.846  1.00 0.00 ? 5  ARG A HB2  7 
ATOM   1438 H HB3  . ARG A 1 5  ? 3.136   -1.975  6.204  1.00 0.00 ? 5  ARG A HB3  7 
ATOM   1439 H HG2  . ARG A 1 5  ? 5.458   -2.725  5.540  1.00 0.00 ? 5  ARG A HG2  7 
ATOM   1440 H HG3  . ARG A 1 5  ? 5.827   -1.103  4.981  1.00 0.00 ? 5  ARG A HG3  7 
ATOM   1441 H HD2  . ARG A 1 5  ? 5.260   -0.404  7.543  1.00 0.00 ? 5  ARG A HD2  7 
ATOM   1442 H HD3  . ARG A 1 5  ? 5.500   -2.138  7.869  1.00 0.00 ? 5  ARG A HD3  7 
ATOM   1443 H HE   . ARG A 1 5  ? 7.716   -1.216  6.194  1.00 0.00 ? 5  ARG A HE   7 
ATOM   1444 H HH11 . ARG A 1 5  ? 6.618   -0.746  9.449  1.00 0.00 ? 5  ARG A HH11 7 
ATOM   1445 H HH12 . ARG A 1 5  ? 8.226   -0.041  9.974  1.00 0.00 ? 5  ARG A HH12 7 
ATOM   1446 H HH21 . ARG A 1 5  ? 9.505   -0.387  6.791  1.00 0.00 ? 5  ARG A HH21 7 
ATOM   1447 H HH22 . ARG A 1 5  ? 9.778   0.145   8.511  1.00 0.00 ? 5  ARG A HH22 7 
ATOM   1448 N N    . ASN A 1 6  ? 3.509   -0.612  1.745  1.00 0.00 ? 6  ASN A N    7 
ATOM   1449 C CA   . ASN A 1 6  ? 4.098   0.203   0.643  1.00 0.00 ? 6  ASN A CA   7 
ATOM   1450 C C    . ASN A 1 6  ? 2.996   0.487   -0.425 1.00 0.00 ? 6  ASN A C    7 
ATOM   1451 O O    . ASN A 1 6  ? 2.854   -0.243  -1.410 1.00 0.00 ? 6  ASN A O    7 
ATOM   1452 C CB   . ASN A 1 6  ? 5.341   -0.530  0.053  1.00 0.00 ? 6  ASN A CB   7 
ATOM   1453 C CG   . ASN A 1 6  ? 6.660   -0.258  0.780  1.00 0.00 ? 6  ASN A CG   7 
ATOM   1454 O OD1  . ASN A 1 6  ? 7.312   0.757   0.567  1.00 0.00 ? 6  ASN A OD1  7 
ATOM   1455 N ND2  . ASN A 1 6  ? 7.112   -1.133  1.645  1.00 0.00 ? 6  ASN A ND2  7 
ATOM   1456 H H    . ASN A 1 6  ? 2.930   -1.437  1.570  1.00 0.00 ? 6  ASN A H    7 
ATOM   1457 H HA   . ASN A 1 6  ? 4.436   1.191   1.021  1.00 0.00 ? 6  ASN A HA   7 
ATOM   1458 H HB2  . ASN A 1 6  ? 5.157   -1.618  -0.045 1.00 0.00 ? 6  ASN A HB2  7 
ATOM   1459 H HB3  . ASN A 1 6  ? 5.507   -0.197  -0.989 1.00 0.00 ? 6  ASN A HB3  7 
ATOM   1460 H HD21 . ASN A 1 6  ? 6.454   -1.866  1.951  1.00 0.00 ? 6  ASN A HD21 7 
ATOM   1461 H HD22 . ASN A 1 6  ? 7.977   -0.832  2.099  1.00 0.00 ? 6  ASN A HD22 7 
ATOM   1462 N N    . ILE A 1 7  ? 2.207   1.554   -0.206 1.00 0.00 ? 7  ILE A N    7 
ATOM   1463 C CA   . ILE A 1 7  ? 1.114   1.973   -1.140 1.00 0.00 ? 7  ILE A CA   7 
ATOM   1464 C C    . ILE A 1 7  ? 1.249   3.513   -1.397 1.00 0.00 ? 7  ILE A C    7 
ATOM   1465 O O    . ILE A 1 7  ? 1.616   3.914   -2.503 1.00 0.00 ? 7  ILE A O    7 
ATOM   1466 C CB   . ILE A 1 7  ? -0.335  1.501   -0.712 1.00 0.00 ? 7  ILE A CB   7 
ATOM   1467 C CG1  . ILE A 1 7  ? -0.469  0.006   -0.278 1.00 0.00 ? 7  ILE A CG1  7 
ATOM   1468 C CG2  . ILE A 1 7  ? -1.358  1.756   -1.851 1.00 0.00 ? 7  ILE A CG2  7 
ATOM   1469 C CD1  . ILE A 1 7  ? -0.270  -0.235  1.229  1.00 0.00 ? 7  ILE A CD1  7 
ATOM   1470 H H    . ILE A 1 7  ? 2.360   1.989   0.708  1.00 0.00 ? 7  ILE A H    7 
ATOM   1471 H HA   . ILE A 1 7  ? 1.302   1.511   -2.132 1.00 0.00 ? 7  ILE A HA   7 
ATOM   1472 H HB   . ILE A 1 7  ? -0.663  2.123   0.144  1.00 0.00 ? 7  ILE A HB   7 
ATOM   1473 H HG12 . ILE A 1 7  ? -1.467  -0.401  -0.533 1.00 0.00 ? 7  ILE A HG12 7 
ATOM   1474 H HG13 . ILE A 1 7  ? 0.231   -0.624  -0.861 1.00 0.00 ? 7  ILE A HG13 7 
ATOM   1475 H HG21 . ILE A 1 7  ? -1.366  2.808   -2.189 1.00 0.00 ? 7  ILE A HG21 7 
ATOM   1476 H HG22 . ILE A 1 7  ? -1.149  1.132   -2.742 1.00 0.00 ? 7  ILE A HG22 7 
ATOM   1477 H HG23 . ILE A 1 7  ? -2.393  1.525   -1.533 1.00 0.00 ? 7  ILE A HG23 7 
ATOM   1478 H HD11 . ILE A 1 7  ? -0.291  -1.315  1.465  1.00 0.00 ? 7  ILE A HD11 7 
ATOM   1479 H HD12 . ILE A 1 7  ? 0.691   0.158   1.603  1.00 0.00 ? 7  ILE A HD12 7 
ATOM   1480 H HD13 . ILE A 1 7  ? -1.073  0.240   1.824  1.00 0.00 ? 7  ILE A HD13 7 
ATOM   1481 N N    . ARG A 1 8  ? 0.952   4.377   -0.394 1.00 0.00 ? 8  ARG A N    7 
ATOM   1482 C CA   . ARG A 1 8  ? 1.078   5.870   -0.501 1.00 0.00 ? 8  ARG A CA   7 
ATOM   1483 C C    . ARG A 1 8  ? 0.265   6.583   -1.655 1.00 0.00 ? 8  ARG A C    7 
ATOM   1484 O O    . ARG A 1 8  ? 0.710   7.587   -2.219 1.00 0.00 ? 8  ARG A O    7 
ATOM   1485 C CB   . ARG A 1 8  ? 2.593   6.250   -0.430 1.00 0.00 ? 8  ARG A CB   7 
ATOM   1486 C CG   . ARG A 1 8  ? 2.941   7.675   0.077  1.00 0.00 ? 8  ARG A CG   7 
ATOM   1487 C CD   . ARG A 1 8  ? 3.182   7.767   1.599  1.00 0.00 ? 8  ARG A CD   7 
ATOM   1488 N NE   . ARG A 1 8  ? 3.685   9.119   1.978  1.00 0.00 ? 8  ARG A NE   7 
ATOM   1489 C CZ   . ARG A 1 8  ? 2.945   10.143  2.410  1.00 0.00 ? 8  ARG A CZ   7 
ATOM   1490 N NH1  . ARG A 1 8  ? 1.645   10.089  2.555  1.00 0.00 ? 8  ARG A NH1  7 
ATOM   1491 N NH2  . ARG A 1 8  ? 3.547   11.261  2.700  1.00 0.00 ? 8  ARG A NH2  7 
ATOM   1492 H H    . ARG A 1 8  ? 0.694   3.909   0.480  1.00 0.00 ? 8  ARG A H    7 
ATOM   1493 H HA   . ARG A 1 8  ? 0.619   6.261   0.426  1.00 0.00 ? 8  ARG A HA   7 
ATOM   1494 H HB2  . ARG A 1 8  ? 3.160   5.511   0.172  1.00 0.00 ? 8  ARG A HB2  7 
ATOM   1495 H HB3  . ARG A 1 8  ? 3.013   6.121   -1.447 1.00 0.00 ? 8  ARG A HB3  7 
ATOM   1496 H HG2  . ARG A 1 8  ? 3.859   8.007   -0.449 1.00 0.00 ? 8  ARG A HG2  7 
ATOM   1497 H HG3  . ARG A 1 8  ? 2.169   8.404   -0.242 1.00 0.00 ? 8  ARG A HG3  7 
ATOM   1498 H HD2  . ARG A 1 8  ? 2.287   7.458   2.176  1.00 0.00 ? 8  ARG A HD2  7 
ATOM   1499 H HD3  . ARG A 1 8  ? 3.952   7.021   1.888  1.00 0.00 ? 8  ARG A HD3  7 
ATOM   1500 H HE   . ARG A 1 8  ? 4.686   9.334   1.917  1.00 0.00 ? 8  ARG A HE   7 
ATOM   1501 H HH11 . ARG A 1 8  ? 1.237   9.188   2.304  1.00 0.00 ? 8  ARG A HH11 7 
ATOM   1502 H HH12 . ARG A 1 8  ? 1.155   10.917  2.900  1.00 0.00 ? 8  ARG A HH12 7 
ATOM   1503 H HH21 . ARG A 1 8  ? 4.562   11.288  2.580  1.00 0.00 ? 8  ARG A HH21 7 
ATOM   1504 H HH22 . ARG A 1 8  ? 2.965   12.035  3.027  1.00 0.00 ? 8  ARG A HH22 7 
ATOM   1505 N N    . LYS A 1 9  ? -0.951  6.096   -1.969 1.00 0.00 ? 9  LYS A N    7 
ATOM   1506 C CA   . LYS A 1 9  ? -1.828  6.660   -3.045 1.00 0.00 ? 9  LYS A CA   7 
ATOM   1507 C C    . LYS A 1 9  ? -3.312  6.866   -2.573 1.00 0.00 ? 9  LYS A C    7 
ATOM   1508 O O    . LYS A 1 9  ? -4.266  6.643   -3.325 1.00 0.00 ? 9  LYS A O    7 
ATOM   1509 C CB   . LYS A 1 9  ? -1.688  5.771   -4.323 1.00 0.00 ? 9  LYS A CB   7 
ATOM   1510 C CG   . LYS A 1 9  ? -0.498  6.137   -5.242 1.00 0.00 ? 9  LYS A CG   7 
ATOM   1511 C CD   . LYS A 1 9  ? -0.353  5.165   -6.434 1.00 0.00 ? 9  LYS A CD   7 
ATOM   1512 C CE   . LYS A 1 9  ? 0.819   5.491   -7.378 1.00 0.00 ? 9  LYS A CE   7 
ATOM   1513 N NZ   . LYS A 1 9  ? 0.474   6.554   -8.345 1.00 0.00 ? 9  LYS A NZ   7 
ATOM   1514 H H    . LYS A 1 9  ? -1.231  5.283   -1.412 1.00 0.00 ? 9  LYS A H    7 
ATOM   1515 H HA   . LYS A 1 9  ? -1.499  7.684   -3.313 1.00 0.00 ? 9  LYS A HA   7 
ATOM   1516 H HB2  . LYS A 1 9  ? -1.637  4.700   -4.041 1.00 0.00 ? 9  LYS A HB2  7 
ATOM   1517 H HB3  . LYS A 1 9  ? -2.603  5.841   -4.941 1.00 0.00 ? 9  LYS A HB3  7 
ATOM   1518 H HG2  . LYS A 1 9  ? -0.623  7.171   -5.614 1.00 0.00 ? 9  LYS A HG2  7 
ATOM   1519 H HG3  . LYS A 1 9  ? 0.443   6.143   -4.656 1.00 0.00 ? 9  LYS A HG3  7 
ATOM   1520 H HD2  . LYS A 1 9  ? -0.191  4.146   -6.030 1.00 0.00 ? 9  LYS A HD2  7 
ATOM   1521 H HD3  . LYS A 1 9  ? -1.301  5.092   -7.001 1.00 0.00 ? 9  LYS A HD3  7 
ATOM   1522 H HE2  . LYS A 1 9  ? 1.722   5.778   -6.802 1.00 0.00 ? 9  LYS A HE2  7 
ATOM   1523 H HE3  . LYS A 1 9  ? 1.113   4.582   -7.938 1.00 0.00 ? 9  LYS A HE3  7 
ATOM   1524 H HZ1  . LYS A 1 9  ? -0.232  6.221   -9.012 1.00 0.00 ? 9  LYS A HZ1  7 
ATOM   1525 H HZ2  . LYS A 1 9  ? 0.038   7.349   -7.863 1.00 0.00 ? 9  LYS A HZ2  7 
ATOM   1526 N N    . VAL A 1 10 ? -3.517  7.406   -1.357 1.00 0.00 ? 10 VAL A N    7 
ATOM   1527 C CA   . VAL A 1 10 ? -4.864  7.758   -0.810 1.00 0.00 ? 10 VAL A CA   7 
ATOM   1528 C C    . VAL A 1 10 ? -5.357  9.163   -1.316 1.00 0.00 ? 10 VAL A C    7 
ATOM   1529 O O    . VAL A 1 10 ? -5.528  10.114  -0.548 1.00 0.00 ? 10 VAL A O    7 
ATOM   1530 C CB   . VAL A 1 10 ? -4.870  7.585   0.752  1.00 0.00 ? 10 VAL A CB   7 
ATOM   1531 C CG1  . VAL A 1 10 ? -4.809  6.110   1.211  1.00 0.00 ? 10 VAL A CG1  7 
ATOM   1532 C CG2  . VAL A 1 10 ? -3.813  8.397   1.545  1.00 0.00 ? 10 VAL A CG2  7 
ATOM   1533 H H    . VAL A 1 10 ? -2.685  7.431   -0.767 1.00 0.00 ? 10 VAL A H    7 
ATOM   1534 H HA   . VAL A 1 10 ? -5.611  7.031   -1.193 1.00 0.00 ? 10 VAL A HA   7 
ATOM   1535 H HB   . VAL A 1 10 ? -5.852  7.961   1.086  1.00 0.00 ? 10 VAL A HB   7 
ATOM   1536 H HG11 . VAL A 1 10 ? -5.608  5.501   0.748  1.00 0.00 ? 10 VAL A HG11 7 
ATOM   1537 H HG12 . VAL A 1 10 ? -3.846  5.631   0.953  1.00 0.00 ? 10 VAL A HG12 7 
ATOM   1538 H HG13 . VAL A 1 10 ? -4.936  6.013   2.306  1.00 0.00 ? 10 VAL A HG13 7 
ATOM   1539 H HG21 . VAL A 1 10 ? -4.003  8.358   2.634  1.00 0.00 ? 10 VAL A HG21 7 
ATOM   1540 H HG22 . VAL A 1 10 ? -2.786  8.026   1.381  1.00 0.00 ? 10 VAL A HG22 7 
ATOM   1541 H HG23 . VAL A 1 10 ? -3.823  9.467   1.265  1.00 0.00 ? 10 VAL A HG23 7 
ATOM   1542 N N    . ARG A 1 11 ? -5.576  9.276   -2.638 1.00 0.00 ? 11 ARG A N    7 
ATOM   1543 C CA   . ARG A 1 11 ? -5.866  10.567  -3.312 1.00 0.00 ? 11 ARG A CA   7 
ATOM   1544 C C    . ARG A 1 11 ? -7.331  10.572  -3.834 1.00 0.00 ? 11 ARG A C    7 
ATOM   1545 O O    . ARG A 1 11 ? -7.690  9.882   -4.789 1.00 0.00 ? 11 ARG A O    7 
ATOM   1546 C CB   . ARG A 1 11 ? -4.797  10.764  -4.424 1.00 0.00 ? 11 ARG A CB   7 
ATOM   1547 C CG   . ARG A 1 11 ? -4.787  12.182  -5.052 1.00 0.00 ? 11 ARG A CG   7 
ATOM   1548 C CD   . ARG A 1 11 ? -3.651  12.453  -6.058 1.00 0.00 ? 11 ARG A CD   7 
ATOM   1549 N NE   . ARG A 1 11 ? -2.340  12.623  -5.372 1.00 0.00 ? 11 ARG A NE   7 
ATOM   1550 C CZ   . ARG A 1 11 ? -1.241  13.158  -5.919 1.00 0.00 ? 11 ARG A CZ   7 
ATOM   1551 N NH1  . ARG A 1 11 ? -1.163  13.584  -7.162 1.00 0.00 ? 11 ARG A NH1  7 
ATOM   1552 N NH2  . ARG A 1 11 ? -0.161  13.277  -5.190 1.00 0.00 ? 11 ARG A NH2  7 
ATOM   1553 H H    . ARG A 1 11 ? -5.278  8.430   -3.146 1.00 0.00 ? 11 ARG A H    7 
ATOM   1554 H HA   . ARG A 1 11 ? -5.738  11.408  -2.598 1.00 0.00 ? 11 ARG A HA   7 
ATOM   1555 H HB2  . ARG A 1 11 ? -3.796  10.547  -4.005 1.00 0.00 ? 11 ARG A HB2  7 
ATOM   1556 H HB3  . ARG A 1 11 ? -4.941  10.005  -5.220 1.00 0.00 ? 11 ARG A HB3  7 
ATOM   1557 H HG2  . ARG A 1 11 ? -5.752  12.331  -5.578 1.00 0.00 ? 11 ARG A HG2  7 
ATOM   1558 H HG3  . ARG A 1 11 ? -4.791  12.958  -4.260 1.00 0.00 ? 11 ARG A HG3  7 
ATOM   1559 H HD2  . ARG A 1 11 ? -3.596  11.639  -6.809 1.00 0.00 ? 11 ARG A HD2  7 
ATOM   1560 H HD3  . ARG A 1 11 ? -3.907  13.369  -6.628 1.00 0.00 ? 11 ARG A HD3  7 
ATOM   1561 H HE   . ARG A 1 11 ? -2.200  12.363  -4.394 1.00 0.00 ? 11 ARG A HE   7 
ATOM   1562 H HH11 . ARG A 1 11 ? -2.004  13.493  -7.739 1.00 0.00 ? 11 ARG A HH11 7 
ATOM   1563 H HH12 . ARG A 1 11 ? -0.267  13.981  -7.457 1.00 0.00 ? 11 ARG A HH12 7 
ATOM   1564 H HH21 . ARG A 1 11 ? -0.150  12.965  -4.216 1.00 0.00 ? 11 ARG A HH21 7 
ATOM   1565 H HH22 . ARG A 1 11 ? 0.636   13.700  -5.675 1.00 0.00 ? 11 ARG A HH22 7 
HETATM 1566 N N    . NH2 A 1 12 ? -8.219  11.354  -3.237 1.00 0.00 ? 12 NH2 A N    7 
HETATM 1567 H HN1  . NH2 A 1 12 ? -7.912  11.855  -2.397 1.00 0.00 ? 12 NH2 A HN1  7 
HETATM 1568 H HN2  . NH2 A 1 12 ? -9.176  11.290  -3.600 1.00 0.00 ? 12 NH2 A HN2  7 
# 
